data_1X4G
#
_entry.id   1X4G
#
_entity_poly.entity_id   1
_entity_poly.type   'polypeptide(L)'
_entity_poly.pdbx_seq_one_letter_code
;GSSGSSGNTKQLRFEDVVNQSSPKNCTVYCGGIASGLTDQLMRQTFSPFGQIMEIRVFPEKGYSFVRFSTHESAAHAIVS
VNGTTIEGHVVKCYWGKESPDMTSGPSSG
;
_entity_poly.pdbx_strand_id   A
#
# COMPACT_ATOMS: atom_id res chain seq x y z
N GLY A 1 -18.80 7.39 32.82
CA GLY A 1 -18.57 7.01 31.44
C GLY A 1 -17.86 8.09 30.65
N SER A 2 -17.24 7.71 29.54
CA SER A 2 -16.51 8.66 28.70
C SER A 2 -17.22 8.83 27.36
N SER A 3 -16.83 9.87 26.62
CA SER A 3 -17.43 10.17 25.33
C SER A 3 -16.44 10.91 24.43
N GLY A 4 -16.69 10.86 23.13
CA GLY A 4 -15.81 11.54 22.18
C GLY A 4 -16.16 11.22 20.74
N SER A 5 -17.06 12.00 20.16
CA SER A 5 -17.48 11.79 18.78
C SER A 5 -17.45 13.10 18.00
N SER A 6 -16.70 13.11 16.90
CA SER A 6 -16.58 14.30 16.07
C SER A 6 -15.94 13.97 14.73
N GLY A 7 -16.35 12.84 14.15
CA GLY A 7 -15.79 12.43 12.87
C GLY A 7 -16.87 11.98 11.90
N ASN A 8 -16.56 12.09 10.61
CA ASN A 8 -17.52 11.71 9.57
C ASN A 8 -16.81 11.50 8.23
N THR A 9 -17.04 10.35 7.62
CA THR A 9 -16.42 10.03 6.33
C THR A 9 -14.91 10.00 6.44
N LYS A 10 -14.35 8.80 6.61
CA LYS A 10 -12.91 8.63 6.73
C LYS A 10 -12.44 7.39 5.98
N GLN A 11 -11.14 7.10 6.07
CA GLN A 11 -10.58 5.94 5.39
C GLN A 11 -11.11 5.82 3.97
N LEU A 12 -10.86 4.67 3.35
CA LEU A 12 -11.32 4.43 1.98
C LEU A 12 -12.23 3.20 1.92
N ARG A 13 -13.41 3.37 1.34
CA ARG A 13 -14.37 2.29 1.23
C ARG A 13 -13.82 1.18 0.34
N PHE A 14 -14.03 -0.06 0.74
CA PHE A 14 -13.56 -1.22 -0.01
C PHE A 14 -14.05 -1.16 -1.45
N GLU A 15 -15.29 -0.69 -1.63
CA GLU A 15 -15.87 -0.59 -2.96
C GLU A 15 -15.18 0.49 -3.79
N ASP A 16 -14.65 1.50 -3.10
CA ASP A 16 -13.95 2.59 -3.77
C ASP A 16 -12.52 2.19 -4.12
N VAL A 17 -11.85 1.51 -3.19
CA VAL A 17 -10.48 1.06 -3.39
C VAL A 17 -10.41 -0.01 -4.47
N VAL A 18 -11.37 -0.93 -4.45
CA VAL A 18 -11.42 -2.01 -5.42
C VAL A 18 -11.96 -1.53 -6.76
N ASN A 19 -11.37 -0.45 -7.27
CA ASN A 19 -11.80 0.13 -8.55
C ASN A 19 -10.91 1.29 -8.94
N GLN A 20 -10.43 2.03 -7.94
CA GLN A 20 -9.57 3.18 -8.18
C GLN A 20 -8.65 2.93 -9.37
N SER A 21 -7.99 1.78 -9.37
CA SER A 21 -7.07 1.42 -10.45
C SER A 21 -7.49 0.12 -11.10
N SER A 22 -7.20 -0.02 -12.39
CA SER A 22 -7.55 -1.22 -13.14
C SER A 22 -7.28 -2.47 -12.31
N PRO A 23 -8.11 -3.51 -12.51
CA PRO A 23 -7.99 -4.78 -11.79
C PRO A 23 -6.75 -5.57 -12.22
N LYS A 24 -6.23 -5.25 -13.40
CA LYS A 24 -5.05 -5.91 -13.93
C LYS A 24 -3.81 -5.56 -13.11
N ASN A 25 -3.65 -4.27 -12.81
CA ASN A 25 -2.51 -3.79 -12.05
C ASN A 25 -2.89 -3.62 -10.57
N CYS A 26 -2.52 -4.59 -9.75
CA CYS A 26 -2.82 -4.54 -8.33
C CYS A 26 -1.54 -4.36 -7.51
N THR A 27 -1.32 -3.14 -7.04
CA THR A 27 -0.13 -2.83 -6.24
C THR A 27 -0.51 -2.10 -4.96
N VAL A 28 0.35 -2.22 -3.96
CA VAL A 28 0.11 -1.57 -2.67
C VAL A 28 1.34 -0.78 -2.21
N TYR A 29 1.24 0.54 -2.28
CA TYR A 29 2.34 1.40 -1.88
C TYR A 29 2.25 1.76 -0.40
N CYS A 30 3.13 1.16 0.40
CA CYS A 30 3.15 1.41 1.84
C CYS A 30 4.29 2.34 2.22
N GLY A 31 3.96 3.58 2.55
CA GLY A 31 4.97 4.55 2.94
C GLY A 31 4.76 5.09 4.33
N GLY A 32 5.84 5.15 5.11
CA GLY A 32 5.74 5.65 6.46
C GLY A 32 6.97 5.30 7.29
N ILE A 33 7.29 4.01 7.36
CA ILE A 33 8.43 3.54 8.12
C ILE A 33 9.71 4.25 7.68
N ALA A 34 10.64 4.41 8.62
CA ALA A 34 11.91 5.08 8.33
C ALA A 34 13.07 4.36 9.02
N SER A 35 12.89 4.03 10.29
CA SER A 35 13.92 3.35 11.06
C SER A 35 13.51 1.92 11.37
N GLY A 36 12.62 1.37 10.54
CA GLY A 36 12.16 0.01 10.74
C GLY A 36 11.62 -0.62 9.47
N LEU A 37 12.31 -0.38 8.36
CA LEU A 37 11.88 -0.93 7.07
C LEU A 37 12.66 -2.18 6.73
N THR A 38 11.95 -3.30 6.62
CA THR A 38 12.59 -4.58 6.30
C THR A 38 11.63 -5.48 5.53
N ASP A 39 12.16 -6.20 4.54
CA ASP A 39 11.36 -7.11 3.73
C ASP A 39 10.51 -8.03 4.61
N GLN A 40 11.14 -8.57 5.65
CA GLN A 40 10.45 -9.47 6.58
C GLN A 40 9.27 -8.77 7.23
N LEU A 41 9.40 -7.46 7.42
CA LEU A 41 8.33 -6.67 8.04
C LEU A 41 7.12 -6.57 7.13
N MET A 42 7.32 -6.00 5.94
CA MET A 42 6.24 -5.85 4.97
C MET A 42 5.64 -7.20 4.62
N ARG A 43 6.49 -8.21 4.47
CA ARG A 43 6.04 -9.56 4.13
C ARG A 43 5.12 -10.11 5.21
N GLN A 44 5.56 -9.99 6.47
CA GLN A 44 4.78 -10.49 7.60
C GLN A 44 3.52 -9.64 7.81
N THR A 45 3.65 -8.34 7.55
CA THR A 45 2.53 -7.43 7.70
C THR A 45 1.42 -7.74 6.71
N PHE A 46 1.79 -7.88 5.44
CA PHE A 46 0.82 -8.19 4.39
C PHE A 46 0.63 -9.69 4.23
N SER A 47 1.56 -10.46 4.82
CA SER A 47 1.50 -11.91 4.73
C SER A 47 0.06 -12.40 4.83
N PRO A 48 -0.59 -12.11 5.97
CA PRO A 48 -1.98 -12.51 6.21
C PRO A 48 -2.96 -11.76 5.34
N PHE A 49 -2.84 -10.44 5.29
CA PHE A 49 -3.72 -9.60 4.49
C PHE A 49 -4.00 -10.25 3.15
N GLY A 50 -3.06 -11.07 2.68
CA GLY A 50 -3.24 -11.75 1.41
C GLY A 50 -1.94 -12.30 0.86
N GLN A 51 -1.95 -12.69 -0.41
CA GLN A 51 -0.76 -13.25 -1.04
C GLN A 51 0.13 -12.14 -1.61
N ILE A 52 1.42 -12.23 -1.34
CA ILE A 52 2.36 -11.23 -1.83
C ILE A 52 3.19 -11.78 -2.99
N MET A 53 3.36 -10.97 -4.04
CA MET A 53 4.13 -11.39 -5.21
C MET A 53 5.54 -10.83 -5.15
N GLU A 54 5.64 -9.50 -5.12
CA GLU A 54 6.94 -8.83 -5.07
C GLU A 54 6.97 -7.78 -3.95
N ILE A 55 8.10 -7.70 -3.25
CA ILE A 55 8.26 -6.74 -2.16
C ILE A 55 9.54 -5.94 -2.33
N ARG A 56 9.42 -4.62 -2.20
CA ARG A 56 10.56 -3.73 -2.34
C ARG A 56 10.61 -2.73 -1.18
N VAL A 57 11.60 -2.89 -0.32
CA VAL A 57 11.77 -2.00 0.83
C VAL A 57 12.80 -0.92 0.55
N PHE A 58 12.41 0.33 0.75
CA PHE A 58 13.30 1.46 0.52
C PHE A 58 13.56 2.23 1.81
N PRO A 59 14.51 1.74 2.61
CA PRO A 59 14.88 2.37 3.89
C PRO A 59 15.59 3.70 3.70
N GLU A 60 15.87 4.05 2.44
CA GLU A 60 16.54 5.30 2.14
C GLU A 60 15.54 6.36 1.69
N LYS A 61 14.40 5.92 1.19
CA LYS A 61 13.36 6.83 0.74
C LYS A 61 12.23 6.93 1.76
N GLY A 62 12.02 5.85 2.50
CA GLY A 62 10.97 5.85 3.52
C GLY A 62 9.67 5.27 3.00
N TYR A 63 9.77 4.31 2.09
CA TYR A 63 8.59 3.68 1.52
C TYR A 63 8.90 2.24 1.06
N SER A 64 7.86 1.50 0.70
CA SER A 64 8.02 0.13 0.25
C SER A 64 6.94 -0.24 -0.75
N PHE A 65 7.15 -1.34 -1.47
CA PHE A 65 6.19 -1.80 -2.47
C PHE A 65 5.65 -3.18 -2.10
N VAL A 66 4.42 -3.45 -2.50
CA VAL A 66 3.78 -4.73 -2.22
C VAL A 66 2.65 -5.02 -3.20
N ARG A 67 2.92 -5.88 -4.18
CA ARG A 67 1.93 -6.24 -5.18
C ARG A 67 1.32 -7.61 -4.88
N PHE A 68 -0.01 -7.69 -4.97
CA PHE A 68 -0.71 -8.94 -4.71
C PHE A 68 -1.12 -9.62 -6.01
N SER A 69 -1.48 -10.89 -5.92
CA SER A 69 -1.89 -11.66 -7.09
C SER A 69 -3.29 -11.25 -7.54
N THR A 70 -4.03 -10.62 -6.65
CA THR A 70 -5.38 -10.18 -6.95
C THR A 70 -5.62 -8.74 -6.50
N HIS A 71 -6.70 -8.14 -6.97
CA HIS A 71 -7.04 -6.77 -6.61
C HIS A 71 -7.72 -6.72 -5.24
N GLU A 72 -8.57 -7.71 -4.97
CA GLU A 72 -9.28 -7.77 -3.70
C GLU A 72 -8.31 -7.70 -2.53
N SER A 73 -7.51 -8.76 -2.36
CA SER A 73 -6.54 -8.82 -1.27
C SER A 73 -5.83 -7.49 -1.11
N ALA A 74 -5.36 -6.93 -2.22
CA ALA A 74 -4.66 -5.65 -2.20
C ALA A 74 -5.54 -4.55 -1.62
N ALA A 75 -6.78 -4.49 -2.08
CA ALA A 75 -7.73 -3.48 -1.60
C ALA A 75 -7.95 -3.61 -0.09
N HIS A 76 -8.09 -4.84 0.38
CA HIS A 76 -8.30 -5.10 1.79
C HIS A 76 -7.17 -4.51 2.63
N ALA A 77 -5.95 -4.96 2.36
CA ALA A 77 -4.78 -4.47 3.09
C ALA A 77 -4.66 -2.97 3.00
N ILE A 78 -5.08 -2.41 1.86
CA ILE A 78 -5.02 -0.97 1.65
C ILE A 78 -6.02 -0.24 2.54
N VAL A 79 -7.29 -0.55 2.37
CA VAL A 79 -8.34 0.07 3.17
C VAL A 79 -7.99 0.07 4.65
N SER A 80 -7.30 -0.98 5.09
CA SER A 80 -6.91 -1.10 6.48
C SER A 80 -5.60 -0.36 6.74
N VAL A 81 -4.51 -0.89 6.22
CA VAL A 81 -3.19 -0.27 6.39
C VAL A 81 -3.27 1.23 6.18
N ASN A 82 -4.19 1.67 5.34
CA ASN A 82 -4.36 3.09 5.06
C ASN A 82 -4.75 3.86 6.33
N GLY A 83 -3.75 4.24 7.10
CA GLY A 83 -3.99 4.97 8.33
C GLY A 83 -3.59 4.19 9.56
N THR A 84 -2.67 3.25 9.39
CA THR A 84 -2.20 2.42 10.50
C THR A 84 -0.82 2.87 10.96
N THR A 85 -0.47 2.52 12.19
CA THR A 85 0.83 2.89 12.76
C THR A 85 1.67 1.64 13.04
N ILE A 86 2.75 1.48 12.25
CA ILE A 86 3.63 0.34 12.42
C ILE A 86 4.90 0.73 13.17
N GLU A 87 5.12 0.10 14.32
CA GLU A 87 6.30 0.39 15.14
C GLU A 87 6.29 1.84 15.61
N GLY A 88 5.11 2.46 15.58
CA GLY A 88 4.99 3.84 16.00
C GLY A 88 5.15 4.82 14.85
N HIS A 89 5.08 4.31 13.63
CA HIS A 89 5.23 5.14 12.45
C HIS A 89 4.02 4.99 11.52
N VAL A 90 3.33 6.10 11.27
CA VAL A 90 2.15 6.09 10.40
C VAL A 90 2.53 5.71 8.97
N VAL A 91 1.79 4.77 8.40
CA VAL A 91 2.04 4.32 7.03
C VAL A 91 0.89 4.69 6.11
N LYS A 92 1.17 4.77 4.82
CA LYS A 92 0.16 5.12 3.83
C LYS A 92 0.08 4.05 2.73
N CYS A 93 -1.10 3.48 2.56
CA CYS A 93 -1.31 2.44 1.55
C CYS A 93 -2.00 3.02 0.31
N TYR A 94 -1.32 2.95 -0.82
CA TYR A 94 -1.87 3.47 -2.07
C TYR A 94 -1.80 2.43 -3.18
N TRP A 95 -2.28 2.79 -4.36
CA TRP A 95 -2.26 1.88 -5.50
C TRP A 95 -1.01 2.09 -6.35
N GLY A 96 0.08 1.44 -5.96
CA GLY A 96 1.32 1.57 -6.71
C GLY A 96 1.10 1.58 -8.20
N LYS A 97 1.26 2.74 -8.82
CA LYS A 97 1.08 2.89 -10.26
C LYS A 97 2.43 2.97 -10.96
N GLU A 98 2.56 2.22 -12.05
CA GLU A 98 3.79 2.20 -12.82
C GLU A 98 4.09 3.57 -13.41
N SER A 99 5.32 4.05 -13.23
CA SER A 99 5.72 5.36 -13.73
C SER A 99 5.64 5.40 -15.25
N PRO A 100 5.32 6.59 -15.79
CA PRO A 100 5.20 6.78 -17.24
C PRO A 100 6.55 6.70 -17.95
N ASP A 101 6.77 5.60 -18.66
CA ASP A 101 8.01 5.40 -19.40
C ASP A 101 8.05 6.26 -20.66
N MET A 102 6.99 6.17 -21.46
CA MET A 102 6.90 6.94 -22.70
C MET A 102 5.56 7.66 -22.79
N THR A 103 5.60 8.91 -23.21
CA THR A 103 4.38 9.71 -23.34
C THR A 103 4.60 10.89 -24.29
N SER A 104 5.58 11.73 -23.95
CA SER A 104 5.88 12.90 -24.77
C SER A 104 4.67 13.82 -24.88
N GLY A 105 4.80 15.02 -24.32
CA GLY A 105 3.70 15.98 -24.37
C GLY A 105 3.06 16.19 -23.02
N PRO A 106 3.52 17.24 -22.30
CA PRO A 106 3.00 17.58 -20.97
C PRO A 106 1.57 18.11 -21.02
N SER A 107 1.02 18.42 -19.86
CA SER A 107 -0.34 18.94 -19.77
C SER A 107 -0.57 19.64 -18.44
N SER A 108 -1.73 20.27 -18.31
CA SER A 108 -2.08 20.99 -17.09
C SER A 108 -3.59 21.20 -16.98
N GLY A 109 -4.07 21.41 -15.76
CA GLY A 109 -5.49 21.62 -15.55
C GLY A 109 -5.84 21.74 -14.08
N GLY A 1 -23.33 21.14 23.93
CA GLY A 1 -22.41 20.04 23.71
C GLY A 1 -21.89 19.45 25.01
N SER A 2 -21.23 18.31 24.93
CA SER A 2 -20.70 17.64 26.10
C SER A 2 -19.76 16.50 25.71
N SER A 3 -20.25 15.60 24.87
CA SER A 3 -19.46 14.46 24.42
C SER A 3 -20.27 13.57 23.48
N GLY A 4 -19.59 12.90 22.56
CA GLY A 4 -20.26 12.03 21.62
C GLY A 4 -19.53 11.93 20.30
N SER A 5 -18.36 11.30 20.31
CA SER A 5 -17.56 11.14 19.10
C SER A 5 -16.89 9.77 19.07
N SER A 6 -17.45 8.85 18.30
CA SER A 6 -16.90 7.51 18.18
C SER A 6 -17.40 6.82 16.91
N GLY A 7 -16.68 5.79 16.48
CA GLY A 7 -17.06 5.07 15.28
C GLY A 7 -16.51 5.69 14.02
N ASN A 8 -16.01 4.85 13.12
CA ASN A 8 -15.44 5.33 11.87
C ASN A 8 -14.31 6.33 12.12
N THR A 9 -13.07 5.87 11.96
CA THR A 9 -11.91 6.72 12.17
C THR A 9 -11.07 6.83 10.90
N LYS A 10 -11.47 7.73 10.01
CA LYS A 10 -10.76 7.95 8.76
C LYS A 10 -10.45 6.62 8.08
N GLN A 11 -11.39 6.12 7.29
CA GLN A 11 -11.21 4.86 6.58
C GLN A 11 -11.71 4.97 5.14
N LEU A 12 -11.40 3.96 4.34
CA LEU A 12 -11.82 3.94 2.94
C LEU A 12 -12.72 2.74 2.66
N ARG A 13 -13.75 2.96 1.84
CA ARG A 13 -14.70 1.91 1.50
C ARG A 13 -14.05 0.89 0.56
N PHE A 14 -14.18 -0.39 0.91
CA PHE A 14 -13.60 -1.46 0.11
C PHE A 14 -14.07 -1.36 -1.35
N GLU A 15 -15.32 -0.95 -1.54
CA GLU A 15 -15.88 -0.81 -2.87
C GLU A 15 -15.29 0.40 -3.59
N ASP A 16 -14.69 1.30 -2.82
CA ASP A 16 -14.09 2.50 -3.37
C ASP A 16 -12.61 2.28 -3.67
N VAL A 17 -11.93 1.56 -2.78
CA VAL A 17 -10.51 1.28 -2.96
C VAL A 17 -10.28 0.33 -4.12
N VAL A 18 -11.27 -0.50 -4.42
CA VAL A 18 -11.18 -1.45 -5.52
C VAL A 18 -11.54 -0.80 -6.84
N ASN A 19 -11.75 0.51 -6.82
CA ASN A 19 -12.09 1.26 -8.02
C ASN A 19 -11.02 2.29 -8.35
N GLN A 20 -10.32 2.76 -7.33
CA GLN A 20 -9.26 3.75 -7.51
C GLN A 20 -8.41 3.41 -8.72
N SER A 21 -7.98 2.16 -8.81
CA SER A 21 -7.15 1.71 -9.92
C SER A 21 -7.72 0.45 -10.56
N SER A 22 -7.27 0.13 -11.76
CA SER A 22 -7.74 -1.04 -12.49
C SER A 22 -7.27 -2.32 -11.81
N PRO A 23 -8.03 -3.40 -12.02
CA PRO A 23 -7.71 -4.72 -11.42
C PRO A 23 -6.47 -5.34 -12.05
N LYS A 24 -6.28 -5.11 -13.35
CA LYS A 24 -5.13 -5.65 -14.07
C LYS A 24 -3.83 -5.27 -13.37
N ASN A 25 -3.86 -4.18 -12.62
CA ASN A 25 -2.68 -3.71 -11.90
C ASN A 25 -2.98 -3.56 -10.41
N CYS A 26 -2.51 -4.53 -9.62
CA CYS A 26 -2.72 -4.51 -8.18
C CYS A 26 -1.41 -4.26 -7.44
N THR A 27 -1.23 -3.03 -6.97
CA THR A 27 -0.02 -2.66 -6.25
C THR A 27 -0.36 -1.95 -4.93
N VAL A 28 0.52 -2.11 -3.95
CA VAL A 28 0.31 -1.50 -2.64
C VAL A 28 1.52 -0.67 -2.23
N TYR A 29 1.37 0.65 -2.25
CA TYR A 29 2.45 1.55 -1.89
C TYR A 29 2.40 1.89 -0.40
N CYS A 30 3.33 1.30 0.36
CA CYS A 30 3.39 1.53 1.80
C CYS A 30 4.50 2.52 2.14
N GLY A 31 4.09 3.71 2.60
CA GLY A 31 5.06 4.73 2.95
C GLY A 31 4.86 5.24 4.37
N GLY A 32 5.93 5.21 5.16
CA GLY A 32 5.85 5.69 6.53
C GLY A 32 7.06 5.28 7.35
N ILE A 33 7.39 4.00 7.32
CA ILE A 33 8.53 3.48 8.08
C ILE A 33 9.83 4.11 7.58
N ALA A 34 10.75 4.36 8.52
CA ALA A 34 12.04 4.95 8.18
C ALA A 34 13.18 4.22 8.88
N SER A 35 12.96 3.86 10.14
CA SER A 35 13.97 3.15 10.92
C SER A 35 13.52 1.73 11.24
N GLY A 36 12.63 1.20 10.41
CA GLY A 36 12.13 -0.15 10.61
C GLY A 36 11.55 -0.75 9.35
N LEU A 37 12.13 -0.41 8.21
CA LEU A 37 11.66 -0.92 6.93
C LEU A 37 12.43 -2.18 6.53
N THR A 38 11.78 -3.33 6.66
CA THR A 38 12.40 -4.60 6.31
C THR A 38 11.44 -5.50 5.55
N ASP A 39 11.94 -6.19 4.53
CA ASP A 39 11.13 -7.08 3.72
C ASP A 39 10.33 -8.04 4.60
N GLN A 40 10.87 -8.34 5.77
CA GLN A 40 10.21 -9.25 6.71
C GLN A 40 8.99 -8.58 7.33
N LEU A 41 9.07 -7.27 7.52
CA LEU A 41 7.97 -6.50 8.11
C LEU A 41 6.78 -6.42 7.16
N MET A 42 7.05 -5.96 5.93
CA MET A 42 6.01 -5.84 4.92
C MET A 42 5.38 -7.20 4.61
N ARG A 43 6.23 -8.21 4.46
CA ARG A 43 5.77 -9.56 4.17
C ARG A 43 4.89 -10.10 5.29
N GLN A 44 5.35 -9.90 6.54
CA GLN A 44 4.62 -10.37 7.70
C GLN A 44 3.31 -9.60 7.87
N THR A 45 3.34 -8.30 7.58
CA THR A 45 2.17 -7.45 7.70
C THR A 45 1.12 -7.83 6.65
N PHE A 46 1.56 -7.95 5.41
CA PHE A 46 0.65 -8.31 4.32
C PHE A 46 0.46 -9.82 4.23
N SER A 47 1.38 -10.55 4.85
CA SER A 47 1.32 -12.01 4.85
C SER A 47 -0.13 -12.51 4.91
N PRO A 48 -0.83 -12.14 5.99
CA PRO A 48 -2.23 -12.52 6.20
C PRO A 48 -3.17 -11.81 5.23
N PHE A 49 -2.99 -10.50 5.10
CA PHE A 49 -3.83 -9.71 4.21
C PHE A 49 -3.97 -10.37 2.85
N GLY A 50 -3.03 -11.27 2.54
CA GLY A 50 -3.07 -11.96 1.27
C GLY A 50 -1.69 -12.42 0.82
N GLN A 51 -1.61 -13.00 -0.37
CA GLN A 51 -0.34 -13.49 -0.90
C GLN A 51 0.38 -12.39 -1.67
N ILE A 52 1.68 -12.29 -1.45
CA ILE A 52 2.50 -11.28 -2.13
C ILE A 52 3.33 -11.90 -3.25
N MET A 53 3.57 -11.13 -4.29
CA MET A 53 4.35 -11.60 -5.43
C MET A 53 5.76 -10.99 -5.42
N GLU A 54 5.83 -9.70 -5.08
CA GLU A 54 7.10 -9.00 -5.04
C GLU A 54 7.08 -7.92 -3.97
N ILE A 55 8.20 -7.78 -3.26
CA ILE A 55 8.32 -6.78 -2.20
C ILE A 55 9.58 -5.95 -2.37
N ARG A 56 9.42 -4.63 -2.35
CA ARG A 56 10.56 -3.72 -2.49
C ARG A 56 10.57 -2.68 -1.38
N VAL A 57 11.49 -2.85 -0.43
CA VAL A 57 11.60 -1.92 0.69
C VAL A 57 12.67 -0.88 0.42
N PHE A 58 12.34 0.38 0.66
CA PHE A 58 13.28 1.49 0.45
C PHE A 58 13.46 2.30 1.74
N PRO A 59 14.36 1.80 2.62
CA PRO A 59 14.65 2.46 3.89
C PRO A 59 15.40 3.78 3.70
N GLU A 60 15.77 4.06 2.46
CA GLU A 60 16.50 5.29 2.15
C GLU A 60 15.55 6.39 1.68
N LYS A 61 14.47 5.99 1.03
CA LYS A 61 13.48 6.94 0.53
C LYS A 61 12.33 7.09 1.52
N GLY A 62 12.00 6.00 2.22
CA GLY A 62 10.92 6.04 3.19
C GLY A 62 9.63 5.48 2.65
N TYR A 63 9.74 4.43 1.84
CA TYR A 63 8.57 3.80 1.24
C TYR A 63 8.88 2.38 0.80
N SER A 64 7.83 1.62 0.48
CA SER A 64 8.00 0.24 0.05
C SER A 64 7.02 -0.10 -1.07
N PHE A 65 7.21 -1.26 -1.68
CA PHE A 65 6.34 -1.70 -2.78
C PHE A 65 5.91 -3.15 -2.58
N VAL A 66 4.60 -3.37 -2.61
CA VAL A 66 4.05 -4.71 -2.44
C VAL A 66 2.97 -5.00 -3.47
N ARG A 67 3.29 -5.89 -4.41
CA ARG A 67 2.35 -6.25 -5.47
C ARG A 67 1.66 -7.58 -5.14
N PHE A 68 0.35 -7.53 -5.00
CA PHE A 68 -0.44 -8.72 -4.68
C PHE A 68 -0.86 -9.45 -5.95
N SER A 69 -1.15 -10.73 -5.83
CA SER A 69 -1.57 -11.54 -6.97
C SER A 69 -3.00 -11.22 -7.38
N THR A 70 -3.76 -10.65 -6.43
CA THR A 70 -5.15 -10.29 -6.69
C THR A 70 -5.43 -8.85 -6.29
N HIS A 71 -6.52 -8.29 -6.79
CA HIS A 71 -6.90 -6.92 -6.48
C HIS A 71 -7.64 -6.85 -5.15
N GLU A 72 -8.53 -7.80 -4.91
CA GLU A 72 -9.29 -7.85 -3.67
C GLU A 72 -8.36 -7.83 -2.46
N SER A 73 -7.40 -8.75 -2.45
CA SER A 73 -6.45 -8.84 -1.35
C SER A 73 -5.78 -7.49 -1.09
N ALA A 74 -5.25 -6.89 -2.15
CA ALA A 74 -4.58 -5.59 -2.03
C ALA A 74 -5.50 -4.56 -1.40
N ALA A 75 -6.75 -4.51 -1.87
CA ALA A 75 -7.72 -3.57 -1.34
C ALA A 75 -7.98 -3.83 0.13
N HIS A 76 -7.94 -5.09 0.53
CA HIS A 76 -8.18 -5.47 1.92
C HIS A 76 -7.10 -4.91 2.83
N ALA A 77 -5.86 -4.91 2.34
CA ALA A 77 -4.74 -4.40 3.11
C ALA A 77 -4.71 -2.88 3.11
N ILE A 78 -5.02 -2.29 1.97
CA ILE A 78 -5.03 -0.83 1.82
C ILE A 78 -6.07 -0.21 2.75
N VAL A 79 -7.32 -0.61 2.59
CA VAL A 79 -8.40 -0.09 3.42
C VAL A 79 -8.04 -0.12 4.89
N SER A 80 -7.27 -1.14 5.29
CA SER A 80 -6.85 -1.27 6.68
C SER A 80 -5.54 -0.52 6.92
N VAL A 81 -4.44 -1.08 6.40
CA VAL A 81 -3.14 -0.46 6.57
C VAL A 81 -3.21 1.05 6.38
N ASN A 82 -4.15 1.50 5.55
CA ASN A 82 -4.32 2.92 5.28
C ASN A 82 -4.72 3.66 6.55
N GLY A 83 -3.71 4.18 7.26
CA GLY A 83 -3.98 4.92 8.49
C GLY A 83 -3.49 4.17 9.72
N THR A 84 -2.72 3.11 9.50
CA THR A 84 -2.20 2.31 10.60
C THR A 84 -0.79 2.76 10.99
N THR A 85 -0.39 2.45 12.21
CA THR A 85 0.94 2.82 12.71
C THR A 85 1.79 1.59 12.97
N ILE A 86 2.82 1.40 12.14
CA ILE A 86 3.71 0.26 12.29
C ILE A 86 4.97 0.65 13.07
N GLU A 87 5.12 0.08 14.26
CA GLU A 87 6.28 0.38 15.10
C GLU A 87 6.28 1.84 15.53
N GLY A 88 5.11 2.45 15.58
CA GLY A 88 5.00 3.84 15.98
C GLY A 88 5.20 4.79 14.82
N HIS A 89 5.07 4.28 13.60
CA HIS A 89 5.25 5.09 12.41
C HIS A 89 4.03 4.98 11.50
N VAL A 90 3.41 6.13 11.20
CA VAL A 90 2.23 6.16 10.34
C VAL A 90 2.58 5.76 8.91
N VAL A 91 1.94 4.71 8.43
CA VAL A 91 2.18 4.22 7.07
C VAL A 91 0.99 4.51 6.17
N LYS A 92 1.26 4.79 4.90
CA LYS A 92 0.21 5.07 3.92
C LYS A 92 0.19 4.02 2.83
N CYS A 93 -0.98 3.42 2.62
CA CYS A 93 -1.15 2.39 1.61
C CYS A 93 -1.90 2.94 0.39
N TYR A 94 -1.22 2.98 -0.74
CA TYR A 94 -1.81 3.49 -1.97
C TYR A 94 -1.74 2.45 -3.09
N TRP A 95 -2.25 2.82 -4.26
CA TRP A 95 -2.23 1.91 -5.41
C TRP A 95 -1.02 2.16 -6.29
N GLY A 96 0.09 1.49 -5.97
CA GLY A 96 1.30 1.65 -6.74
C GLY A 96 1.04 1.71 -8.23
N LYS A 97 1.84 2.49 -8.94
CA LYS A 97 1.70 2.63 -10.39
C LYS A 97 2.91 3.34 -10.99
N GLU A 98 3.45 2.76 -12.07
CA GLU A 98 4.60 3.33 -12.74
C GLU A 98 4.24 3.79 -14.15
N SER A 99 4.06 5.10 -14.31
CA SER A 99 3.71 5.67 -15.61
C SER A 99 4.68 5.21 -16.68
N PRO A 100 5.97 5.56 -16.50
CA PRO A 100 7.03 5.19 -17.45
C PRO A 100 7.32 3.70 -17.43
N ASP A 101 6.95 3.00 -18.50
CA ASP A 101 7.18 1.57 -18.62
C ASP A 101 6.83 1.07 -20.02
N MET A 102 7.65 1.44 -20.99
CA MET A 102 7.43 1.02 -22.37
C MET A 102 8.75 0.91 -23.12
N THR A 103 9.30 -0.30 -23.16
CA THR A 103 10.56 -0.55 -23.85
C THR A 103 10.41 -0.38 -25.36
N SER A 104 11.41 0.23 -25.99
CA SER A 104 11.38 0.45 -27.43
C SER A 104 12.79 0.70 -27.96
N GLY A 105 12.88 0.90 -29.27
CA GLY A 105 14.17 1.15 -29.89
C GLY A 105 14.05 1.71 -31.30
N PRO A 106 14.98 2.58 -31.68
CA PRO A 106 15.00 3.20 -33.01
C PRO A 106 15.33 2.21 -34.12
N SER A 107 15.55 0.95 -33.72
CA SER A 107 15.88 -0.10 -34.69
C SER A 107 15.06 0.05 -35.96
N SER A 108 15.63 0.72 -36.95
CA SER A 108 14.95 0.94 -38.22
C SER A 108 15.86 1.68 -39.21
N GLY A 109 16.23 2.90 -38.86
CA GLY A 109 17.09 3.69 -39.72
C GLY A 109 16.33 4.32 -40.88
N GLY A 1 -14.07 26.55 28.58
CA GLY A 1 -12.90 25.89 28.01
C GLY A 1 -13.26 24.59 27.32
N SER A 2 -13.15 24.58 26.00
CA SER A 2 -13.45 23.40 25.21
C SER A 2 -12.74 23.43 23.86
N SER A 3 -11.82 22.49 23.66
CA SER A 3 -11.06 22.42 22.42
C SER A 3 -10.67 20.98 22.11
N GLY A 4 -10.54 20.67 20.81
CA GLY A 4 -10.18 19.32 20.41
C GLY A 4 -11.13 18.75 19.37
N SER A 5 -11.11 19.31 18.17
CA SER A 5 -11.98 18.86 17.09
C SER A 5 -11.25 18.87 15.76
N SER A 6 -10.53 17.79 15.47
CA SER A 6 -9.79 17.68 14.22
C SER A 6 -9.69 16.22 13.77
N GLY A 7 -9.34 16.03 12.50
CA GLY A 7 -9.22 14.68 11.97
C GLY A 7 -7.85 14.09 12.18
N ASN A 8 -7.76 12.77 12.18
CA ASN A 8 -6.49 12.09 12.38
C ASN A 8 -6.54 10.68 11.78
N THR A 9 -7.54 9.91 12.17
CA THR A 9 -7.69 8.54 11.67
C THR A 9 -8.85 8.44 10.68
N LYS A 10 -8.53 8.17 9.43
CA LYS A 10 -9.54 8.05 8.39
C LYS A 10 -9.43 6.70 7.68
N GLN A 11 -10.50 6.30 7.01
CA GLN A 11 -10.53 5.04 6.28
C GLN A 11 -11.24 5.19 4.94
N LEU A 12 -10.88 4.34 3.99
CA LEU A 12 -11.47 4.37 2.66
C LEU A 12 -12.46 3.22 2.47
N ARG A 13 -13.47 3.44 1.64
CA ARG A 13 -14.47 2.42 1.36
C ARG A 13 -13.93 1.35 0.43
N PHE A 14 -14.07 0.08 0.82
CA PHE A 14 -13.59 -1.03 0.02
C PHE A 14 -14.04 -0.88 -1.44
N GLU A 15 -15.27 -0.42 -1.63
CA GLU A 15 -15.82 -0.25 -2.97
C GLU A 15 -15.10 0.88 -3.70
N ASP A 16 -14.56 1.83 -2.93
CA ASP A 16 -13.84 2.95 -3.52
C ASP A 16 -12.39 2.59 -3.80
N VAL A 17 -11.86 1.63 -3.05
CA VAL A 17 -10.49 1.18 -3.23
C VAL A 17 -10.38 0.16 -4.35
N VAL A 18 -11.38 -0.71 -4.46
CA VAL A 18 -11.40 -1.74 -5.50
C VAL A 18 -11.82 -1.15 -6.84
N ASN A 19 -11.21 -0.02 -7.20
CA ASN A 19 -11.51 0.64 -8.46
C ASN A 19 -10.49 1.74 -8.75
N GLN A 20 -10.07 2.44 -7.71
CA GLN A 20 -9.09 3.51 -7.85
C GLN A 20 -8.07 3.18 -8.95
N SER A 21 -7.63 1.93 -8.97
CA SER A 21 -6.66 1.48 -9.96
C SER A 21 -7.18 0.28 -10.74
N SER A 22 -6.82 0.20 -12.01
CA SER A 22 -7.25 -0.89 -12.88
C SER A 22 -7.34 -2.19 -12.09
N PRO A 23 -8.23 -3.09 -12.51
CA PRO A 23 -8.43 -4.39 -11.87
C PRO A 23 -7.25 -5.33 -12.07
N LYS A 24 -6.62 -5.22 -13.23
CA LYS A 24 -5.47 -6.06 -13.56
C LYS A 24 -4.24 -5.63 -12.76
N ASN A 25 -3.96 -4.33 -12.77
CA ASN A 25 -2.81 -3.80 -12.05
C ASN A 25 -3.12 -3.67 -10.56
N CYS A 26 -2.61 -4.60 -9.77
CA CYS A 26 -2.84 -4.59 -8.33
C CYS A 26 -1.53 -4.34 -7.58
N THR A 27 -1.35 -3.10 -7.10
CA THR A 27 -0.15 -2.74 -6.36
C THR A 27 -0.49 -2.04 -5.05
N VAL A 28 0.39 -2.17 -4.07
CA VAL A 28 0.18 -1.56 -2.76
C VAL A 28 1.38 -0.72 -2.35
N TYR A 29 1.21 0.60 -2.37
CA TYR A 29 2.28 1.52 -2.00
C TYR A 29 2.26 1.80 -0.51
N CYS A 30 3.25 1.25 0.20
CA CYS A 30 3.34 1.44 1.64
C CYS A 30 4.44 2.44 1.98
N GLY A 31 4.04 3.56 2.57
CA GLY A 31 5.00 4.60 2.94
C GLY A 31 4.78 5.12 4.35
N GLY A 32 5.83 5.09 5.16
CA GLY A 32 5.73 5.57 6.53
C GLY A 32 6.94 5.21 7.37
N ILE A 33 7.29 3.93 7.35
CA ILE A 33 8.44 3.45 8.12
C ILE A 33 9.73 4.07 7.61
N ALA A 34 10.66 4.34 8.54
CA ALA A 34 11.94 4.93 8.19
C ALA A 34 13.07 4.33 9.00
N SER A 35 12.79 4.06 10.28
CA SER A 35 13.79 3.47 11.17
C SER A 35 13.44 2.03 11.51
N GLY A 36 12.68 1.40 10.63
CA GLY A 36 12.28 0.02 10.85
C GLY A 36 11.71 -0.63 9.61
N LEU A 37 12.29 -0.31 8.46
CA LEU A 37 11.83 -0.86 7.18
C LEU A 37 12.60 -2.14 6.84
N THR A 38 11.87 -3.24 6.73
CA THR A 38 12.49 -4.53 6.41
C THR A 38 11.53 -5.41 5.61
N ASP A 39 12.06 -6.09 4.60
CA ASP A 39 11.26 -6.97 3.76
C ASP A 39 10.38 -7.89 4.61
N GLN A 40 10.99 -8.48 5.63
CA GLN A 40 10.26 -9.39 6.53
C GLN A 40 9.07 -8.68 7.16
N LEU A 41 9.23 -7.39 7.43
CA LEU A 41 8.15 -6.61 8.04
C LEU A 41 6.96 -6.49 7.10
N MET A 42 7.20 -5.96 5.90
CA MET A 42 6.14 -5.80 4.91
C MET A 42 5.54 -7.15 4.55
N ARG A 43 6.38 -8.18 4.49
CA ARG A 43 5.92 -9.51 4.14
C ARG A 43 5.02 -10.08 5.23
N GLN A 44 5.40 -9.86 6.48
CA GLN A 44 4.62 -10.36 7.61
C GLN A 44 3.35 -9.54 7.79
N THR A 45 3.44 -8.23 7.53
CA THR A 45 2.30 -7.34 7.66
C THR A 45 1.25 -7.63 6.58
N PHE A 46 1.72 -7.93 5.38
CA PHE A 46 0.82 -8.22 4.27
C PHE A 46 0.60 -9.74 4.13
N SER A 47 1.48 -10.51 4.74
CA SER A 47 1.38 -11.96 4.68
C SER A 47 -0.07 -12.41 4.73
N PRO A 48 -0.76 -12.08 5.84
CA PRO A 48 -2.17 -12.44 6.03
C PRO A 48 -3.09 -11.66 5.10
N PHE A 49 -2.94 -10.34 5.08
CA PHE A 49 -3.77 -9.49 4.23
C PHE A 49 -3.98 -10.13 2.86
N GLY A 50 -3.00 -10.91 2.42
CA GLY A 50 -3.11 -11.57 1.13
C GLY A 50 -1.79 -12.16 0.68
N GLN A 51 -1.75 -12.67 -0.55
CA GLN A 51 -0.55 -13.27 -1.10
C GLN A 51 0.35 -12.20 -1.73
N ILE A 52 1.61 -12.18 -1.33
CA ILE A 52 2.56 -11.22 -1.86
C ILE A 52 3.44 -11.84 -2.94
N MET A 53 3.53 -11.16 -4.09
CA MET A 53 4.33 -11.66 -5.20
C MET A 53 5.74 -11.08 -5.15
N GLU A 54 5.83 -9.78 -4.93
CA GLU A 54 7.12 -9.10 -4.86
C GLU A 54 7.10 -7.98 -3.83
N ILE A 55 8.18 -7.83 -3.09
CA ILE A 55 8.29 -6.80 -2.07
C ILE A 55 9.57 -5.99 -2.23
N ARG A 56 9.43 -4.66 -2.26
CA ARG A 56 10.57 -3.77 -2.41
C ARG A 56 10.59 -2.72 -1.30
N VAL A 57 11.51 -2.90 -0.36
CA VAL A 57 11.64 -1.97 0.76
C VAL A 57 12.73 -0.95 0.50
N PHE A 58 12.41 0.32 0.71
CA PHE A 58 13.37 1.40 0.50
C PHE A 58 13.59 2.19 1.79
N PRO A 59 14.49 1.67 2.65
CA PRO A 59 14.82 2.30 3.92
C PRO A 59 15.60 3.60 3.74
N GLU A 60 15.90 3.93 2.49
CA GLU A 60 16.64 5.15 2.17
C GLU A 60 15.70 6.32 1.93
N LYS A 61 14.54 6.02 1.34
CA LYS A 61 13.54 7.05 1.05
C LYS A 61 12.41 7.02 2.06
N GLY A 62 12.13 5.83 2.60
CA GLY A 62 11.07 5.69 3.59
C GLY A 62 9.77 5.19 2.98
N TYR A 63 9.89 4.20 2.09
CA TYR A 63 8.72 3.63 1.44
C TYR A 63 8.98 2.19 1.02
N SER A 64 7.92 1.49 0.63
CA SER A 64 8.03 0.10 0.21
C SER A 64 6.98 -0.23 -0.84
N PHE A 65 7.18 -1.34 -1.54
CA PHE A 65 6.24 -1.77 -2.58
C PHE A 65 5.78 -3.21 -2.34
N VAL A 66 4.52 -3.48 -2.68
CA VAL A 66 3.95 -4.81 -2.50
C VAL A 66 2.88 -5.09 -3.54
N ARG A 67 3.16 -6.04 -4.43
CA ARG A 67 2.21 -6.41 -5.48
C ARG A 67 1.50 -7.70 -5.13
N PHE A 68 0.17 -7.63 -5.05
CA PHE A 68 -0.64 -8.80 -4.72
C PHE A 68 -1.06 -9.55 -5.99
N SER A 69 -1.51 -10.79 -5.81
CA SER A 69 -1.94 -11.61 -6.94
C SER A 69 -3.39 -11.30 -7.32
N THR A 70 -4.11 -10.67 -6.40
CA THR A 70 -5.51 -10.32 -6.63
C THR A 70 -5.77 -8.88 -6.25
N HIS A 71 -6.76 -8.27 -6.92
CA HIS A 71 -7.12 -6.88 -6.65
C HIS A 71 -7.78 -6.75 -5.28
N GLU A 72 -8.49 -7.79 -4.87
CA GLU A 72 -9.17 -7.79 -3.58
C GLU A 72 -8.18 -7.66 -2.43
N SER A 73 -7.35 -8.68 -2.25
CA SER A 73 -6.34 -8.68 -1.20
C SER A 73 -5.73 -7.29 -1.03
N ALA A 74 -5.09 -6.80 -2.09
CA ALA A 74 -4.47 -5.48 -2.07
C ALA A 74 -5.41 -4.44 -1.46
N ALA A 75 -6.68 -4.50 -1.84
CA ALA A 75 -7.67 -3.56 -1.35
C ALA A 75 -7.93 -3.78 0.14
N HIS A 76 -7.96 -5.05 0.56
CA HIS A 76 -8.19 -5.39 1.95
C HIS A 76 -7.08 -4.86 2.84
N ALA A 77 -5.85 -4.91 2.34
CA ALA A 77 -4.69 -4.42 3.08
C ALA A 77 -4.61 -2.91 3.05
N ILE A 78 -5.07 -2.32 1.95
CA ILE A 78 -5.05 -0.87 1.79
C ILE A 78 -6.10 -0.20 2.68
N VAL A 79 -7.34 -0.66 2.56
CA VAL A 79 -8.44 -0.10 3.34
C VAL A 79 -8.10 -0.11 4.84
N SER A 80 -7.32 -1.10 5.25
CA SER A 80 -6.93 -1.23 6.65
C SER A 80 -5.63 -0.47 6.92
N VAL A 81 -4.52 -1.00 6.40
CA VAL A 81 -3.22 -0.37 6.58
C VAL A 81 -3.31 1.14 6.41
N ASN A 82 -4.21 1.58 5.53
CA ASN A 82 -4.39 3.00 5.27
C ASN A 82 -4.75 3.75 6.55
N GLY A 83 -3.73 4.26 7.23
CA GLY A 83 -3.96 4.99 8.47
C GLY A 83 -3.51 4.22 9.69
N THR A 84 -2.66 3.22 9.48
CA THR A 84 -2.15 2.40 10.58
C THR A 84 -0.78 2.89 11.03
N THR A 85 -0.42 2.55 12.27
CA THR A 85 0.87 2.96 12.83
C THR A 85 1.75 1.75 13.11
N ILE A 86 2.78 1.58 12.28
CA ILE A 86 3.70 0.46 12.44
C ILE A 86 4.94 0.88 13.22
N GLU A 87 5.10 0.32 14.41
CA GLU A 87 6.24 0.63 15.26
C GLU A 87 6.24 2.10 15.66
N GLY A 88 5.05 2.70 15.70
CA GLY A 88 4.93 4.10 16.06
C GLY A 88 5.12 5.03 14.88
N HIS A 89 5.01 4.47 13.67
CA HIS A 89 5.17 5.25 12.45
C HIS A 89 3.94 5.12 11.56
N VAL A 90 3.32 6.26 11.23
CA VAL A 90 2.14 6.26 10.38
C VAL A 90 2.48 5.79 8.97
N VAL A 91 1.80 4.73 8.53
CA VAL A 91 2.03 4.17 7.21
C VAL A 91 0.88 4.53 6.26
N LYS A 92 1.22 4.71 4.99
CA LYS A 92 0.21 5.06 3.98
C LYS A 92 0.14 3.99 2.91
N CYS A 93 -1.07 3.50 2.65
CA CYS A 93 -1.29 2.46 1.64
C CYS A 93 -2.03 3.03 0.44
N TYR A 94 -1.38 3.00 -0.72
CA TYR A 94 -1.98 3.51 -1.94
C TYR A 94 -1.89 2.48 -3.08
N TRP A 95 -2.35 2.87 -4.25
CA TRP A 95 -2.32 1.98 -5.41
C TRP A 95 -1.06 2.21 -6.24
N GLY A 96 -0.01 1.44 -5.95
CA GLY A 96 1.23 1.58 -6.68
C GLY A 96 1.04 1.61 -8.18
N LYS A 97 1.50 2.68 -8.82
CA LYS A 97 1.37 2.85 -10.26
C LYS A 97 2.26 3.96 -10.77
N GLU A 98 3.38 3.59 -11.40
CA GLU A 98 4.32 4.56 -11.95
C GLU A 98 4.26 4.57 -13.47
N SER A 99 3.07 4.78 -14.01
CA SER A 99 2.89 4.82 -15.46
C SER A 99 2.26 6.14 -15.89
N PRO A 100 3.09 7.19 -15.99
CA PRO A 100 2.65 8.52 -16.40
C PRO A 100 2.25 8.58 -17.87
N ASP A 101 2.36 7.44 -18.55
CA ASP A 101 2.01 7.36 -19.96
C ASP A 101 2.94 8.23 -20.81
N MET A 102 3.16 7.82 -22.05
CA MET A 102 4.03 8.55 -22.96
C MET A 102 3.53 8.44 -24.39
N THR A 103 3.42 7.23 -24.89
CA THR A 103 2.95 6.99 -26.25
C THR A 103 3.62 7.94 -27.23
N SER A 104 4.71 7.48 -27.84
CA SER A 104 5.44 8.29 -28.80
C SER A 104 5.98 9.56 -28.15
N GLY A 105 7.00 10.15 -28.76
CA GLY A 105 7.59 11.37 -28.22
C GLY A 105 6.74 12.59 -28.48
N PRO A 106 7.19 13.74 -27.99
CA PRO A 106 6.48 15.02 -28.16
C PRO A 106 6.50 15.51 -29.59
N SER A 107 5.32 15.57 -30.21
CA SER A 107 5.21 16.02 -31.59
C SER A 107 3.75 16.24 -31.97
N SER A 108 2.94 15.21 -31.81
CA SER A 108 1.51 15.28 -32.13
C SER A 108 0.72 15.88 -30.98
N GLY A 109 0.93 15.34 -29.78
CA GLY A 109 0.23 15.82 -28.62
C GLY A 109 0.77 17.15 -28.12
N GLY A 1 -6.76 -0.06 34.34
CA GLY A 1 -7.66 0.43 33.30
C GLY A 1 -8.54 1.56 33.78
N SER A 2 -8.56 2.64 33.00
CA SER A 2 -9.36 3.81 33.36
C SER A 2 -9.86 4.53 32.12
N SER A 3 -8.93 4.94 31.26
CA SER A 3 -9.27 5.63 30.03
C SER A 3 -8.02 6.00 29.25
N GLY A 4 -8.22 6.43 28.00
CA GLY A 4 -7.09 6.81 27.17
C GLY A 4 -7.35 6.56 25.69
N SER A 5 -8.07 7.48 25.06
CA SER A 5 -8.39 7.35 23.64
C SER A 5 -7.92 8.57 22.87
N SER A 6 -8.13 8.56 21.55
CA SER A 6 -7.71 9.66 20.69
C SER A 6 -8.57 9.71 19.43
N GLY A 7 -9.15 10.88 19.17
CA GLY A 7 -9.99 11.05 17.99
C GLY A 7 -9.20 10.94 16.70
N ASN A 8 -9.60 9.99 15.85
CA ASN A 8 -8.93 9.79 14.57
C ASN A 8 -9.93 9.42 13.48
N THR A 9 -10.09 10.32 12.52
CA THR A 9 -11.02 10.10 11.41
C THR A 9 -10.31 10.13 10.07
N LYS A 10 -9.93 8.96 9.57
CA LYS A 10 -9.24 8.86 8.29
C LYS A 10 -9.18 7.40 7.83
N GLN A 11 -9.74 7.14 6.66
CA GLN A 11 -9.75 5.79 6.10
C GLN A 11 -10.41 5.78 4.72
N LEU A 12 -10.19 4.70 3.98
CA LEU A 12 -10.77 4.56 2.64
C LEU A 12 -11.64 3.32 2.56
N ARG A 13 -12.71 3.41 1.77
CA ARG A 13 -13.63 2.29 1.59
C ARG A 13 -13.12 1.32 0.54
N PHE A 14 -13.40 0.04 0.72
CA PHE A 14 -12.97 -0.99 -0.21
C PHE A 14 -13.56 -0.75 -1.61
N GLU A 15 -14.84 -0.40 -1.64
CA GLU A 15 -15.52 -0.14 -2.91
C GLU A 15 -14.89 1.04 -3.63
N ASP A 16 -14.39 2.01 -2.87
CA ASP A 16 -13.75 3.19 -3.43
C ASP A 16 -12.32 2.87 -3.89
N VAL A 17 -11.56 2.24 -3.00
CA VAL A 17 -10.19 1.87 -3.30
C VAL A 17 -10.11 1.00 -4.56
N VAL A 18 -10.88 -0.07 -4.57
CA VAL A 18 -10.90 -0.99 -5.71
C VAL A 18 -11.20 -0.24 -7.00
N ASN A 19 -11.93 0.87 -6.88
CA ASN A 19 -12.29 1.67 -8.04
C ASN A 19 -11.17 2.62 -8.42
N GLN A 20 -10.57 3.26 -7.42
CA GLN A 20 -9.49 4.20 -7.65
C GLN A 20 -8.62 3.75 -8.83
N SER A 21 -8.27 2.47 -8.85
CA SER A 21 -7.45 1.92 -9.92
C SER A 21 -8.05 0.63 -10.47
N SER A 22 -7.85 0.38 -11.75
CA SER A 22 -8.37 -0.82 -12.40
C SER A 22 -7.86 -2.07 -11.70
N PRO A 23 -8.63 -3.17 -11.82
CA PRO A 23 -8.29 -4.46 -11.22
C PRO A 23 -7.07 -5.10 -11.88
N LYS A 24 -6.84 -4.76 -13.13
CA LYS A 24 -5.70 -5.31 -13.87
C LYS A 24 -4.41 -5.10 -13.11
N ASN A 25 -4.10 -3.84 -12.80
CA ASN A 25 -2.88 -3.50 -12.08
C ASN A 25 -3.15 -3.43 -10.57
N CYS A 26 -2.71 -4.45 -9.84
CA CYS A 26 -2.90 -4.49 -8.40
C CYS A 26 -1.58 -4.24 -7.67
N THR A 27 -1.42 -3.03 -7.16
CA THR A 27 -0.21 -2.65 -6.44
C THR A 27 -0.54 -2.00 -5.09
N VAL A 28 0.37 -2.12 -4.15
CA VAL A 28 0.18 -1.54 -2.82
C VAL A 28 1.39 -0.73 -2.39
N TYR A 29 1.25 0.59 -2.38
CA TYR A 29 2.34 1.48 -1.99
C TYR A 29 2.28 1.79 -0.50
N CYS A 30 3.28 1.33 0.23
CA CYS A 30 3.34 1.55 1.67
C CYS A 30 4.37 2.64 2.01
N GLY A 31 3.88 3.76 2.53
CA GLY A 31 4.77 4.85 2.88
C GLY A 31 4.62 5.27 4.33
N GLY A 32 5.75 5.38 5.03
CA GLY A 32 5.72 5.77 6.42
C GLY A 32 6.98 5.37 7.17
N ILE A 33 7.33 4.09 7.11
CA ILE A 33 8.52 3.59 7.77
C ILE A 33 9.78 4.23 7.21
N ALA A 34 10.79 4.39 8.06
CA ALA A 34 12.05 4.99 7.64
C ALA A 34 13.23 4.37 8.40
N SER A 35 13.04 4.13 9.69
CA SER A 35 14.08 3.55 10.51
C SER A 35 13.71 2.12 10.94
N GLY A 36 12.86 1.48 10.14
CA GLY A 36 12.44 0.12 10.44
C GLY A 36 11.81 -0.56 9.25
N LEU A 37 12.38 -0.34 8.07
CA LEU A 37 11.86 -0.95 6.84
C LEU A 37 12.64 -2.22 6.49
N THR A 38 11.93 -3.33 6.39
CA THR A 38 12.55 -4.61 6.07
C THR A 38 11.58 -5.52 5.33
N ASP A 39 12.08 -6.20 4.30
CA ASP A 39 11.26 -7.10 3.51
C ASP A 39 10.36 -7.95 4.41
N GLN A 40 10.96 -8.59 5.42
CA GLN A 40 10.22 -9.42 6.35
C GLN A 40 9.05 -8.65 6.96
N LEU A 41 9.27 -7.37 7.24
CA LEU A 41 8.24 -6.53 7.83
C LEU A 41 7.01 -6.48 6.93
N MET A 42 7.19 -5.97 5.71
CA MET A 42 6.09 -5.87 4.76
C MET A 42 5.49 -7.23 4.47
N ARG A 43 6.33 -8.26 4.50
CA ARG A 43 5.89 -9.63 4.24
C ARG A 43 5.06 -10.17 5.41
N GLN A 44 5.45 -9.78 6.62
CA GLN A 44 4.75 -10.23 7.82
C GLN A 44 3.45 -9.45 8.01
N THR A 45 3.50 -8.15 7.71
CA THR A 45 2.32 -7.30 7.85
C THR A 45 1.25 -7.66 6.84
N PHE A 46 1.68 -7.92 5.60
CA PHE A 46 0.75 -8.29 4.53
C PHE A 46 0.56 -9.79 4.47
N SER A 47 1.48 -10.52 5.10
CA SER A 47 1.41 -11.98 5.11
C SER A 47 -0.03 -12.46 5.21
N PRO A 48 -0.70 -12.09 6.30
CA PRO A 48 -2.10 -12.48 6.55
C PRO A 48 -3.06 -11.78 5.60
N PHE A 49 -2.92 -10.46 5.49
CA PHE A 49 -3.78 -9.67 4.61
C PHE A 49 -4.03 -10.38 3.29
N GLY A 50 -3.07 -11.22 2.90
CA GLY A 50 -3.20 -11.96 1.65
C GLY A 50 -1.85 -12.40 1.10
N GLN A 51 -1.88 -13.04 -0.07
CA GLN A 51 -0.64 -13.51 -0.70
C GLN A 51 0.05 -12.36 -1.43
N ILE A 52 1.38 -12.39 -1.44
CA ILE A 52 2.16 -11.36 -2.11
C ILE A 52 2.97 -11.95 -3.26
N MET A 53 3.33 -11.11 -4.22
CA MET A 53 4.10 -11.54 -5.37
C MET A 53 5.53 -11.01 -5.30
N GLU A 54 5.68 -9.78 -4.82
CA GLU A 54 6.99 -9.15 -4.70
C GLU A 54 6.96 -8.02 -3.69
N ILE A 55 8.11 -7.76 -3.06
CA ILE A 55 8.21 -6.69 -2.06
C ILE A 55 9.50 -5.89 -2.25
N ARG A 56 9.39 -4.58 -2.12
CA ARG A 56 10.54 -3.70 -2.27
C ARG A 56 10.58 -2.66 -1.16
N VAL A 57 11.50 -2.83 -0.22
CA VAL A 57 11.65 -1.90 0.90
C VAL A 57 12.73 -0.87 0.62
N PHE A 58 12.36 0.41 0.76
CA PHE A 58 13.30 1.50 0.51
C PHE A 58 13.54 2.30 1.79
N PRO A 59 14.46 1.80 2.63
CA PRO A 59 14.82 2.45 3.90
C PRO A 59 15.57 3.76 3.69
N GLU A 60 15.91 4.04 2.44
CA GLU A 60 16.64 5.27 2.10
C GLU A 60 15.67 6.37 1.67
N LYS A 61 14.51 5.98 1.18
CA LYS A 61 13.50 6.92 0.73
C LYS A 61 12.35 7.03 1.73
N GLY A 62 12.11 5.93 2.45
CA GLY A 62 11.05 5.92 3.44
C GLY A 62 9.74 5.40 2.88
N TYR A 63 9.82 4.34 2.07
CA TYR A 63 8.64 3.74 1.46
C TYR A 63 8.90 2.31 1.04
N SER A 64 7.84 1.59 0.70
CA SER A 64 7.95 0.20 0.28
C SER A 64 6.87 -0.16 -0.74
N PHE A 65 7.14 -1.17 -1.56
CA PHE A 65 6.19 -1.60 -2.56
C PHE A 65 5.69 -3.01 -2.26
N VAL A 66 4.47 -3.31 -2.71
CA VAL A 66 3.88 -4.62 -2.49
C VAL A 66 2.83 -4.94 -3.55
N ARG A 67 3.17 -5.86 -4.45
CA ARG A 67 2.26 -6.24 -5.52
C ARG A 67 1.53 -7.54 -5.16
N PHE A 68 0.20 -7.47 -5.14
CA PHE A 68 -0.61 -8.63 -4.81
C PHE A 68 -1.02 -9.38 -6.08
N SER A 69 -1.32 -10.67 -5.92
CA SER A 69 -1.73 -11.50 -7.05
C SER A 69 -3.15 -11.16 -7.49
N THR A 70 -3.88 -10.47 -6.62
CA THR A 70 -5.26 -10.08 -6.91
C THR A 70 -5.53 -8.64 -6.49
N HIS A 71 -6.64 -8.09 -6.97
CA HIS A 71 -7.02 -6.71 -6.63
C HIS A 71 -7.70 -6.66 -5.27
N GLU A 72 -8.47 -7.70 -4.96
CA GLU A 72 -9.18 -7.76 -3.69
C GLU A 72 -8.21 -7.71 -2.52
N SER A 73 -7.31 -8.69 -2.45
CA SER A 73 -6.32 -8.76 -1.39
C SER A 73 -5.67 -7.40 -1.17
N ALA A 74 -5.20 -6.80 -2.25
CA ALA A 74 -4.55 -5.49 -2.17
C ALA A 74 -5.47 -4.45 -1.56
N ALA A 75 -6.70 -4.38 -2.06
CA ALA A 75 -7.68 -3.44 -1.57
C ALA A 75 -8.01 -3.70 -0.10
N HIS A 76 -7.82 -4.95 0.33
CA HIS A 76 -8.09 -5.34 1.71
C HIS A 76 -7.04 -4.77 2.65
N ALA A 77 -5.78 -4.93 2.29
CA ALA A 77 -4.68 -4.43 3.10
C ALA A 77 -4.62 -2.91 3.08
N ILE A 78 -5.00 -2.33 1.95
CA ILE A 78 -4.99 -0.88 1.79
C ILE A 78 -6.04 -0.23 2.69
N VAL A 79 -7.31 -0.55 2.43
CA VAL A 79 -8.41 0.00 3.22
C VAL A 79 -8.08 -0.02 4.71
N SER A 80 -7.36 -1.04 5.14
CA SER A 80 -6.97 -1.16 6.55
C SER A 80 -5.64 -0.47 6.82
N VAL A 81 -4.57 -1.04 6.29
CA VAL A 81 -3.24 -0.47 6.48
C VAL A 81 -3.24 1.03 6.23
N ASN A 82 -4.25 1.50 5.49
CA ASN A 82 -4.37 2.91 5.18
C ASN A 82 -4.79 3.72 6.41
N GLY A 83 -3.82 4.01 7.28
CA GLY A 83 -4.13 4.77 8.48
C GLY A 83 -3.66 4.06 9.74
N THR A 84 -2.95 2.95 9.57
CA THR A 84 -2.44 2.19 10.70
C THR A 84 -1.08 2.69 11.15
N THR A 85 -0.58 2.15 12.25
CA THR A 85 0.71 2.55 12.80
C THR A 85 1.63 1.35 12.98
N ILE A 86 2.58 1.20 12.07
CA ILE A 86 3.53 0.09 12.14
C ILE A 86 4.88 0.55 12.66
N GLU A 87 5.38 -0.13 13.69
CA GLU A 87 6.67 0.21 14.29
C GLU A 87 6.69 1.67 14.73
N GLY A 88 5.58 2.13 15.29
CA GLY A 88 5.49 3.51 15.74
C GLY A 88 5.54 4.50 14.59
N HIS A 89 5.30 4.02 13.39
CA HIS A 89 5.33 4.87 12.19
C HIS A 89 4.03 4.74 11.41
N VAL A 90 3.45 5.87 11.03
CA VAL A 90 2.20 5.88 10.27
C VAL A 90 2.45 5.46 8.83
N VAL A 91 1.94 4.28 8.48
CA VAL A 91 2.09 3.76 7.12
C VAL A 91 1.01 4.30 6.20
N LYS A 92 1.33 4.41 4.91
CA LYS A 92 0.39 4.92 3.92
C LYS A 92 0.21 3.93 2.78
N CYS A 93 -0.98 3.35 2.68
CA CYS A 93 -1.28 2.38 1.63
C CYS A 93 -1.98 3.05 0.45
N TYR A 94 -1.37 2.93 -0.73
CA TYR A 94 -1.94 3.53 -1.93
C TYR A 94 -1.88 2.55 -3.10
N TRP A 95 -2.31 3.00 -4.27
CA TRP A 95 -2.31 2.17 -5.46
C TRP A 95 -1.06 2.43 -6.30
N GLY A 96 0.05 1.83 -5.91
CA GLY A 96 1.29 2.00 -6.63
C GLY A 96 1.10 1.94 -8.14
N LYS A 97 1.80 2.81 -8.86
CA LYS A 97 1.70 2.84 -10.31
C LYS A 97 3.09 2.73 -10.96
N GLU A 98 3.15 2.09 -12.12
CA GLU A 98 4.40 1.91 -12.83
C GLU A 98 4.63 3.06 -13.82
N SER A 99 3.85 3.07 -14.89
CA SER A 99 3.97 4.11 -15.91
C SER A 99 5.11 3.80 -16.87
N PRO A 100 4.83 2.93 -17.86
CA PRO A 100 5.82 2.53 -18.86
C PRO A 100 6.17 3.67 -19.81
N ASP A 101 5.59 4.83 -19.58
CA ASP A 101 5.84 6.00 -20.42
C ASP A 101 7.30 6.06 -20.84
N MET A 102 8.20 5.76 -19.90
CA MET A 102 9.63 5.78 -20.17
C MET A 102 10.38 4.88 -19.18
N THR A 103 10.51 3.61 -19.54
CA THR A 103 11.20 2.65 -18.68
C THR A 103 12.63 3.09 -18.40
N SER A 104 13.29 2.40 -17.48
CA SER A 104 14.67 2.74 -17.11
C SER A 104 15.65 2.23 -18.17
N GLY A 105 15.53 0.94 -18.50
CA GLY A 105 16.41 0.35 -19.48
C GLY A 105 17.83 0.86 -19.39
N PRO A 106 18.61 0.27 -18.48
CA PRO A 106 20.01 0.67 -18.27
C PRO A 106 20.91 0.29 -19.44
N SER A 107 20.72 -0.94 -19.95
CA SER A 107 21.51 -1.42 -21.07
C SER A 107 22.96 -1.63 -20.66
N SER A 108 23.64 -2.55 -21.34
CA SER A 108 25.04 -2.85 -21.04
C SER A 108 25.96 -2.27 -22.11
N GLY A 109 25.63 -2.51 -23.38
CA GLY A 109 26.43 -2.00 -24.47
C GLY A 109 27.86 -2.50 -24.42
N GLY A 1 -18.84 19.01 33.75
CA GLY A 1 -17.54 18.79 33.14
C GLY A 1 -17.37 17.38 32.60
N SER A 2 -16.34 17.19 31.80
CA SER A 2 -16.06 15.87 31.21
C SER A 2 -14.86 15.93 30.29
N SER A 3 -14.15 14.81 30.18
CA SER A 3 -12.97 14.73 29.33
C SER A 3 -13.25 13.94 28.07
N GLY A 4 -12.53 14.25 26.99
CA GLY A 4 -12.73 13.55 25.74
C GLY A 4 -11.42 13.27 25.02
N SER A 5 -11.04 12.00 24.96
CA SER A 5 -9.81 11.60 24.30
C SER A 5 -9.91 11.77 22.79
N SER A 6 -8.79 11.63 22.10
CA SER A 6 -8.76 11.76 20.65
C SER A 6 -8.50 10.42 19.98
N GLY A 7 -9.56 9.78 19.50
CA GLY A 7 -9.43 8.50 18.84
C GLY A 7 -9.28 8.62 17.34
N ASN A 8 -8.08 8.35 16.84
CA ASN A 8 -7.81 8.44 15.41
C ASN A 8 -8.77 7.56 14.62
N THR A 9 -9.58 8.18 13.76
CA THR A 9 -10.55 7.46 12.95
C THR A 9 -10.51 7.94 11.51
N LYS A 10 -10.20 7.02 10.59
CA LYS A 10 -10.13 7.35 9.17
C LYS A 10 -9.82 6.11 8.33
N GLN A 11 -10.82 5.64 7.59
CA GLN A 11 -10.64 4.46 6.75
C GLN A 11 -11.25 4.68 5.37
N LEU A 12 -10.83 3.87 4.41
CA LEU A 12 -11.33 3.98 3.05
C LEU A 12 -12.35 2.88 2.75
N ARG A 13 -13.23 3.14 1.79
CA ARG A 13 -14.26 2.17 1.42
C ARG A 13 -13.70 1.14 0.44
N PHE A 14 -13.82 -0.13 0.81
CA PHE A 14 -13.32 -1.21 -0.03
C PHE A 14 -13.81 -1.05 -1.47
N GLU A 15 -15.07 -0.69 -1.62
CA GLU A 15 -15.66 -0.50 -2.94
C GLU A 15 -14.95 0.61 -3.71
N ASP A 16 -14.52 1.64 -2.98
CA ASP A 16 -13.82 2.76 -3.60
C ASP A 16 -12.37 2.41 -3.87
N VAL A 17 -11.78 1.64 -2.97
CA VAL A 17 -10.38 1.23 -3.11
C VAL A 17 -10.20 0.30 -4.31
N VAL A 18 -11.03 -0.74 -4.37
CA VAL A 18 -10.97 -1.70 -5.46
C VAL A 18 -11.23 -1.03 -6.80
N ASN A 19 -12.01 0.05 -6.78
CA ASN A 19 -12.34 0.79 -8.00
C ASN A 19 -11.27 1.82 -8.32
N GLN A 20 -10.64 2.36 -7.28
CA GLN A 20 -9.59 3.36 -7.44
C GLN A 20 -8.63 2.96 -8.56
N SER A 21 -8.19 1.70 -8.53
CA SER A 21 -7.26 1.20 -9.53
C SER A 21 -7.82 -0.06 -10.20
N SER A 22 -7.58 -0.19 -11.51
CA SER A 22 -8.07 -1.34 -12.26
C SER A 22 -7.50 -2.64 -11.70
N PRO A 23 -8.18 -3.76 -11.97
CA PRO A 23 -7.77 -5.09 -11.51
C PRO A 23 -6.49 -5.57 -12.19
N LYS A 24 -6.35 -5.23 -13.47
CA LYS A 24 -5.18 -5.64 -14.25
C LYS A 24 -3.90 -5.25 -13.52
N ASN A 25 -3.95 -4.16 -12.76
CA ASN A 25 -2.79 -3.68 -12.02
C ASN A 25 -3.11 -3.56 -10.53
N CYS A 26 -2.55 -4.47 -9.74
CA CYS A 26 -2.79 -4.48 -8.30
C CYS A 26 -1.48 -4.21 -7.54
N THR A 27 -1.32 -2.98 -7.06
CA THR A 27 -0.12 -2.60 -6.32
C THR A 27 -0.48 -1.92 -5.00
N VAL A 28 0.37 -2.09 -4.01
CA VAL A 28 0.14 -1.48 -2.70
C VAL A 28 1.34 -0.63 -2.27
N TYR A 29 1.16 0.68 -2.30
CA TYR A 29 2.22 1.60 -1.91
C TYR A 29 2.18 1.90 -0.42
N CYS A 30 3.12 1.31 0.32
CA CYS A 30 3.18 1.50 1.76
C CYS A 30 4.35 2.41 2.13
N GLY A 31 4.04 3.63 2.58
CA GLY A 31 5.07 4.58 2.95
C GLY A 31 4.87 5.11 4.36
N GLY A 32 5.95 5.11 5.14
CA GLY A 32 5.88 5.59 6.50
C GLY A 32 7.11 5.24 7.32
N ILE A 33 7.43 3.95 7.37
CA ILE A 33 8.60 3.49 8.11
C ILE A 33 9.86 4.18 7.63
N ALA A 34 10.82 4.34 8.55
CA ALA A 34 12.09 4.99 8.22
C ALA A 34 13.27 4.16 8.71
N SER A 35 13.20 3.73 9.97
CA SER A 35 14.27 2.92 10.55
C SER A 35 13.78 1.52 10.88
N GLY A 36 12.74 1.09 10.17
CA GLY A 36 12.20 -0.24 10.40
C GLY A 36 11.65 -0.87 9.13
N LEU A 37 12.29 -0.55 8.00
CA LEU A 37 11.87 -1.10 6.71
C LEU A 37 12.63 -2.39 6.39
N THR A 38 11.94 -3.51 6.52
CA THR A 38 12.54 -4.81 6.25
C THR A 38 11.56 -5.73 5.53
N ASP A 39 12.02 -6.35 4.45
CA ASP A 39 11.17 -7.26 3.68
C ASP A 39 10.32 -8.13 4.60
N GLN A 40 10.88 -8.49 5.74
CA GLN A 40 10.17 -9.32 6.71
C GLN A 40 8.95 -8.59 7.26
N LEU A 41 9.12 -7.32 7.57
CA LEU A 41 8.03 -6.50 8.10
C LEU A 41 6.85 -6.47 7.13
N MET A 42 7.11 -6.00 5.92
CA MET A 42 6.06 -5.91 4.90
C MET A 42 5.47 -7.30 4.61
N ARG A 43 6.35 -8.29 4.47
CA ARG A 43 5.92 -9.65 4.19
C ARG A 43 5.03 -10.18 5.31
N GLN A 44 5.41 -9.90 6.55
CA GLN A 44 4.64 -10.34 7.71
C GLN A 44 3.41 -9.46 7.92
N THR A 45 3.47 -8.23 7.41
CA THR A 45 2.38 -7.30 7.55
C THR A 45 1.26 -7.60 6.56
N PHE A 46 1.64 -7.95 5.33
CA PHE A 46 0.67 -8.28 4.30
C PHE A 46 0.43 -9.77 4.22
N SER A 47 1.35 -10.54 4.80
CA SER A 47 1.24 -12.00 4.80
C SER A 47 -0.21 -12.45 4.92
N PRO A 48 -0.85 -12.06 6.04
CA PRO A 48 -2.25 -12.40 6.31
C PRO A 48 -3.21 -11.66 5.38
N PHE A 49 -3.02 -10.36 5.25
CA PHE A 49 -3.87 -9.54 4.40
C PHE A 49 -4.14 -10.24 3.07
N GLY A 50 -3.22 -11.11 2.66
CA GLY A 50 -3.38 -11.83 1.42
C GLY A 50 -2.08 -12.43 0.92
N GLN A 51 -1.96 -12.60 -0.39
CA GLN A 51 -0.76 -13.16 -0.99
C GLN A 51 0.09 -12.09 -1.64
N ILE A 52 1.40 -12.25 -1.57
CA ILE A 52 2.33 -11.28 -2.15
C ILE A 52 3.20 -11.93 -3.23
N MET A 53 3.53 -11.16 -4.26
CA MET A 53 4.36 -11.67 -5.34
C MET A 53 5.77 -11.11 -5.25
N GLU A 54 5.88 -9.79 -5.05
CA GLU A 54 7.18 -9.14 -4.94
C GLU A 54 7.14 -8.00 -3.94
N ILE A 55 8.20 -7.85 -3.17
CA ILE A 55 8.28 -6.78 -2.17
C ILE A 55 9.58 -5.99 -2.30
N ARG A 56 9.46 -4.67 -2.28
CA ARG A 56 10.63 -3.80 -2.41
C ARG A 56 10.65 -2.76 -1.29
N VAL A 57 11.60 -2.90 -0.38
CA VAL A 57 11.73 -1.97 0.74
C VAL A 57 12.77 -0.90 0.44
N PHE A 58 12.39 0.37 0.66
CA PHE A 58 13.28 1.48 0.42
C PHE A 58 13.53 2.27 1.71
N PRO A 59 14.48 1.79 2.52
CA PRO A 59 14.83 2.44 3.80
C PRO A 59 15.54 3.77 3.58
N GLU A 60 15.84 4.09 2.34
CA GLU A 60 16.53 5.34 2.01
C GLU A 60 15.53 6.40 1.56
N LYS A 61 14.35 5.97 1.13
CA LYS A 61 13.31 6.88 0.68
C LYS A 61 12.15 6.92 1.68
N GLY A 62 11.96 5.83 2.40
CA GLY A 62 10.89 5.76 3.39
C GLY A 62 9.60 5.22 2.80
N TYR A 63 9.72 4.21 1.94
CA TYR A 63 8.55 3.61 1.30
C TYR A 63 8.86 2.18 0.86
N SER A 64 7.81 1.42 0.56
CA SER A 64 7.97 0.04 0.13
C SER A 64 6.88 -0.35 -0.87
N PHE A 65 7.21 -1.23 -1.79
CA PHE A 65 6.26 -1.69 -2.80
C PHE A 65 5.77 -3.10 -2.50
N VAL A 66 4.48 -3.33 -2.71
CA VAL A 66 3.89 -4.64 -2.46
C VAL A 66 2.82 -4.97 -3.50
N ARG A 67 3.16 -5.85 -4.43
CA ARG A 67 2.23 -6.25 -5.48
C ARG A 67 1.50 -7.54 -5.09
N PHE A 68 0.18 -7.53 -5.23
CA PHE A 68 -0.63 -8.69 -4.90
C PHE A 68 -1.09 -9.41 -6.17
N SER A 69 -1.24 -10.72 -6.06
CA SER A 69 -1.65 -11.54 -7.20
C SER A 69 -3.06 -11.14 -7.66
N THR A 70 -3.82 -10.55 -6.76
CA THR A 70 -5.18 -10.12 -7.07
C THR A 70 -5.44 -8.69 -6.59
N HIS A 71 -6.55 -8.12 -7.02
CA HIS A 71 -6.91 -6.75 -6.64
C HIS A 71 -7.58 -6.74 -5.27
N GLU A 72 -8.35 -7.78 -4.99
CA GLU A 72 -9.06 -7.89 -3.71
C GLU A 72 -8.07 -7.86 -2.54
N SER A 73 -7.19 -8.85 -2.50
CA SER A 73 -6.20 -8.96 -1.43
C SER A 73 -5.57 -7.59 -1.15
N ALA A 74 -5.15 -6.91 -2.20
CA ALA A 74 -4.53 -5.60 -2.06
C ALA A 74 -5.46 -4.63 -1.35
N ALA A 75 -6.66 -4.44 -1.91
CA ALA A 75 -7.64 -3.54 -1.33
C ALA A 75 -7.85 -3.84 0.15
N HIS A 76 -7.83 -5.13 0.50
CA HIS A 76 -8.01 -5.55 1.88
C HIS A 76 -6.95 -4.96 2.79
N ALA A 77 -5.71 -4.94 2.30
CA ALA A 77 -4.59 -4.39 3.07
C ALA A 77 -4.61 -2.86 3.05
N ILE A 78 -5.02 -2.29 1.92
CA ILE A 78 -5.09 -0.85 1.78
C ILE A 78 -6.15 -0.25 2.71
N VAL A 79 -7.39 -0.71 2.55
CA VAL A 79 -8.48 -0.21 3.37
C VAL A 79 -8.11 -0.24 4.85
N SER A 80 -7.34 -1.25 5.25
CA SER A 80 -6.91 -1.38 6.64
C SER A 80 -5.64 -0.57 6.90
N VAL A 81 -4.53 -1.06 6.36
CA VAL A 81 -3.24 -0.39 6.53
C VAL A 81 -3.39 1.11 6.39
N ASN A 82 -4.21 1.54 5.44
CA ASN A 82 -4.43 2.96 5.19
C ASN A 82 -4.69 3.70 6.51
N GLY A 83 -3.65 4.31 7.06
CA GLY A 83 -3.78 5.04 8.30
C GLY A 83 -3.40 4.20 9.51
N THR A 84 -2.52 3.23 9.30
CA THR A 84 -2.07 2.36 10.38
C THR A 84 -0.70 2.78 10.91
N THR A 85 -0.43 2.45 12.16
CA THR A 85 0.85 2.80 12.78
C THR A 85 1.73 1.57 12.98
N ILE A 86 2.83 1.52 12.26
CA ILE A 86 3.76 0.39 12.35
C ILE A 86 5.00 0.76 13.15
N GLU A 87 5.16 0.15 14.32
CA GLU A 87 6.32 0.42 15.17
C GLU A 87 6.31 1.87 15.64
N GLY A 88 5.13 2.50 15.60
CA GLY A 88 5.01 3.87 16.04
C GLY A 88 5.17 4.86 14.89
N HIS A 89 5.23 4.33 13.67
CA HIS A 89 5.39 5.17 12.48
C HIS A 89 4.18 5.04 11.56
N VAL A 90 3.50 6.15 11.34
CA VAL A 90 2.32 6.17 10.48
C VAL A 90 2.67 5.79 9.04
N VAL A 91 1.91 4.87 8.47
CA VAL A 91 2.15 4.43 7.10
C VAL A 91 0.99 4.81 6.19
N LYS A 92 1.27 4.89 4.89
CA LYS A 92 0.24 5.25 3.91
C LYS A 92 0.13 4.17 2.83
N CYS A 93 -1.08 3.64 2.68
CA CYS A 93 -1.33 2.59 1.68
C CYS A 93 -2.07 3.17 0.47
N TYR A 94 -1.44 3.07 -0.69
CA TYR A 94 -2.03 3.58 -1.93
C TYR A 94 -1.92 2.56 -3.04
N TRP A 95 -2.37 2.95 -4.24
CA TRP A 95 -2.32 2.05 -5.39
C TRP A 95 -1.10 2.37 -6.26
N GLY A 96 0.03 1.75 -5.93
CA GLY A 96 1.25 1.98 -6.68
C GLY A 96 0.98 2.17 -8.16
N LYS A 97 1.20 3.39 -8.64
CA LYS A 97 0.98 3.71 -10.04
C LYS A 97 2.06 4.64 -10.56
N GLU A 98 2.27 4.63 -11.88
CA GLU A 98 3.28 5.48 -12.51
C GLU A 98 2.87 5.84 -13.93
N SER A 99 2.71 4.83 -14.77
CA SER A 99 2.33 5.04 -16.16
C SER A 99 1.20 4.09 -16.57
N PRO A 100 -0.03 4.46 -16.18
CA PRO A 100 -1.23 3.65 -16.50
C PRO A 100 -1.57 3.69 -17.99
N ASP A 101 -1.02 4.67 -18.70
CA ASP A 101 -1.27 4.81 -20.13
C ASP A 101 -0.18 4.11 -20.93
N MET A 102 -0.60 3.42 -21.99
CA MET A 102 0.34 2.70 -22.85
C MET A 102 1.31 3.67 -23.52
N THR A 103 2.60 3.51 -23.24
CA THR A 103 3.63 4.36 -23.82
C THR A 103 4.36 3.66 -24.96
N SER A 104 3.82 3.81 -26.17
CA SER A 104 4.43 3.19 -27.35
C SER A 104 4.79 4.24 -28.39
N GLY A 105 6.06 4.26 -28.78
CA GLY A 105 6.51 5.23 -29.77
C GLY A 105 7.97 5.04 -30.13
N PRO A 106 8.25 4.01 -30.94
CA PRO A 106 9.62 3.70 -31.38
C PRO A 106 10.16 4.74 -32.36
N SER A 107 11.46 4.65 -32.65
CA SER A 107 12.10 5.59 -33.56
C SER A 107 13.18 4.89 -34.38
N SER A 108 13.69 5.59 -35.40
CA SER A 108 14.74 5.03 -36.25
C SER A 108 15.57 6.15 -36.87
N GLY A 109 14.91 7.18 -37.37
CA GLY A 109 15.61 8.29 -37.97
C GLY A 109 15.50 9.56 -37.16
N GLY A 1 5.34 -2.57 32.19
CA GLY A 1 4.89 -2.71 30.81
C GLY A 1 4.54 -1.37 30.19
N SER A 2 3.97 -1.43 28.98
CA SER A 2 3.58 -0.22 28.27
C SER A 2 2.65 -0.55 27.11
N SER A 3 1.86 0.44 26.70
CA SER A 3 0.92 0.26 25.59
C SER A 3 0.35 1.60 25.13
N GLY A 4 0.47 1.88 23.84
CA GLY A 4 -0.03 3.13 23.30
C GLY A 4 -1.20 2.91 22.34
N SER A 5 -1.59 3.98 21.65
CA SER A 5 -2.69 3.90 20.70
C SER A 5 -2.79 5.18 19.88
N SER A 6 -3.17 5.02 18.61
CA SER A 6 -3.29 6.17 17.71
C SER A 6 -3.71 5.72 16.32
N GLY A 7 -4.63 6.46 15.71
CA GLY A 7 -5.10 6.13 14.38
C GLY A 7 -5.17 7.33 13.46
N ASN A 8 -5.49 7.09 12.20
CA ASN A 8 -5.59 8.16 11.21
C ASN A 8 -7.05 8.48 10.89
N THR A 9 -7.26 9.54 10.10
CA THR A 9 -8.60 9.94 9.72
C THR A 9 -8.89 9.58 8.27
N LYS A 10 -10.14 9.77 7.85
CA LYS A 10 -10.55 9.47 6.48
C LYS A 10 -10.36 8.00 6.17
N GLN A 11 -11.43 7.36 5.72
CA GLN A 11 -11.39 5.94 5.38
C GLN A 11 -11.42 5.74 3.87
N LEU A 12 -11.32 4.47 3.44
CA LEU A 12 -11.33 4.15 2.03
C LEU A 12 -12.35 3.05 1.73
N ARG A 13 -13.35 3.39 0.92
CA ARG A 13 -14.39 2.44 0.56
C ARG A 13 -13.82 1.30 -0.29
N PHE A 14 -13.95 0.08 0.20
CA PHE A 14 -13.44 -1.09 -0.51
C PHE A 14 -13.88 -1.06 -1.97
N GLU A 15 -15.12 -0.66 -2.22
CA GLU A 15 -15.65 -0.58 -3.57
C GLU A 15 -14.95 0.50 -4.37
N ASP A 16 -14.53 1.56 -3.69
CA ASP A 16 -13.85 2.67 -4.34
C ASP A 16 -12.36 2.36 -4.52
N VAL A 17 -11.82 1.53 -3.64
CA VAL A 17 -10.42 1.15 -3.71
C VAL A 17 -10.17 0.16 -4.83
N VAL A 18 -11.13 -0.74 -5.05
CA VAL A 18 -11.01 -1.74 -6.10
C VAL A 18 -11.35 -1.15 -7.47
N ASN A 19 -10.65 -0.08 -7.82
CA ASN A 19 -10.87 0.58 -9.10
C ASN A 19 -10.03 1.85 -9.22
N GLN A 20 -9.72 2.46 -8.06
CA GLN A 20 -8.91 3.67 -8.03
C GLN A 20 -7.75 3.59 -9.01
N SER A 21 -7.19 2.38 -9.14
CA SER A 21 -6.06 2.17 -10.04
C SER A 21 -6.32 0.96 -10.95
N SER A 22 -7.57 0.78 -11.33
CA SER A 22 -7.95 -0.33 -12.21
C SER A 22 -7.60 -1.67 -11.56
N PRO A 23 -8.45 -2.67 -11.79
CA PRO A 23 -8.24 -4.02 -11.24
C PRO A 23 -7.06 -4.74 -11.89
N LYS A 24 -7.01 -4.69 -13.22
CA LYS A 24 -5.93 -5.33 -13.96
C LYS A 24 -4.60 -5.21 -13.21
N ASN A 25 -4.37 -4.04 -12.62
CA ASN A 25 -3.14 -3.79 -11.87
C ASN A 25 -3.42 -3.74 -10.37
N CYS A 26 -2.70 -4.56 -9.61
CA CYS A 26 -2.86 -4.62 -8.17
C CYS A 26 -1.53 -4.35 -7.46
N THR A 27 -1.38 -3.14 -6.94
CA THR A 27 -0.17 -2.76 -6.24
C THR A 27 -0.47 -2.13 -4.89
N VAL A 28 0.47 -2.22 -3.96
CA VAL A 28 0.29 -1.65 -2.63
C VAL A 28 1.51 -0.85 -2.20
N TYR A 29 1.37 0.48 -2.18
CA TYR A 29 2.47 1.35 -1.80
C TYR A 29 2.40 1.68 -0.30
N CYS A 30 3.43 1.26 0.44
CA CYS A 30 3.50 1.50 1.87
C CYS A 30 4.50 2.61 2.19
N GLY A 31 4.00 3.76 2.63
CA GLY A 31 4.87 4.87 2.96
C GLY A 31 4.71 5.31 4.41
N GLY A 32 5.84 5.63 5.05
CA GLY A 32 5.81 6.06 6.44
C GLY A 32 7.05 5.63 7.20
N ILE A 33 7.38 4.36 7.12
CA ILE A 33 8.56 3.83 7.82
C ILE A 33 9.84 4.45 7.28
N ALA A 34 10.81 4.65 8.17
CA ALA A 34 12.08 5.24 7.77
C ALA A 34 13.25 4.49 8.42
N SER A 35 13.09 4.13 9.69
CA SER A 35 14.13 3.42 10.42
C SER A 35 13.67 2.01 10.79
N GLY A 36 12.62 1.54 10.10
CA GLY A 36 12.10 0.22 10.37
C GLY A 36 11.53 -0.43 9.13
N LEU A 37 12.24 -0.32 8.00
CA LEU A 37 11.79 -0.89 6.75
C LEU A 37 12.59 -2.16 6.41
N THR A 38 11.92 -3.30 6.49
CA THR A 38 12.56 -4.58 6.20
C THR A 38 11.59 -5.53 5.50
N ASP A 39 12.09 -6.20 4.46
CA ASP A 39 11.27 -7.14 3.70
C ASP A 39 10.43 -8.01 4.64
N GLN A 40 11.04 -8.44 5.73
CA GLN A 40 10.36 -9.28 6.71
C GLN A 40 9.14 -8.57 7.28
N LEU A 41 9.30 -7.28 7.58
CA LEU A 41 8.21 -6.49 8.13
C LEU A 41 7.01 -6.47 7.18
N MET A 42 7.19 -5.83 6.03
CA MET A 42 6.12 -5.74 5.05
C MET A 42 5.51 -7.12 4.78
N ARG A 43 6.36 -8.09 4.52
CA ARG A 43 5.90 -9.45 4.24
C ARG A 43 5.04 -9.98 5.39
N GLN A 44 5.45 -9.69 6.62
CA GLN A 44 4.72 -10.13 7.80
C GLN A 44 3.47 -9.29 8.00
N THR A 45 3.49 -8.06 7.48
CA THR A 45 2.35 -7.16 7.61
C THR A 45 1.24 -7.53 6.63
N PHE A 46 1.63 -7.85 5.40
CA PHE A 46 0.67 -8.23 4.38
C PHE A 46 0.49 -9.75 4.32
N SER A 47 1.44 -10.47 4.90
CA SER A 47 1.40 -11.92 4.92
C SER A 47 -0.05 -12.42 5.04
N PRO A 48 -0.70 -12.05 6.15
CA PRO A 48 -2.09 -12.45 6.42
C PRO A 48 -3.07 -11.76 5.48
N PHE A 49 -2.94 -10.44 5.35
CA PHE A 49 -3.83 -9.67 4.48
C PHE A 49 -4.04 -10.38 3.15
N GLY A 50 -3.07 -11.18 2.75
CA GLY A 50 -3.16 -11.91 1.50
C GLY A 50 -1.83 -12.46 1.03
N GLN A 51 -1.73 -12.75 -0.25
CA GLN A 51 -0.49 -13.29 -0.82
C GLN A 51 0.30 -12.19 -1.52
N ILE A 52 1.62 -12.27 -1.41
CA ILE A 52 2.50 -11.29 -2.04
C ILE A 52 3.39 -11.93 -3.10
N MET A 53 3.65 -11.20 -4.18
CA MET A 53 4.49 -11.70 -5.26
C MET A 53 5.88 -11.09 -5.19
N GLU A 54 5.94 -9.76 -5.08
CA GLU A 54 7.21 -9.06 -5.02
C GLU A 54 7.18 -7.97 -3.95
N ILE A 55 8.28 -7.83 -3.20
CA ILE A 55 8.37 -6.83 -2.16
C ILE A 55 9.61 -5.95 -2.34
N ARG A 56 9.40 -4.65 -2.42
CA ARG A 56 10.49 -3.70 -2.59
C ARG A 56 10.50 -2.66 -1.47
N VAL A 57 11.47 -2.78 -0.56
CA VAL A 57 11.58 -1.86 0.56
C VAL A 57 12.60 -0.75 0.24
N PHE A 58 12.20 0.49 0.49
CA PHE A 58 13.08 1.62 0.24
C PHE A 58 13.35 2.39 1.54
N PRO A 59 14.34 1.91 2.31
CA PRO A 59 14.73 2.53 3.57
C PRO A 59 15.40 3.89 3.38
N GLU A 60 15.64 4.25 2.13
CA GLU A 60 16.28 5.52 1.80
C GLU A 60 15.24 6.57 1.42
N LYS A 61 14.10 6.11 0.93
CA LYS A 61 13.02 7.01 0.53
C LYS A 61 11.92 7.03 1.57
N GLY A 62 11.78 5.93 2.31
CA GLY A 62 10.76 5.85 3.33
C GLY A 62 9.46 5.27 2.81
N TYR A 63 9.56 4.27 1.94
CA TYR A 63 8.39 3.63 1.37
C TYR A 63 8.73 2.22 0.88
N SER A 64 7.69 1.45 0.56
CA SER A 64 7.87 0.08 0.09
C SER A 64 6.87 -0.24 -1.03
N PHE A 65 7.07 -1.38 -1.68
CA PHE A 65 6.20 -1.80 -2.77
C PHE A 65 5.78 -3.26 -2.59
N VAL A 66 4.47 -3.50 -2.65
CA VAL A 66 3.93 -4.85 -2.48
C VAL A 66 2.86 -5.14 -3.53
N ARG A 67 3.15 -6.09 -4.41
CA ARG A 67 2.22 -6.45 -5.48
C ARG A 67 1.46 -7.73 -5.10
N PHE A 68 0.13 -7.67 -5.22
CA PHE A 68 -0.71 -8.81 -4.89
C PHE A 68 -1.19 -9.52 -6.16
N SER A 69 -1.42 -10.82 -6.07
CA SER A 69 -1.88 -11.60 -7.20
C SER A 69 -3.29 -11.18 -7.62
N THR A 70 -4.02 -10.58 -6.68
CA THR A 70 -5.38 -10.13 -6.95
C THR A 70 -5.57 -8.68 -6.51
N HIS A 71 -6.57 -8.03 -7.10
CA HIS A 71 -6.86 -6.64 -6.77
C HIS A 71 -7.63 -6.53 -5.46
N GLU A 72 -8.36 -7.59 -5.12
CA GLU A 72 -9.15 -7.62 -3.89
C GLU A 72 -8.23 -7.68 -2.67
N SER A 73 -7.44 -8.73 -2.58
CA SER A 73 -6.51 -8.91 -1.45
C SER A 73 -5.79 -7.61 -1.15
N ALA A 74 -5.38 -6.90 -2.20
CA ALA A 74 -4.67 -5.64 -2.05
C ALA A 74 -5.58 -4.56 -1.48
N ALA A 75 -6.79 -4.46 -2.04
CA ALA A 75 -7.75 -3.46 -1.59
C ALA A 75 -8.03 -3.61 -0.10
N HIS A 76 -8.07 -4.85 0.38
CA HIS A 76 -8.32 -5.11 1.79
C HIS A 76 -7.18 -4.59 2.66
N ALA A 77 -5.95 -4.90 2.26
CA ALA A 77 -4.77 -4.46 2.99
C ALA A 77 -4.65 -2.94 2.99
N ILE A 78 -5.10 -2.32 1.90
CA ILE A 78 -5.04 -0.87 1.77
C ILE A 78 -6.06 -0.20 2.69
N VAL A 79 -7.34 -0.45 2.43
CA VAL A 79 -8.42 0.13 3.23
C VAL A 79 -8.12 0.00 4.72
N SER A 80 -7.44 -1.09 5.10
CA SER A 80 -7.09 -1.32 6.49
C SER A 80 -5.79 -0.62 6.85
N VAL A 81 -4.68 -1.14 6.32
CA VAL A 81 -3.37 -0.56 6.58
C VAL A 81 -3.37 0.94 6.34
N ASN A 82 -4.37 1.42 5.62
CA ASN A 82 -4.48 2.84 5.31
C ASN A 82 -4.85 3.64 6.56
N GLY A 83 -3.84 4.02 7.33
CA GLY A 83 -4.09 4.78 8.55
C GLY A 83 -3.55 4.09 9.79
N THR A 84 -2.85 2.98 9.58
CA THR A 84 -2.28 2.22 10.68
C THR A 84 -0.93 2.78 11.11
N THR A 85 -0.34 2.18 12.13
CA THR A 85 0.96 2.63 12.64
C THR A 85 1.88 1.44 12.91
N ILE A 86 2.98 1.37 12.18
CA ILE A 86 3.94 0.28 12.34
C ILE A 86 5.22 0.78 13.00
N GLU A 87 5.50 0.29 14.20
CA GLU A 87 6.70 0.69 14.93
C GLU A 87 6.67 2.18 15.25
N GLY A 88 5.51 2.67 15.66
CA GLY A 88 5.36 4.08 16.00
C GLY A 88 5.44 4.97 14.77
N HIS A 89 5.38 4.36 13.59
CA HIS A 89 5.44 5.11 12.34
C HIS A 89 4.17 4.93 11.53
N VAL A 90 3.49 6.03 11.25
CA VAL A 90 2.25 6.00 10.48
C VAL A 90 2.51 5.58 9.04
N VAL A 91 1.99 4.42 8.66
CA VAL A 91 2.18 3.91 7.31
C VAL A 91 1.12 4.48 6.36
N LYS A 92 1.38 4.37 5.06
CA LYS A 92 0.45 4.88 4.05
C LYS A 92 0.27 3.86 2.93
N CYS A 93 -0.92 3.31 2.82
CA CYS A 93 -1.22 2.33 1.77
C CYS A 93 -1.88 3.00 0.57
N TYR A 94 -1.25 2.87 -0.59
CA TYR A 94 -1.77 3.46 -1.81
C TYR A 94 -1.69 2.48 -2.98
N TRP A 95 -2.09 2.94 -4.16
CA TRP A 95 -2.05 2.10 -5.35
C TRP A 95 -0.79 2.37 -6.18
N GLY A 96 0.15 1.43 -6.13
CA GLY A 96 1.39 1.59 -6.88
C GLY A 96 1.18 2.32 -8.19
N LYS A 97 0.90 1.56 -9.25
CA LYS A 97 0.68 2.14 -10.57
C LYS A 97 -0.57 3.00 -10.58
N GLU A 98 -0.72 3.81 -11.63
CA GLU A 98 -1.88 4.69 -11.76
C GLU A 98 -2.23 4.91 -13.23
N SER A 99 -3.36 4.33 -13.65
CA SER A 99 -3.81 4.46 -15.03
C SER A 99 -5.34 4.50 -15.10
N PRO A 100 -5.86 5.28 -16.05
CA PRO A 100 -7.30 5.44 -16.25
C PRO A 100 -7.95 4.16 -16.79
N ASP A 101 -7.33 3.60 -17.83
CA ASP A 101 -7.85 2.37 -18.44
C ASP A 101 -6.87 1.83 -19.48
N MET A 102 -6.48 2.69 -20.42
CA MET A 102 -5.54 2.30 -21.47
C MET A 102 -6.09 1.15 -22.29
N THR A 103 -6.91 1.47 -23.29
CA THR A 103 -7.51 0.45 -24.15
C THR A 103 -6.57 0.07 -25.28
N SER A 104 -6.52 -1.22 -25.59
CA SER A 104 -5.66 -1.72 -26.66
C SER A 104 -6.15 -3.06 -27.17
N GLY A 105 -5.58 -3.52 -28.28
CA GLY A 105 -5.97 -4.79 -28.86
C GLY A 105 -5.30 -5.06 -30.19
N PRO A 106 -3.98 -5.27 -30.16
CA PRO A 106 -3.19 -5.54 -31.36
C PRO A 106 -3.50 -6.91 -31.96
N SER A 107 -2.86 -7.21 -33.10
CA SER A 107 -3.06 -8.49 -33.77
C SER A 107 -1.81 -8.91 -34.52
N SER A 108 -1.58 -10.22 -34.57
CA SER A 108 -0.41 -10.76 -35.25
C SER A 108 -0.53 -12.28 -35.41
N GLY A 109 -0.46 -12.74 -36.66
CA GLY A 109 -0.56 -14.16 -36.92
C GLY A 109 0.62 -14.69 -37.71
N GLY A 1 -12.22 6.26 32.83
CA GLY A 1 -11.98 6.54 31.42
C GLY A 1 -13.27 6.56 30.61
N SER A 2 -13.35 7.48 29.66
CA SER A 2 -14.53 7.59 28.81
C SER A 2 -14.15 7.96 27.38
N SER A 3 -15.04 7.67 26.44
CA SER A 3 -14.78 7.96 25.04
C SER A 3 -16.08 8.29 24.30
N GLY A 4 -16.34 9.58 24.11
CA GLY A 4 -17.55 10.00 23.43
C GLY A 4 -17.41 9.94 21.92
N SER A 5 -18.37 10.54 21.22
CA SER A 5 -18.36 10.54 19.76
C SER A 5 -17.90 9.20 19.21
N SER A 6 -18.85 8.31 18.95
CA SER A 6 -18.55 6.99 18.43
C SER A 6 -19.61 6.54 17.43
N GLY A 7 -19.32 6.72 16.15
CA GLY A 7 -20.25 6.33 15.11
C GLY A 7 -19.78 6.70 13.72
N ASN A 8 -18.66 6.10 13.31
CA ASN A 8 -18.09 6.38 11.99
C ASN A 8 -17.36 5.15 11.45
N THR A 9 -17.49 4.91 10.15
CA THR A 9 -16.84 3.78 9.51
C THR A 9 -15.33 3.98 9.43
N LYS A 10 -14.92 5.24 9.30
CA LYS A 10 -13.50 5.57 9.22
C LYS A 10 -12.84 4.85 8.03
N GLN A 11 -11.54 5.05 7.88
CA GLN A 11 -10.80 4.42 6.79
C GLN A 11 -11.54 4.57 5.47
N LEU A 12 -11.03 3.92 4.43
CA LEU A 12 -11.65 3.98 3.11
C LEU A 12 -12.50 2.74 2.86
N ARG A 13 -13.60 2.92 2.14
CA ARG A 13 -14.50 1.82 1.82
C ARG A 13 -13.89 0.90 0.77
N PHE A 14 -13.85 -0.39 1.08
CA PHE A 14 -13.28 -1.39 0.16
C PHE A 14 -13.92 -1.27 -1.21
N GLU A 15 -15.17 -0.81 -1.25
CA GLU A 15 -15.89 -0.65 -2.51
C GLU A 15 -15.23 0.41 -3.38
N ASP A 16 -14.59 1.39 -2.75
CA ASP A 16 -13.93 2.46 -3.46
C ASP A 16 -12.50 2.06 -3.86
N VAL A 17 -11.75 1.55 -2.89
CA VAL A 17 -10.38 1.12 -3.13
C VAL A 17 -10.32 0.03 -4.20
N VAL A 18 -11.38 -0.77 -4.27
CA VAL A 18 -11.45 -1.85 -5.25
C VAL A 18 -11.93 -1.33 -6.60
N ASN A 19 -11.46 -0.15 -6.98
CA ASN A 19 -11.83 0.45 -8.25
C ASN A 19 -10.90 1.60 -8.61
N GLN A 20 -10.43 2.32 -7.60
CA GLN A 20 -9.52 3.44 -7.81
C GLN A 20 -8.53 3.12 -8.92
N SER A 21 -7.88 1.96 -8.83
CA SER A 21 -6.90 1.54 -9.82
C SER A 21 -7.42 0.36 -10.63
N SER A 22 -6.96 0.26 -11.87
CA SER A 22 -7.39 -0.83 -12.76
C SER A 22 -7.25 -2.18 -12.05
N PRO A 23 -8.14 -3.12 -12.41
CA PRO A 23 -8.14 -4.46 -11.83
C PRO A 23 -6.94 -5.29 -12.28
N LYS A 24 -6.38 -4.94 -13.43
CA LYS A 24 -5.23 -5.65 -13.98
C LYS A 24 -3.97 -5.30 -13.20
N ASN A 25 -3.80 -4.02 -12.89
CA ASN A 25 -2.65 -3.55 -12.14
C ASN A 25 -2.95 -3.43 -10.65
N CYS A 26 -2.49 -4.40 -9.88
CA CYS A 26 -2.73 -4.40 -8.44
C CYS A 26 -1.42 -4.17 -7.68
N THR A 27 -1.25 -2.94 -7.18
CA THR A 27 -0.04 -2.59 -6.44
C THR A 27 -0.40 -1.90 -5.13
N VAL A 28 0.42 -2.12 -4.11
CA VAL A 28 0.21 -1.53 -2.80
C VAL A 28 1.41 -0.71 -2.35
N TYR A 29 1.26 0.61 -2.37
CA TYR A 29 2.34 1.50 -1.96
C TYR A 29 2.31 1.75 -0.45
N CYS A 30 3.30 1.18 0.24
CA CYS A 30 3.39 1.33 1.69
C CYS A 30 4.48 2.32 2.06
N GLY A 31 4.08 3.48 2.58
CA GLY A 31 5.05 4.50 2.96
C GLY A 31 4.82 5.00 4.37
N GLY A 32 5.89 5.10 5.14
CA GLY A 32 5.78 5.56 6.51
C GLY A 32 7.01 5.22 7.35
N ILE A 33 7.39 3.95 7.33
CA ILE A 33 8.56 3.50 8.09
C ILE A 33 9.83 4.17 7.59
N ALA A 34 10.75 4.42 8.51
CA ALA A 34 12.03 5.05 8.16
C ALA A 34 13.19 4.35 8.85
N SER A 35 12.98 3.95 10.10
CA SER A 35 14.03 3.28 10.87
C SER A 35 13.62 1.84 11.17
N GLY A 36 12.71 1.30 10.37
CA GLY A 36 12.26 -0.06 10.56
C GLY A 36 11.67 -0.67 9.30
N LEU A 37 12.32 -0.43 8.18
CA LEU A 37 11.85 -0.96 6.90
C LEU A 37 12.63 -2.21 6.50
N THR A 38 11.98 -3.36 6.62
CA THR A 38 12.61 -4.63 6.27
C THR A 38 11.62 -5.57 5.60
N ASP A 39 12.01 -6.12 4.46
CA ASP A 39 11.16 -7.05 3.72
C ASP A 39 10.34 -7.92 4.67
N GLN A 40 11.01 -8.46 5.69
CA GLN A 40 10.34 -9.32 6.66
C GLN A 40 9.10 -8.63 7.22
N LEU A 41 9.24 -7.36 7.57
CA LEU A 41 8.14 -6.59 8.12
C LEU A 41 6.97 -6.53 7.15
N MET A 42 7.19 -5.90 6.00
CA MET A 42 6.16 -5.78 4.97
C MET A 42 5.58 -7.14 4.63
N ARG A 43 6.41 -8.17 4.67
CA ARG A 43 5.97 -9.53 4.37
C ARG A 43 5.01 -10.04 5.44
N GLN A 44 5.40 -9.89 6.69
CA GLN A 44 4.58 -10.34 7.81
C GLN A 44 3.35 -9.45 7.97
N THR A 45 3.46 -8.20 7.54
CA THR A 45 2.36 -7.26 7.64
C THR A 45 1.27 -7.57 6.63
N PHE A 46 1.67 -7.84 5.39
CA PHE A 46 0.71 -8.17 4.34
C PHE A 46 0.55 -9.68 4.20
N SER A 47 1.46 -10.43 4.81
CA SER A 47 1.41 -11.89 4.77
C SER A 47 -0.02 -12.39 4.88
N PRO A 48 -0.67 -12.07 6.02
CA PRO A 48 -2.04 -12.48 6.29
C PRO A 48 -3.05 -11.75 5.41
N PHE A 49 -2.91 -10.44 5.33
CA PHE A 49 -3.81 -9.62 4.51
C PHE A 49 -4.14 -10.32 3.20
N GLY A 50 -3.20 -11.13 2.71
CA GLY A 50 -3.41 -11.85 1.48
C GLY A 50 -2.14 -12.52 0.98
N GLN A 51 -1.90 -12.41 -0.33
CA GLN A 51 -0.72 -13.02 -0.93
C GLN A 51 0.20 -11.96 -1.53
N ILE A 52 1.50 -12.20 -1.45
CA ILE A 52 2.48 -11.27 -1.99
C ILE A 52 3.35 -11.93 -3.06
N MET A 53 3.63 -11.19 -4.12
CA MET A 53 4.45 -11.70 -5.22
C MET A 53 5.83 -11.06 -5.21
N GLU A 54 5.87 -9.74 -5.02
CA GLU A 54 7.12 -9.00 -4.99
C GLU A 54 7.10 -7.93 -3.91
N ILE A 55 8.22 -7.79 -3.20
CA ILE A 55 8.32 -6.80 -2.13
C ILE A 55 9.59 -5.97 -2.28
N ARG A 56 9.42 -4.65 -2.35
CA ARG A 56 10.55 -3.74 -2.49
C ARG A 56 10.56 -2.71 -1.38
N VAL A 57 11.47 -2.89 -0.41
CA VAL A 57 11.59 -1.98 0.72
C VAL A 57 12.67 -0.93 0.46
N PHE A 58 12.28 0.34 0.50
CA PHE A 58 13.21 1.43 0.28
C PHE A 58 13.48 2.19 1.58
N PRO A 59 14.42 1.66 2.38
CA PRO A 59 14.80 2.27 3.66
C PRO A 59 15.56 3.58 3.49
N GLU A 60 15.79 3.95 2.24
CA GLU A 60 16.50 5.18 1.93
C GLU A 60 15.52 6.31 1.58
N LYS A 61 14.36 5.93 1.10
CA LYS A 61 13.33 6.91 0.74
C LYS A 61 12.22 6.95 1.78
N GLY A 62 11.96 5.81 2.40
CA GLY A 62 10.91 5.74 3.41
C GLY A 62 9.62 5.16 2.88
N TYR A 63 9.73 4.34 1.83
CA TYR A 63 8.56 3.72 1.22
C TYR A 63 8.86 2.29 0.80
N SER A 64 7.81 1.54 0.48
CA SER A 64 7.96 0.15 0.06
C SER A 64 6.92 -0.21 -1.01
N PHE A 65 7.16 -1.32 -1.69
CA PHE A 65 6.24 -1.77 -2.74
C PHE A 65 5.74 -3.18 -2.45
N VAL A 66 4.44 -3.39 -2.62
CA VAL A 66 3.83 -4.70 -2.38
C VAL A 66 2.77 -5.01 -3.42
N ARG A 67 3.10 -5.91 -4.35
CA ARG A 67 2.18 -6.30 -5.40
C ARG A 67 1.38 -7.53 -4.99
N PHE A 68 0.08 -7.50 -5.26
CA PHE A 68 -0.80 -8.62 -4.92
C PHE A 68 -1.30 -9.32 -6.17
N SER A 69 -1.51 -10.62 -6.07
CA SER A 69 -1.98 -11.41 -7.20
C SER A 69 -3.50 -11.36 -7.30
N THR A 70 -4.12 -10.54 -6.45
CA THR A 70 -5.57 -10.40 -6.44
C THR A 70 -5.98 -9.01 -6.01
N HIS A 71 -6.42 -8.19 -6.97
CA HIS A 71 -6.84 -6.82 -6.68
C HIS A 71 -7.63 -6.76 -5.38
N GLU A 72 -8.38 -7.82 -5.10
CA GLU A 72 -9.18 -7.89 -3.88
C GLU A 72 -8.32 -7.71 -2.64
N SER A 73 -7.40 -8.65 -2.44
CA SER A 73 -6.50 -8.59 -1.28
C SER A 73 -5.90 -7.20 -1.13
N ALA A 74 -5.12 -6.78 -2.12
CA ALA A 74 -4.49 -5.47 -2.09
C ALA A 74 -5.45 -4.40 -1.58
N ALA A 75 -6.71 -4.51 -1.97
CA ALA A 75 -7.73 -3.55 -1.55
C ALA A 75 -8.00 -3.68 -0.06
N HIS A 76 -8.10 -4.91 0.42
CA HIS A 76 -8.36 -5.16 1.84
C HIS A 76 -7.22 -4.64 2.71
N ALA A 77 -5.99 -4.97 2.32
CA ALA A 77 -4.81 -4.52 3.05
C ALA A 77 -4.69 -3.00 3.04
N ILE A 78 -5.11 -2.40 1.93
CA ILE A 78 -5.05 -0.95 1.78
C ILE A 78 -6.04 -0.26 2.71
N VAL A 79 -7.32 -0.60 2.56
CA VAL A 79 -8.36 0.00 3.39
C VAL A 79 -7.98 -0.04 4.87
N SER A 80 -7.25 -1.09 5.26
CA SER A 80 -6.82 -1.25 6.64
C SER A 80 -5.50 -0.53 6.88
N VAL A 81 -4.43 -1.05 6.28
CA VAL A 81 -3.11 -0.48 6.42
C VAL A 81 -3.13 1.03 6.20
N ASN A 82 -4.13 1.50 5.45
CA ASN A 82 -4.29 2.92 5.17
C ASN A 82 -4.70 3.68 6.42
N GLY A 83 -3.73 4.00 7.27
CA GLY A 83 -4.01 4.73 8.49
C GLY A 83 -3.53 4.00 9.73
N THR A 84 -2.70 2.98 9.53
CA THR A 84 -2.17 2.19 10.64
C THR A 84 -0.82 2.74 11.09
N THR A 85 -0.44 2.39 12.32
CA THR A 85 0.84 2.84 12.87
C THR A 85 1.75 1.67 13.15
N ILE A 86 2.77 1.49 12.32
CA ILE A 86 3.73 0.41 12.48
C ILE A 86 4.98 0.88 13.22
N GLU A 87 5.25 0.28 14.38
CA GLU A 87 6.42 0.64 15.17
C GLU A 87 6.38 2.12 15.54
N GLY A 88 5.18 2.64 15.76
CA GLY A 88 5.04 4.04 16.12
C GLY A 88 5.19 4.97 14.93
N HIS A 89 5.11 4.41 13.73
CA HIS A 89 5.25 5.18 12.51
C HIS A 89 4.02 5.02 11.62
N VAL A 90 3.34 6.14 11.35
CA VAL A 90 2.15 6.11 10.50
C VAL A 90 2.49 5.70 9.08
N VAL A 91 1.85 4.63 8.61
CA VAL A 91 2.08 4.12 7.27
C VAL A 91 0.94 4.52 6.33
N LYS A 92 1.23 4.58 5.04
CA LYS A 92 0.24 4.94 4.04
C LYS A 92 0.17 3.88 2.94
N CYS A 93 -1.02 3.34 2.74
CA CYS A 93 -1.23 2.32 1.71
C CYS A 93 -1.99 2.89 0.53
N TYR A 94 -1.34 2.90 -0.64
CA TYR A 94 -1.95 3.42 -1.85
C TYR A 94 -1.85 2.42 -2.99
N TRP A 95 -2.32 2.81 -4.17
CA TRP A 95 -2.28 1.94 -5.33
C TRP A 95 -1.02 2.20 -6.17
N GLY A 96 0.06 1.50 -5.83
CA GLY A 96 1.31 1.67 -6.56
C GLY A 96 1.09 1.87 -8.04
N LYS A 97 1.11 3.12 -8.48
CA LYS A 97 0.91 3.44 -9.89
C LYS A 97 1.50 4.81 -10.22
N GLU A 98 2.79 4.84 -10.52
CA GLU A 98 3.47 6.09 -10.86
C GLU A 98 4.57 5.85 -11.88
N SER A 99 4.20 5.93 -13.16
CA SER A 99 5.16 5.73 -14.24
C SER A 99 6.15 4.62 -13.89
N PRO A 100 5.70 3.36 -13.98
CA PRO A 100 6.52 2.20 -13.67
C PRO A 100 7.62 1.98 -14.70
N ASP A 101 8.87 1.90 -14.23
CA ASP A 101 10.01 1.69 -15.11
C ASP A 101 9.70 0.63 -16.16
N MET A 102 9.49 1.06 -17.40
CA MET A 102 9.19 0.14 -18.49
C MET A 102 10.47 -0.35 -19.15
N THR A 103 10.64 -1.67 -19.16
CA THR A 103 11.83 -2.28 -19.76
C THR A 103 11.77 -2.21 -21.28
N SER A 104 12.92 -1.96 -21.90
CA SER A 104 12.99 -1.87 -23.35
C SER A 104 14.43 -2.06 -23.83
N GLY A 105 14.59 -2.30 -25.13
CA GLY A 105 15.91 -2.49 -25.70
C GLY A 105 16.74 -1.23 -25.67
N PRO A 106 17.92 -1.28 -26.32
CA PRO A 106 18.83 -0.13 -26.39
C PRO A 106 18.28 1.00 -27.26
N SER A 107 17.92 2.11 -26.63
CA SER A 107 17.38 3.26 -27.34
C SER A 107 17.66 4.55 -26.58
N SER A 108 18.06 5.59 -27.32
CA SER A 108 18.36 6.88 -26.73
C SER A 108 18.48 7.96 -27.80
N GLY A 109 19.43 7.77 -28.71
CA GLY A 109 19.63 8.73 -29.77
C GLY A 109 20.90 8.47 -30.56
N GLY A 1 -9.71 -3.42 24.84
CA GLY A 1 -9.25 -2.23 24.15
C GLY A 1 -10.09 -1.01 24.48
N SER A 2 -9.43 0.14 24.61
CA SER A 2 -10.12 1.38 24.94
C SER A 2 -10.97 1.86 23.75
N SER A 3 -11.70 2.96 23.95
CA SER A 3 -12.55 3.50 22.92
C SER A 3 -12.49 5.03 22.92
N GLY A 4 -11.28 5.57 23.06
CA GLY A 4 -11.11 7.01 23.07
C GLY A 4 -10.67 7.55 21.73
N SER A 5 -11.58 8.25 21.05
CA SER A 5 -11.29 8.82 19.73
C SER A 5 -12.24 9.96 19.42
N SER A 6 -11.95 10.69 18.35
CA SER A 6 -12.78 11.81 17.94
C SER A 6 -13.13 11.72 16.45
N GLY A 7 -12.14 11.41 15.63
CA GLY A 7 -12.36 11.29 14.21
C GLY A 7 -13.28 10.13 13.85
N ASN A 8 -13.89 10.20 12.67
CA ASN A 8 -14.79 9.15 12.22
C ASN A 8 -14.53 8.79 10.77
N THR A 9 -14.43 9.81 9.92
CA THR A 9 -14.17 9.60 8.50
C THR A 9 -12.71 9.89 8.15
N LYS A 10 -12.08 8.96 7.44
CA LYS A 10 -10.69 9.12 7.04
C LYS A 10 -10.25 7.96 6.15
N GLN A 11 -10.61 6.75 6.54
CA GLN A 11 -10.25 5.56 5.77
C GLN A 11 -11.00 5.52 4.44
N LEU A 12 -10.72 4.50 3.64
CA LEU A 12 -11.36 4.35 2.34
C LEU A 12 -12.25 3.11 2.32
N ARG A 13 -13.36 3.21 1.59
CA ARG A 13 -14.29 2.09 1.48
C ARG A 13 -13.78 1.03 0.51
N PHE A 14 -13.91 -0.24 0.89
CA PHE A 14 -13.46 -1.34 0.04
C PHE A 14 -13.98 -1.18 -1.38
N GLU A 15 -15.27 -0.87 -1.50
CA GLU A 15 -15.89 -0.69 -2.82
C GLU A 15 -15.31 0.53 -3.53
N ASP A 16 -14.72 1.44 -2.77
CA ASP A 16 -14.13 2.64 -3.33
C ASP A 16 -12.66 2.41 -3.66
N VAL A 17 -12.02 1.50 -2.92
CA VAL A 17 -10.62 1.19 -3.14
C VAL A 17 -10.45 0.20 -4.29
N VAL A 18 -11.36 -0.76 -4.37
CA VAL A 18 -11.31 -1.78 -5.41
C VAL A 18 -11.86 -1.24 -6.73
N ASN A 19 -11.32 -0.11 -7.18
CA ASN A 19 -11.76 0.51 -8.42
C ASN A 19 -10.88 1.70 -8.79
N GLN A 20 -10.41 2.41 -7.76
CA GLN A 20 -9.54 3.57 -7.98
C GLN A 20 -8.59 3.33 -9.14
N SER A 21 -8.05 2.12 -9.23
CA SER A 21 -7.11 1.78 -10.28
C SER A 21 -7.59 0.54 -11.04
N SER A 22 -7.06 0.34 -12.25
CA SER A 22 -7.44 -0.80 -13.06
C SER A 22 -7.40 -2.09 -12.25
N PRO A 23 -8.34 -3.00 -12.54
CA PRO A 23 -8.43 -4.29 -11.85
C PRO A 23 -7.28 -5.23 -12.20
N LYS A 24 -6.63 -4.96 -13.33
CA LYS A 24 -5.50 -5.77 -13.78
C LYS A 24 -4.24 -5.45 -12.98
N ASN A 25 -4.05 -4.16 -12.71
CA ASN A 25 -2.88 -3.72 -11.95
C ASN A 25 -3.19 -3.60 -10.46
N CYS A 26 -2.59 -4.49 -9.67
CA CYS A 26 -2.82 -4.49 -8.23
C CYS A 26 -1.51 -4.29 -7.48
N THR A 27 -1.29 -3.08 -6.98
CA THR A 27 -0.08 -2.75 -6.24
C THR A 27 -0.40 -2.07 -4.91
N VAL A 28 0.50 -2.20 -3.94
CA VAL A 28 0.31 -1.59 -2.63
C VAL A 28 1.54 -0.80 -2.22
N TYR A 29 1.42 0.52 -2.22
CA TYR A 29 2.51 1.39 -1.84
C TYR A 29 2.45 1.75 -0.36
N CYS A 30 3.42 1.29 0.40
CA CYS A 30 3.47 1.56 1.83
C CYS A 30 4.49 2.66 2.15
N GLY A 31 4.00 3.79 2.65
CA GLY A 31 4.87 4.90 2.99
C GLY A 31 4.72 5.35 4.42
N GLY A 32 5.83 5.47 5.12
CA GLY A 32 5.79 5.89 6.51
C GLY A 32 7.02 5.45 7.30
N ILE A 33 7.38 4.18 7.14
CA ILE A 33 8.54 3.63 7.84
C ILE A 33 9.84 4.20 7.28
N ALA A 34 10.79 4.48 8.17
CA ALA A 34 12.08 5.02 7.76
C ALA A 34 13.23 4.32 8.48
N SER A 35 13.07 4.12 9.79
CA SER A 35 14.09 3.47 10.59
C SER A 35 13.64 2.07 11.00
N GLY A 36 12.70 1.51 10.24
CA GLY A 36 12.20 0.18 10.54
C GLY A 36 11.57 -0.48 9.32
N LEU A 37 12.17 -0.26 8.16
CA LEU A 37 11.65 -0.85 6.91
C LEU A 37 12.43 -2.11 6.55
N THR A 38 11.75 -3.25 6.57
CA THR A 38 12.38 -4.51 6.23
C THR A 38 11.41 -5.42 5.47
N ASP A 39 11.89 -6.00 4.37
CA ASP A 39 11.07 -6.88 3.55
C ASP A 39 10.23 -7.80 4.44
N GLN A 40 10.79 -8.21 5.57
CA GLN A 40 10.09 -9.10 6.49
C GLN A 40 8.87 -8.41 7.10
N LEU A 41 9.05 -7.15 7.50
CA LEU A 41 7.97 -6.37 8.09
C LEU A 41 6.77 -6.31 7.15
N MET A 42 6.99 -5.77 5.95
CA MET A 42 5.92 -5.65 4.97
C MET A 42 5.35 -7.03 4.62
N ARG A 43 6.23 -7.98 4.35
CA ARG A 43 5.80 -9.33 4.01
C ARG A 43 4.92 -9.92 5.11
N GLN A 44 5.32 -9.70 6.36
CA GLN A 44 4.58 -10.21 7.50
C GLN A 44 3.24 -9.49 7.64
N THR A 45 3.28 -8.17 7.57
CA THR A 45 2.07 -7.35 7.69
C THR A 45 1.09 -7.65 6.56
N PHE A 46 1.62 -8.01 5.40
CA PHE A 46 0.79 -8.33 4.24
C PHE A 46 0.60 -9.83 4.10
N SER A 47 1.41 -10.60 4.83
CA SER A 47 1.34 -12.06 4.78
C SER A 47 -0.12 -12.52 4.87
N PRO A 48 -0.80 -12.14 5.96
CA PRO A 48 -2.20 -12.51 6.18
C PRO A 48 -3.15 -11.80 5.23
N PHE A 49 -2.90 -10.52 4.99
CA PHE A 49 -3.72 -9.73 4.09
C PHE A 49 -3.92 -10.44 2.76
N GLY A 50 -3.06 -11.41 2.48
CA GLY A 50 -3.16 -12.16 1.24
C GLY A 50 -1.80 -12.66 0.76
N GLN A 51 -1.73 -13.04 -0.51
CA GLN A 51 -0.50 -13.55 -1.08
C GLN A 51 0.32 -12.42 -1.71
N ILE A 52 1.64 -12.52 -1.60
CA ILE A 52 2.53 -11.51 -2.15
C ILE A 52 3.38 -12.08 -3.28
N MET A 53 3.57 -11.30 -4.33
CA MET A 53 4.37 -11.72 -5.47
C MET A 53 5.79 -11.17 -5.38
N GLU A 54 5.90 -9.92 -4.96
CA GLU A 54 7.19 -9.27 -4.83
C GLU A 54 7.12 -8.09 -3.86
N ILE A 55 8.17 -7.92 -3.07
CA ILE A 55 8.24 -6.84 -2.09
C ILE A 55 9.52 -6.03 -2.24
N ARG A 56 9.37 -4.70 -2.27
CA ARG A 56 10.52 -3.81 -2.42
C ARG A 56 10.51 -2.75 -1.32
N VAL A 57 11.42 -2.89 -0.37
CA VAL A 57 11.53 -1.94 0.73
C VAL A 57 12.60 -0.90 0.46
N PHE A 58 12.27 0.38 0.71
CA PHE A 58 13.22 1.46 0.49
C PHE A 58 13.40 2.29 1.76
N PRO A 59 14.28 1.82 2.65
CA PRO A 59 14.56 2.49 3.92
C PRO A 59 15.32 3.80 3.71
N GLU A 60 15.68 4.09 2.47
CA GLU A 60 16.40 5.30 2.15
C GLU A 60 15.45 6.43 1.77
N LYS A 61 14.25 6.06 1.33
CA LYS A 61 13.24 7.03 0.94
C LYS A 61 12.10 7.07 1.94
N GLY A 62 11.81 5.91 2.55
CA GLY A 62 10.74 5.85 3.53
C GLY A 62 9.47 5.26 2.95
N TYR A 63 9.62 4.36 1.98
CA TYR A 63 8.47 3.73 1.35
C TYR A 63 8.81 2.32 0.87
N SER A 64 7.79 1.55 0.53
CA SER A 64 7.98 0.18 0.08
C SER A 64 6.99 -0.17 -1.04
N PHE A 65 7.17 -1.34 -1.63
CA PHE A 65 6.29 -1.79 -2.70
C PHE A 65 5.81 -3.22 -2.45
N VAL A 66 4.50 -3.43 -2.60
CA VAL A 66 3.92 -4.75 -2.38
C VAL A 66 2.86 -5.06 -3.44
N ARG A 67 3.22 -5.91 -4.40
CA ARG A 67 2.29 -6.29 -5.46
C ARG A 67 1.52 -7.56 -5.10
N PHE A 68 0.20 -7.49 -5.20
CA PHE A 68 -0.65 -8.63 -4.87
C PHE A 68 -1.12 -9.32 -6.15
N SER A 69 -1.48 -10.60 -6.02
CA SER A 69 -1.95 -11.38 -7.16
C SER A 69 -3.47 -11.31 -7.27
N THR A 70 -4.08 -10.54 -6.38
CA THR A 70 -5.54 -10.38 -6.39
C THR A 70 -5.95 -9.00 -5.90
N HIS A 71 -6.45 -8.18 -6.82
CA HIS A 71 -6.89 -6.83 -6.48
C HIS A 71 -7.60 -6.80 -5.14
N GLU A 72 -8.40 -7.84 -4.88
CA GLU A 72 -9.14 -7.92 -3.63
C GLU A 72 -8.20 -7.83 -2.43
N SER A 73 -7.28 -8.78 -2.32
CA SER A 73 -6.33 -8.79 -1.21
C SER A 73 -5.71 -7.42 -1.01
N ALA A 74 -5.22 -6.83 -2.10
CA ALA A 74 -4.60 -5.51 -2.05
C ALA A 74 -5.53 -4.50 -1.38
N ALA A 75 -6.77 -4.46 -1.83
CA ALA A 75 -7.76 -3.54 -1.28
C ALA A 75 -8.01 -3.82 0.20
N HIS A 76 -7.90 -5.08 0.57
CA HIS A 76 -8.12 -5.49 1.96
C HIS A 76 -7.01 -4.95 2.87
N ALA A 77 -5.79 -4.89 2.32
CA ALA A 77 -4.66 -4.39 3.09
C ALA A 77 -4.60 -2.87 3.07
N ILE A 78 -5.00 -2.28 1.95
CA ILE A 78 -4.99 -0.82 1.80
C ILE A 78 -6.04 -0.19 2.71
N VAL A 79 -7.30 -0.56 2.51
CA VAL A 79 -8.39 -0.02 3.31
C VAL A 79 -8.04 -0.03 4.80
N SER A 80 -7.28 -1.03 5.22
CA SER A 80 -6.87 -1.15 6.61
C SER A 80 -5.56 -0.42 6.86
N VAL A 81 -4.47 -0.94 6.29
CA VAL A 81 -3.16 -0.32 6.44
C VAL A 81 -3.23 1.19 6.28
N ASN A 82 -4.22 1.64 5.53
CA ASN A 82 -4.40 3.07 5.29
C ASN A 82 -4.81 3.79 6.57
N GLY A 83 -3.84 4.11 7.40
CA GLY A 83 -4.11 4.79 8.66
C GLY A 83 -3.61 4.03 9.87
N THR A 84 -2.83 2.99 9.61
CA THR A 84 -2.27 2.17 10.69
C THR A 84 -0.90 2.68 11.11
N THR A 85 -0.48 2.30 12.31
CA THR A 85 0.82 2.71 12.83
C THR A 85 1.70 1.51 13.12
N ILE A 86 2.81 1.40 12.39
CA ILE A 86 3.73 0.29 12.56
C ILE A 86 5.03 0.76 13.24
N GLU A 87 5.38 0.10 14.34
CA GLU A 87 6.58 0.45 15.08
C GLU A 87 6.57 1.93 15.47
N GLY A 88 5.39 2.51 15.53
CA GLY A 88 5.26 3.92 15.89
C GLY A 88 5.38 4.84 14.69
N HIS A 89 5.24 4.26 13.49
CA HIS A 89 5.34 5.04 12.26
C HIS A 89 4.07 4.88 11.42
N VAL A 90 3.42 6.00 11.13
CA VAL A 90 2.19 5.98 10.35
C VAL A 90 2.47 5.54 8.91
N VAL A 91 1.93 4.38 8.54
CA VAL A 91 2.12 3.85 7.20
C VAL A 91 1.05 4.36 6.24
N LYS A 92 1.42 4.51 4.97
CA LYS A 92 0.48 4.99 3.96
C LYS A 92 0.32 3.97 2.84
N CYS A 93 -0.87 3.39 2.74
CA CYS A 93 -1.16 2.40 1.71
C CYS A 93 -1.84 3.05 0.50
N TYR A 94 -1.20 2.95 -0.65
CA TYR A 94 -1.74 3.52 -1.88
C TYR A 94 -1.69 2.51 -3.02
N TRP A 95 -2.21 2.91 -4.17
CA TRP A 95 -2.23 2.04 -5.35
C TRP A 95 -0.98 2.21 -6.18
N GLY A 96 0.08 1.50 -5.80
CA GLY A 96 1.34 1.59 -6.52
C GLY A 96 1.13 1.75 -8.03
N LYS A 97 1.51 2.91 -8.56
CA LYS A 97 1.36 3.18 -9.98
C LYS A 97 -0.11 3.29 -10.37
N GLU A 98 -0.51 4.47 -10.82
CA GLU A 98 -1.89 4.70 -11.22
C GLU A 98 -1.97 5.15 -12.67
N SER A 99 -1.84 4.20 -13.59
CA SER A 99 -1.89 4.49 -15.02
C SER A 99 -1.63 3.23 -15.84
N PRO A 100 -2.37 3.10 -16.96
CA PRO A 100 -2.24 1.94 -17.86
C PRO A 100 -0.92 1.95 -18.61
N ASP A 101 -0.07 0.96 -18.30
CA ASP A 101 1.23 0.85 -18.95
C ASP A 101 1.13 1.19 -20.43
N MET A 102 0.22 0.52 -21.13
CA MET A 102 0.02 0.75 -22.56
C MET A 102 1.33 0.58 -23.32
N THR A 103 1.24 0.55 -24.65
CA THR A 103 2.41 0.39 -25.49
C THR A 103 3.26 -0.79 -25.04
N SER A 104 4.42 -0.95 -25.66
CA SER A 104 5.33 -2.04 -25.33
C SER A 104 4.60 -3.37 -25.32
N GLY A 105 4.58 -4.04 -26.47
CA GLY A 105 3.90 -5.33 -26.58
C GLY A 105 4.84 -6.44 -27.03
N PRO A 106 5.57 -7.03 -26.06
CA PRO A 106 6.51 -8.11 -26.35
C PRO A 106 5.81 -9.40 -26.74
N SER A 107 6.15 -9.92 -27.92
CA SER A 107 5.55 -11.15 -28.41
C SER A 107 6.62 -12.12 -28.92
N SER A 108 6.86 -13.17 -28.16
CA SER A 108 7.87 -14.16 -28.52
C SER A 108 7.20 -15.46 -28.96
N GLY A 109 7.86 -16.17 -29.88
CA GLY A 109 7.32 -17.42 -30.38
C GLY A 109 8.26 -18.12 -31.34
N GLY A 1 -29.61 15.32 22.26
CA GLY A 1 -30.13 16.50 21.58
C GLY A 1 -29.04 17.32 20.93
N SER A 2 -28.61 16.90 19.73
CA SER A 2 -27.55 17.61 19.02
C SER A 2 -26.35 17.84 19.92
N SER A 3 -25.44 16.87 19.97
CA SER A 3 -24.25 16.96 20.80
C SER A 3 -23.22 17.87 20.13
N GLY A 4 -22.75 17.48 18.95
CA GLY A 4 -21.77 18.26 18.24
C GLY A 4 -20.86 17.41 17.37
N SER A 5 -19.56 17.47 17.64
CA SER A 5 -18.57 16.71 16.89
C SER A 5 -18.73 16.95 15.40
N SER A 6 -17.79 16.43 14.61
CA SER A 6 -17.82 16.60 13.16
C SER A 6 -17.74 15.25 12.46
N GLY A 7 -18.46 15.12 11.35
CA GLY A 7 -18.46 13.88 10.60
C GLY A 7 -17.06 13.32 10.42
N ASN A 8 -16.12 14.18 10.03
CA ASN A 8 -14.74 13.75 9.82
C ASN A 8 -14.66 12.69 8.74
N THR A 9 -13.44 12.46 8.24
CA THR A 9 -13.23 11.47 7.19
C THR A 9 -12.07 10.54 7.54
N LYS A 10 -12.31 9.24 7.45
CA LYS A 10 -11.30 8.24 7.76
C LYS A 10 -11.59 6.92 7.07
N GLN A 11 -10.55 6.12 6.87
CA GLN A 11 -10.70 4.83 6.21
C GLN A 11 -11.27 5.00 4.80
N LEU A 12 -11.23 3.92 4.01
CA LEU A 12 -11.75 3.96 2.65
C LEU A 12 -12.58 2.71 2.36
N ARG A 13 -13.67 2.89 1.63
CA ARG A 13 -14.55 1.78 1.27
C ARG A 13 -13.86 0.83 0.31
N PHE A 14 -14.05 -0.47 0.53
CA PHE A 14 -13.44 -1.49 -0.31
C PHE A 14 -13.90 -1.35 -1.76
N GLU A 15 -15.18 -1.07 -1.94
CA GLU A 15 -15.75 -0.91 -3.27
C GLU A 15 -15.27 0.39 -3.91
N ASP A 16 -14.70 1.26 -3.10
CA ASP A 16 -14.19 2.55 -3.59
C ASP A 16 -12.70 2.45 -3.90
N VAL A 17 -11.98 1.65 -3.13
CA VAL A 17 -10.55 1.47 -3.33
C VAL A 17 -10.27 0.61 -4.57
N VAL A 18 -10.98 -0.50 -4.67
CA VAL A 18 -10.80 -1.42 -5.80
C VAL A 18 -11.08 -0.72 -7.11
N ASN A 19 -11.69 0.46 -7.03
CA ASN A 19 -12.00 1.24 -8.23
C ASN A 19 -10.89 2.24 -8.54
N GLN A 20 -10.31 2.82 -7.50
CA GLN A 20 -9.24 3.80 -7.66
C GLN A 20 -8.36 3.44 -8.84
N SER A 21 -7.85 2.21 -8.84
CA SER A 21 -6.98 1.74 -9.92
C SER A 21 -7.63 0.59 -10.67
N SER A 22 -7.07 0.27 -11.84
CA SER A 22 -7.60 -0.81 -12.67
C SER A 22 -7.46 -2.15 -11.96
N PRO A 23 -8.36 -3.10 -12.30
CA PRO A 23 -8.35 -4.44 -11.70
C PRO A 23 -7.15 -5.26 -12.15
N LYS A 24 -6.60 -4.94 -13.31
CA LYS A 24 -5.45 -5.65 -13.85
C LYS A 24 -4.20 -5.36 -13.03
N ASN A 25 -3.89 -4.07 -12.87
CA ASN A 25 -2.71 -3.66 -12.10
C ASN A 25 -3.05 -3.56 -10.62
N CYS A 26 -2.54 -4.50 -9.83
CA CYS A 26 -2.79 -4.51 -8.40
C CYS A 26 -1.49 -4.29 -7.62
N THR A 27 -1.32 -3.07 -7.12
CA THR A 27 -0.11 -2.73 -6.36
C THR A 27 -0.48 -2.05 -5.04
N VAL A 28 0.44 -2.12 -4.08
CA VAL A 28 0.22 -1.50 -2.78
C VAL A 28 1.47 -0.75 -2.31
N TYR A 29 1.39 0.56 -2.31
CA TYR A 29 2.51 1.41 -1.89
C TYR A 29 2.45 1.67 -0.39
N CYS A 30 3.51 1.30 0.32
CA CYS A 30 3.58 1.50 1.76
C CYS A 30 4.59 2.59 2.11
N GLY A 31 4.09 3.71 2.61
CA GLY A 31 4.96 4.82 2.97
C GLY A 31 4.77 5.26 4.41
N GLY A 32 5.88 5.44 5.12
CA GLY A 32 5.80 5.86 6.50
C GLY A 32 7.02 5.44 7.31
N ILE A 33 7.40 4.18 7.19
CA ILE A 33 8.56 3.66 7.89
C ILE A 33 9.86 4.24 7.35
N ALA A 34 10.85 4.37 8.21
CA ALA A 34 12.15 4.91 7.81
C ALA A 34 13.28 4.25 8.58
N SER A 35 13.06 3.99 9.87
CA SER A 35 14.07 3.36 10.71
C SER A 35 13.78 1.87 10.87
N GLY A 36 12.54 1.47 10.62
CA GLY A 36 12.16 0.08 10.74
C GLY A 36 11.59 -0.48 9.45
N LEU A 37 12.24 -0.19 8.33
CA LEU A 37 11.79 -0.66 7.03
C LEU A 37 12.55 -1.93 6.61
N THR A 38 11.86 -3.06 6.66
CA THR A 38 12.46 -4.34 6.30
C THR A 38 11.46 -5.23 5.55
N ASP A 39 11.98 -6.01 4.61
CA ASP A 39 11.13 -6.91 3.83
C ASP A 39 10.30 -7.81 4.75
N GLN A 40 10.95 -8.36 5.78
CA GLN A 40 10.27 -9.23 6.71
C GLN A 40 9.07 -8.54 7.35
N LEU A 41 9.14 -7.22 7.46
CA LEU A 41 8.07 -6.43 8.04
C LEU A 41 6.86 -6.39 7.10
N MET A 42 7.09 -5.92 5.88
CA MET A 42 6.02 -5.82 4.88
C MET A 42 5.47 -7.20 4.55
N ARG A 43 6.37 -8.19 4.49
CA ARG A 43 5.97 -9.56 4.17
C ARG A 43 5.04 -10.12 5.25
N GLN A 44 5.38 -9.86 6.50
CA GLN A 44 4.58 -10.34 7.62
C GLN A 44 3.29 -9.53 7.75
N THR A 45 3.40 -8.22 7.56
CA THR A 45 2.24 -7.34 7.66
C THR A 45 1.23 -7.63 6.57
N PHE A 46 1.73 -7.93 5.37
CA PHE A 46 0.86 -8.23 4.23
C PHE A 46 0.65 -9.73 4.10
N SER A 47 1.48 -10.51 4.78
CA SER A 47 1.39 -11.96 4.73
C SER A 47 -0.06 -12.41 4.81
N PRO A 48 -0.74 -12.07 5.91
CA PRO A 48 -2.14 -12.44 6.13
C PRO A 48 -3.08 -11.68 5.20
N PHE A 49 -2.88 -10.37 5.09
CA PHE A 49 -3.71 -9.53 4.22
C PHE A 49 -3.97 -10.22 2.88
N GLY A 50 -3.06 -11.12 2.51
CA GLY A 50 -3.20 -11.84 1.25
C GLY A 50 -1.89 -12.40 0.75
N GLN A 51 -1.83 -12.73 -0.53
CA GLN A 51 -0.62 -13.29 -1.14
C GLN A 51 0.26 -12.19 -1.69
N ILE A 52 1.57 -12.34 -1.50
CA ILE A 52 2.53 -11.36 -1.98
C ILE A 52 3.45 -11.96 -3.05
N MET A 53 3.50 -11.31 -4.22
CA MET A 53 4.33 -11.78 -5.31
C MET A 53 5.76 -11.26 -5.17
N GLU A 54 5.89 -9.95 -4.99
CA GLU A 54 7.20 -9.33 -4.84
C GLU A 54 7.16 -8.22 -3.79
N ILE A 55 8.32 -7.91 -3.22
CA ILE A 55 8.43 -6.87 -2.21
C ILE A 55 9.65 -6.00 -2.44
N ARG A 56 9.46 -4.68 -2.29
CA ARG A 56 10.55 -3.73 -2.49
C ARG A 56 10.57 -2.69 -1.37
N VAL A 57 11.51 -2.82 -0.46
CA VAL A 57 11.63 -1.89 0.66
C VAL A 57 12.69 -0.82 0.37
N PHE A 58 12.36 0.43 0.66
CA PHE A 58 13.27 1.54 0.44
C PHE A 58 13.54 2.30 1.74
N PRO A 59 14.48 1.78 2.54
CA PRO A 59 14.85 2.39 3.82
C PRO A 59 15.59 3.71 3.64
N GLU A 60 15.83 4.09 2.39
CA GLU A 60 16.54 5.33 2.08
C GLU A 60 15.54 6.43 1.69
N LYS A 61 14.44 6.02 1.08
CA LYS A 61 13.41 6.97 0.66
C LYS A 61 12.28 7.04 1.68
N GLY A 62 12.05 5.94 2.38
CA GLY A 62 11.00 5.89 3.38
C GLY A 62 9.70 5.33 2.84
N TYR A 63 9.81 4.30 2.00
CA TYR A 63 8.64 3.68 1.41
C TYR A 63 8.96 2.26 0.93
N SER A 64 7.92 1.54 0.53
CA SER A 64 8.09 0.17 0.04
C SER A 64 7.07 -0.15 -1.04
N PHE A 65 7.20 -1.34 -1.63
CA PHE A 65 6.28 -1.78 -2.68
C PHE A 65 5.80 -3.20 -2.43
N VAL A 66 4.52 -3.45 -2.71
CA VAL A 66 3.94 -4.77 -2.52
C VAL A 66 2.83 -5.04 -3.53
N ARG A 67 3.06 -6.00 -4.41
CA ARG A 67 2.10 -6.35 -5.43
C ARG A 67 1.37 -7.65 -5.07
N PHE A 68 0.05 -7.61 -5.10
CA PHE A 68 -0.76 -8.78 -4.77
C PHE A 68 -1.25 -9.48 -6.05
N SER A 69 -1.40 -10.79 -5.98
CA SER A 69 -1.85 -11.58 -7.12
C SER A 69 -3.29 -11.22 -7.48
N THR A 70 -3.96 -10.53 -6.57
CA THR A 70 -5.35 -10.13 -6.80
C THR A 70 -5.60 -8.71 -6.30
N HIS A 71 -6.60 -8.05 -6.87
CA HIS A 71 -6.94 -6.69 -6.48
C HIS A 71 -7.71 -6.67 -5.16
N GLU A 72 -8.49 -7.73 -4.93
CA GLU A 72 -9.27 -7.84 -3.71
C GLU A 72 -8.37 -7.89 -2.47
N SER A 73 -7.29 -8.65 -2.58
CA SER A 73 -6.34 -8.78 -1.47
C SER A 73 -5.73 -7.43 -1.11
N ALA A 74 -5.20 -6.74 -2.13
CA ALA A 74 -4.59 -5.44 -1.92
C ALA A 74 -5.55 -4.47 -1.24
N ALA A 75 -6.72 -4.28 -1.84
CA ALA A 75 -7.72 -3.39 -1.29
C ALA A 75 -7.97 -3.68 0.19
N HIS A 76 -7.99 -4.96 0.53
CA HIS A 76 -8.22 -5.38 1.92
C HIS A 76 -7.13 -4.83 2.83
N ALA A 77 -5.89 -4.86 2.35
CA ALA A 77 -4.76 -4.36 3.13
C ALA A 77 -4.73 -2.83 3.13
N ILE A 78 -5.11 -2.24 2.01
CA ILE A 78 -5.12 -0.79 1.89
C ILE A 78 -6.20 -0.17 2.79
N VAL A 79 -7.44 -0.61 2.61
CA VAL A 79 -8.55 -0.11 3.40
C VAL A 79 -8.21 -0.12 4.89
N SER A 80 -7.48 -1.14 5.32
CA SER A 80 -7.09 -1.28 6.73
C SER A 80 -5.79 -0.53 6.99
N VAL A 81 -4.69 -1.06 6.47
CA VAL A 81 -3.38 -0.46 6.66
C VAL A 81 -3.45 1.06 6.50
N ASN A 82 -4.15 1.51 5.47
CA ASN A 82 -4.30 2.94 5.19
C ASN A 82 -4.81 3.67 6.43
N GLY A 83 -3.89 4.17 7.25
CA GLY A 83 -4.27 4.88 8.46
C GLY A 83 -3.84 4.15 9.72
N THR A 84 -2.96 3.17 9.56
CA THR A 84 -2.48 2.39 10.69
C THR A 84 -1.12 2.92 11.17
N THR A 85 -0.71 2.46 12.36
CA THR A 85 0.57 2.88 12.93
C THR A 85 1.48 1.69 13.19
N ILE A 86 2.51 1.55 12.37
CA ILE A 86 3.45 0.44 12.52
C ILE A 86 4.76 0.92 13.14
N GLU A 87 5.06 0.44 14.34
CA GLU A 87 6.27 0.81 15.04
C GLU A 87 6.32 2.32 15.29
N GLY A 88 5.18 2.89 15.65
CA GLY A 88 5.09 4.30 15.90
C GLY A 88 5.24 5.14 14.65
N HIS A 89 5.09 4.50 13.48
CA HIS A 89 5.21 5.18 12.21
C HIS A 89 3.95 5.00 11.38
N VAL A 90 3.31 6.12 11.03
CA VAL A 90 2.09 6.09 10.24
C VAL A 90 2.36 5.56 8.82
N VAL A 91 1.82 4.39 8.52
CA VAL A 91 2.01 3.78 7.21
C VAL A 91 0.97 4.31 6.21
N LYS A 92 1.39 4.44 4.96
CA LYS A 92 0.50 4.93 3.91
C LYS A 92 0.31 3.87 2.83
N CYS A 93 -0.91 3.37 2.71
CA CYS A 93 -1.24 2.35 1.72
C CYS A 93 -1.92 2.97 0.50
N TYR A 94 -1.27 2.87 -0.64
CA TYR A 94 -1.82 3.43 -1.88
C TYR A 94 -1.74 2.41 -3.02
N TRP A 95 -2.20 2.82 -4.20
CA TRP A 95 -2.18 1.95 -5.37
C TRP A 95 -0.93 2.18 -6.20
N GLY A 96 0.14 1.49 -5.85
CA GLY A 96 1.39 1.63 -6.60
C GLY A 96 1.17 1.75 -8.09
N LYS A 97 1.86 2.69 -8.71
CA LYS A 97 1.73 2.91 -10.15
C LYS A 97 3.03 2.55 -10.87
N GLU A 98 4.14 3.12 -10.41
CA GLU A 98 5.44 2.86 -11.01
C GLU A 98 5.61 3.63 -12.32
N SER A 99 6.63 4.46 -12.38
CA SER A 99 6.90 5.25 -13.57
C SER A 99 6.85 4.39 -14.83
N PRO A 100 7.74 3.40 -14.90
CA PRO A 100 7.83 2.47 -16.04
C PRO A 100 6.63 1.53 -16.10
N ASP A 101 6.11 1.33 -17.31
CA ASP A 101 4.96 0.46 -17.51
C ASP A 101 5.40 -1.01 -17.53
N MET A 102 6.48 -1.29 -18.25
CA MET A 102 6.99 -2.65 -18.34
C MET A 102 8.34 -2.67 -19.06
N THR A 103 9.09 -3.75 -18.86
CA THR A 103 10.40 -3.89 -19.50
C THR A 103 10.26 -4.03 -21.00
N SER A 104 10.77 -3.04 -21.73
CA SER A 104 10.71 -3.05 -23.19
C SER A 104 9.33 -2.60 -23.68
N GLY A 105 8.30 -3.34 -23.27
CA GLY A 105 6.95 -3.00 -23.69
C GLY A 105 6.55 -3.67 -24.98
N PRO A 106 5.24 -3.77 -25.21
CA PRO A 106 4.70 -4.41 -26.42
C PRO A 106 4.94 -3.56 -27.67
N SER A 107 5.47 -2.36 -27.47
CA SER A 107 5.75 -1.45 -28.58
C SER A 107 4.49 -1.16 -29.37
N SER A 108 3.63 -0.30 -28.82
CA SER A 108 2.38 0.07 -29.47
C SER A 108 1.77 1.30 -28.81
N GLY A 109 1.77 2.42 -29.54
CA GLY A 109 1.21 3.65 -29.00
C GLY A 109 1.50 3.82 -27.52
N GLY A 1 -3.59 26.62 32.35
CA GLY A 1 -4.71 26.01 31.66
C GLY A 1 -4.84 24.53 31.96
N SER A 2 -5.87 23.90 31.41
CA SER A 2 -6.10 22.48 31.64
C SER A 2 -7.22 21.96 30.74
N SER A 3 -7.37 20.64 30.70
CA SER A 3 -8.41 20.02 29.88
C SER A 3 -8.08 20.15 28.40
N GLY A 4 -8.49 19.16 27.61
CA GLY A 4 -8.23 19.18 26.18
C GLY A 4 -7.85 17.82 25.65
N SER A 5 -8.56 17.37 24.61
CA SER A 5 -8.28 16.07 24.01
C SER A 5 -8.75 16.05 22.55
N SER A 6 -8.39 14.98 21.85
CA SER A 6 -8.77 14.83 20.44
C SER A 6 -8.47 13.42 19.95
N GLY A 7 -9.26 12.96 18.99
CA GLY A 7 -9.07 11.62 18.44
C GLY A 7 -9.97 11.35 17.26
N ASN A 8 -9.35 11.17 16.08
CA ASN A 8 -10.10 10.91 14.86
C ASN A 8 -9.23 10.18 13.85
N THR A 9 -9.68 9.01 13.40
CA THR A 9 -8.94 8.23 12.41
C THR A 9 -9.61 8.29 11.04
N LYS A 10 -8.82 8.09 10.01
CA LYS A 10 -9.33 8.12 8.63
C LYS A 10 -9.08 6.79 7.94
N GLN A 11 -9.83 6.55 6.86
CA GLN A 11 -9.70 5.31 6.10
C GLN A 11 -10.52 5.37 4.81
N LEU A 12 -10.47 4.30 4.04
CA LEU A 12 -11.20 4.22 2.77
C LEU A 12 -12.11 3.00 2.73
N ARG A 13 -13.20 3.10 1.99
CA ARG A 13 -14.15 2.00 1.88
C ARG A 13 -13.68 0.99 0.84
N PHE A 14 -13.71 -0.28 1.21
CA PHE A 14 -13.29 -1.36 0.30
C PHE A 14 -13.94 -1.20 -1.07
N GLU A 15 -15.22 -0.88 -1.07
CA GLU A 15 -15.95 -0.70 -2.32
C GLU A 15 -15.32 0.38 -3.18
N ASP A 16 -14.75 1.38 -2.53
CA ASP A 16 -14.10 2.49 -3.23
C ASP A 16 -12.68 2.12 -3.63
N VAL A 17 -11.92 1.59 -2.67
CA VAL A 17 -10.54 1.20 -2.93
C VAL A 17 -10.46 0.12 -4.02
N VAL A 18 -11.44 -0.78 -4.01
CA VAL A 18 -11.48 -1.86 -5.00
C VAL A 18 -12.06 -1.36 -6.32
N ASN A 19 -11.56 -0.23 -6.79
CA ASN A 19 -12.03 0.35 -8.05
C ASN A 19 -11.19 1.56 -8.45
N GLN A 20 -10.72 2.31 -7.44
CA GLN A 20 -9.90 3.49 -7.69
C GLN A 20 -8.98 3.27 -8.89
N SER A 21 -8.24 2.17 -8.87
CA SER A 21 -7.32 1.85 -9.96
C SER A 21 -7.75 0.58 -10.68
N SER A 22 -7.28 0.42 -11.91
CA SER A 22 -7.61 -0.76 -12.71
C SER A 22 -7.34 -2.04 -11.93
N PRO A 23 -8.19 -3.05 -12.15
CA PRO A 23 -8.06 -4.35 -11.48
C PRO A 23 -6.85 -5.13 -11.97
N LYS A 24 -6.44 -4.87 -13.21
CA LYS A 24 -5.29 -5.55 -13.79
C LYS A 24 -4.02 -5.24 -13.01
N ASN A 25 -3.82 -3.97 -12.70
CA ASN A 25 -2.63 -3.54 -11.95
C ASN A 25 -2.95 -3.39 -10.47
N CYS A 26 -2.53 -4.37 -9.68
CA CYS A 26 -2.78 -4.34 -8.24
C CYS A 26 -1.47 -4.19 -7.47
N THR A 27 -1.22 -2.97 -6.99
CA THR A 27 -0.01 -2.68 -6.24
C THR A 27 -0.32 -1.96 -4.93
N VAL A 28 0.49 -2.22 -3.91
CA VAL A 28 0.30 -1.60 -2.61
C VAL A 28 1.51 -0.78 -2.20
N TYR A 29 1.37 0.54 -2.24
CA TYR A 29 2.46 1.45 -1.87
C TYR A 29 2.40 1.81 -0.39
N CYS A 30 3.40 1.37 0.36
CA CYS A 30 3.45 1.65 1.80
C CYS A 30 4.47 2.74 2.09
N GLY A 31 3.98 3.90 2.55
CA GLY A 31 4.86 5.00 2.87
C GLY A 31 4.73 5.46 4.31
N GLY A 32 5.85 5.58 5.00
CA GLY A 32 5.84 6.01 6.38
C GLY A 32 7.09 5.58 7.14
N ILE A 33 7.39 4.28 7.07
CA ILE A 33 8.56 3.75 7.75
C ILE A 33 9.85 4.35 7.20
N ALA A 34 10.77 4.69 8.09
CA ALA A 34 12.05 5.26 7.69
C ALA A 34 13.21 4.58 8.40
N SER A 35 13.00 4.19 9.65
CA SER A 35 14.03 3.53 10.44
C SER A 35 13.59 2.12 10.82
N GLY A 36 12.68 1.56 10.05
CA GLY A 36 12.18 0.22 10.33
C GLY A 36 11.55 -0.43 9.12
N LEU A 37 12.19 -0.27 7.96
CA LEU A 37 11.69 -0.84 6.72
C LEU A 37 12.44 -2.12 6.36
N THR A 38 11.80 -3.26 6.56
CA THR A 38 12.41 -4.55 6.26
C THR A 38 11.44 -5.48 5.55
N ASP A 39 11.93 -6.20 4.55
CA ASP A 39 11.10 -7.12 3.79
C ASP A 39 10.29 -8.03 4.72
N GLN A 40 10.89 -8.37 5.85
CA GLN A 40 10.22 -9.23 6.84
C GLN A 40 8.99 -8.54 7.42
N LEU A 41 9.07 -7.22 7.57
CA LEU A 41 7.97 -6.43 8.11
C LEU A 41 6.79 -6.40 7.14
N MET A 42 7.03 -5.90 5.94
CA MET A 42 6.00 -5.81 4.93
C MET A 42 5.43 -7.20 4.60
N ARG A 43 6.32 -8.19 4.53
CA ARG A 43 5.92 -9.56 4.23
C ARG A 43 4.99 -10.10 5.32
N GLN A 44 5.40 -9.92 6.57
CA GLN A 44 4.60 -10.40 7.70
C GLN A 44 3.31 -9.60 7.84
N THR A 45 3.39 -8.30 7.52
CA THR A 45 2.23 -7.43 7.62
C THR A 45 1.18 -7.79 6.56
N PHE A 46 1.62 -7.85 5.31
CA PHE A 46 0.73 -8.19 4.21
C PHE A 46 0.52 -9.70 4.10
N SER A 47 1.42 -10.46 4.73
CA SER A 47 1.34 -11.92 4.71
C SER A 47 -0.11 -12.38 4.80
N PRO A 48 -0.79 -12.02 5.90
CA PRO A 48 -2.18 -12.40 6.13
C PRO A 48 -3.13 -11.66 5.19
N PHE A 49 -2.98 -10.35 5.11
CA PHE A 49 -3.82 -9.53 4.25
C PHE A 49 -4.05 -10.21 2.90
N GLY A 50 -3.13 -11.08 2.52
CA GLY A 50 -3.25 -11.80 1.26
C GLY A 50 -1.91 -12.29 0.75
N GLN A 51 -1.93 -12.90 -0.44
CA GLN A 51 -0.71 -13.42 -1.04
C GLN A 51 0.17 -12.29 -1.57
N ILE A 52 1.48 -12.49 -1.51
CA ILE A 52 2.43 -11.48 -1.98
C ILE A 52 3.31 -12.04 -3.09
N MET A 53 3.53 -11.23 -4.13
CA MET A 53 4.35 -11.64 -5.26
C MET A 53 5.77 -11.10 -5.11
N GLU A 54 5.91 -9.79 -5.05
CA GLU A 54 7.21 -9.16 -4.91
C GLU A 54 7.16 -8.03 -3.89
N ILE A 55 8.27 -7.84 -3.18
CA ILE A 55 8.36 -6.80 -2.17
C ILE A 55 9.59 -5.94 -2.36
N ARG A 56 9.43 -4.63 -2.23
CA ARG A 56 10.54 -3.70 -2.39
C ARG A 56 10.54 -2.65 -1.29
N VAL A 57 11.43 -2.80 -0.32
CA VAL A 57 11.54 -1.86 0.79
C VAL A 57 12.61 -0.81 0.53
N PHE A 58 12.22 0.46 0.66
CA PHE A 58 13.15 1.56 0.43
C PHE A 58 13.36 2.36 1.71
N PRO A 59 14.28 1.87 2.57
CA PRO A 59 14.61 2.52 3.84
C PRO A 59 15.35 3.84 3.64
N GLU A 60 15.62 4.18 2.39
CA GLU A 60 16.32 5.42 2.07
C GLU A 60 15.33 6.54 1.76
N LYS A 61 14.20 6.17 1.17
CA LYS A 61 13.17 7.15 0.82
C LYS A 61 12.04 7.13 1.85
N GLY A 62 11.75 5.95 2.39
CA GLY A 62 10.69 5.82 3.37
C GLY A 62 9.41 5.26 2.78
N TYR A 63 9.56 4.35 1.82
CA TYR A 63 8.40 3.74 1.17
C TYR A 63 8.71 2.30 0.77
N SER A 64 7.66 1.52 0.54
CA SER A 64 7.82 0.12 0.16
C SER A 64 6.77 -0.27 -0.89
N PHE A 65 7.09 -1.29 -1.69
CA PHE A 65 6.18 -1.76 -2.72
C PHE A 65 5.74 -3.20 -2.45
N VAL A 66 4.46 -3.46 -2.67
CA VAL A 66 3.91 -4.80 -2.44
C VAL A 66 2.82 -5.12 -3.45
N ARG A 67 3.14 -5.96 -4.43
CA ARG A 67 2.17 -6.34 -5.46
C ARG A 67 1.44 -7.61 -5.07
N PHE A 68 0.12 -7.60 -5.22
CA PHE A 68 -0.70 -8.76 -4.88
C PHE A 68 -1.12 -9.52 -6.13
N SER A 69 -1.53 -10.76 -5.96
CA SER A 69 -1.96 -11.60 -7.08
C SER A 69 -3.37 -11.22 -7.52
N THR A 70 -4.04 -10.40 -6.73
CA THR A 70 -5.40 -9.96 -7.04
C THR A 70 -5.65 -8.55 -6.54
N HIS A 71 -6.70 -7.92 -7.06
CA HIS A 71 -7.05 -6.57 -6.67
C HIS A 71 -7.73 -6.56 -5.30
N GLU A 72 -8.48 -7.62 -5.00
CA GLU A 72 -9.17 -7.73 -3.73
C GLU A 72 -8.19 -7.78 -2.57
N SER A 73 -7.42 -8.86 -2.50
CA SER A 73 -6.44 -9.05 -1.43
C SER A 73 -5.76 -7.72 -1.10
N ALA A 74 -5.29 -7.02 -2.12
CA ALA A 74 -4.63 -5.73 -1.94
C ALA A 74 -5.56 -4.73 -1.27
N ALA A 75 -6.70 -4.47 -1.91
CA ALA A 75 -7.67 -3.52 -1.37
C ALA A 75 -7.96 -3.80 0.10
N HIS A 76 -7.87 -5.08 0.47
CA HIS A 76 -8.13 -5.49 1.85
C HIS A 76 -7.04 -4.97 2.79
N ALA A 77 -5.81 -4.91 2.27
CA ALA A 77 -4.68 -4.43 3.06
C ALA A 77 -4.62 -2.91 3.07
N ILE A 78 -4.90 -2.30 1.93
CA ILE A 78 -4.88 -0.85 1.82
C ILE A 78 -5.93 -0.21 2.71
N VAL A 79 -7.16 -0.72 2.62
CA VAL A 79 -8.26 -0.20 3.43
C VAL A 79 -7.87 -0.14 4.91
N SER A 80 -7.33 -1.24 5.42
CA SER A 80 -6.92 -1.31 6.82
C SER A 80 -5.60 -0.57 7.04
N VAL A 81 -4.53 -1.11 6.47
CA VAL A 81 -3.21 -0.50 6.60
C VAL A 81 -3.29 1.01 6.45
N ASN A 82 -4.25 1.48 5.65
CA ASN A 82 -4.43 2.91 5.43
C ASN A 82 -4.78 3.62 6.72
N GLY A 83 -3.77 4.18 7.39
CA GLY A 83 -4.00 4.88 8.64
C GLY A 83 -3.48 4.13 9.84
N THR A 84 -2.69 3.08 9.58
CA THR A 84 -2.13 2.27 10.65
C THR A 84 -0.75 2.78 11.05
N THR A 85 -0.31 2.41 12.25
CA THR A 85 0.99 2.82 12.76
C THR A 85 1.88 1.62 13.05
N ILE A 86 2.92 1.45 12.23
CA ILE A 86 3.84 0.33 12.40
C ILE A 86 5.15 0.81 13.02
N GLU A 87 5.48 0.25 14.18
CA GLU A 87 6.71 0.61 14.88
C GLU A 87 6.72 2.09 15.23
N GLY A 88 5.53 2.65 15.46
CA GLY A 88 5.42 4.05 15.81
C GLY A 88 5.54 4.95 14.59
N HIS A 89 5.37 4.38 13.41
CA HIS A 89 5.44 5.15 12.17
C HIS A 89 4.18 4.97 11.34
N VAL A 90 3.49 6.08 11.06
CA VAL A 90 2.27 6.04 10.29
C VAL A 90 2.54 5.60 8.85
N VAL A 91 1.97 4.45 8.48
CA VAL A 91 2.15 3.91 7.14
C VAL A 91 1.06 4.42 6.19
N LYS A 92 1.42 4.60 4.92
CA LYS A 92 0.48 5.08 3.92
C LYS A 92 0.31 4.06 2.81
N CYS A 93 -0.88 3.48 2.72
CA CYS A 93 -1.18 2.48 1.69
C CYS A 93 -1.87 3.12 0.49
N TYR A 94 -1.25 2.99 -0.67
CA TYR A 94 -1.80 3.55 -1.90
C TYR A 94 -1.76 2.54 -3.04
N TRP A 95 -2.23 2.96 -4.21
CA TRP A 95 -2.25 2.08 -5.38
C TRP A 95 -1.00 2.30 -6.23
N GLY A 96 0.08 1.62 -5.89
CA GLY A 96 1.32 1.76 -6.63
C GLY A 96 1.08 1.98 -8.12
N LYS A 97 1.23 3.22 -8.57
CA LYS A 97 1.02 3.56 -9.96
C LYS A 97 2.36 3.80 -10.67
N GLU A 98 2.75 2.86 -11.53
CA GLU A 98 4.00 2.97 -12.26
C GLU A 98 3.74 3.38 -13.71
N SER A 99 4.52 4.34 -14.19
CA SER A 99 4.39 4.82 -15.56
C SER A 99 2.99 5.38 -15.80
N PRO A 100 2.91 6.48 -16.58
CA PRO A 100 1.65 7.13 -16.91
C PRO A 100 0.77 6.30 -17.83
N ASP A 101 -0.53 6.26 -17.54
CA ASP A 101 -1.47 5.49 -18.34
C ASP A 101 -1.86 6.26 -19.60
N MET A 102 -1.76 5.58 -20.75
CA MET A 102 -2.10 6.20 -22.02
C MET A 102 -2.72 5.18 -22.97
N THR A 103 -3.90 5.51 -23.49
CA THR A 103 -4.60 4.62 -24.41
C THR A 103 -4.92 3.29 -23.75
N SER A 104 -6.01 3.26 -22.98
CA SER A 104 -6.42 2.04 -22.28
C SER A 104 -6.76 0.94 -23.27
N GLY A 105 -7.56 1.28 -24.27
CA GLY A 105 -7.96 0.30 -25.28
C GLY A 105 -8.94 0.87 -26.29
N PRO A 106 -9.71 -0.02 -26.93
CA PRO A 106 -10.71 0.37 -27.93
C PRO A 106 -11.90 1.09 -27.31
N SER A 107 -12.74 1.67 -28.15
CA SER A 107 -13.92 2.40 -27.69
C SER A 107 -15.08 1.44 -27.44
N SER A 108 -15.93 1.79 -26.49
CA SER A 108 -17.08 0.97 -26.15
C SER A 108 -18.13 1.00 -27.26
N GLY A 109 -18.43 2.21 -27.73
CA GLY A 109 -19.42 2.36 -28.79
C GLY A 109 -18.80 2.82 -30.10
N GLY A 1 8.46 15.39 30.63
CA GLY A 1 7.40 14.87 29.78
C GLY A 1 6.49 15.97 29.25
N SER A 2 6.84 16.50 28.08
CA SER A 2 6.05 17.57 27.47
C SER A 2 5.84 17.29 25.98
N SER A 3 4.64 16.87 25.62
CA SER A 3 4.31 16.58 24.24
C SER A 3 2.87 16.99 23.91
N GLY A 4 2.54 17.03 22.62
CA GLY A 4 1.20 17.40 22.21
C GLY A 4 0.82 16.77 20.88
N SER A 5 -0.37 16.19 20.84
CA SER A 5 -0.86 15.55 19.63
C SER A 5 -2.30 15.07 19.81
N SER A 6 -2.95 14.73 18.70
CA SER A 6 -4.33 14.26 18.73
C SER A 6 -4.50 13.01 17.87
N GLY A 7 -4.16 13.12 16.59
CA GLY A 7 -4.28 11.99 15.69
C GLY A 7 -5.59 12.00 14.93
N ASN A 8 -5.51 12.26 13.63
CA ASN A 8 -6.71 12.29 12.79
C ASN A 8 -6.98 10.92 12.17
N THR A 9 -8.25 10.50 12.25
CA THR A 9 -8.65 9.20 11.70
C THR A 9 -9.25 9.35 10.31
N LYS A 10 -8.83 8.49 9.39
CA LYS A 10 -9.35 8.53 8.02
C LYS A 10 -9.11 7.21 7.31
N GLN A 11 -10.20 6.56 6.88
CA GLN A 11 -10.09 5.28 6.19
C GLN A 11 -10.76 5.36 4.82
N LEU A 12 -10.71 4.25 4.09
CA LEU A 12 -11.31 4.19 2.75
C LEU A 12 -12.21 2.97 2.61
N ARG A 13 -13.36 3.16 1.98
CA ARG A 13 -14.32 2.08 1.78
C ARG A 13 -13.80 1.08 0.75
N PHE A 14 -13.72 -0.18 1.16
CA PHE A 14 -13.24 -1.24 0.27
C PHE A 14 -13.90 -1.16 -1.09
N GLU A 15 -15.22 -1.01 -1.09
CA GLU A 15 -15.98 -0.92 -2.33
C GLU A 15 -15.38 0.12 -3.26
N ASP A 16 -14.80 1.16 -2.68
CA ASP A 16 -14.17 2.23 -3.46
C ASP A 16 -12.73 1.88 -3.82
N VAL A 17 -11.99 1.41 -2.82
CA VAL A 17 -10.59 1.03 -3.03
C VAL A 17 -10.47 -0.07 -4.08
N VAL A 18 -11.51 -0.88 -4.21
CA VAL A 18 -11.52 -1.96 -5.17
C VAL A 18 -12.01 -1.49 -6.54
N ASN A 19 -11.61 -0.27 -6.91
CA ASN A 19 -12.01 0.30 -8.19
C ASN A 19 -11.15 1.51 -8.53
N GLN A 20 -10.76 2.26 -7.51
CA GLN A 20 -9.93 3.44 -7.71
C GLN A 20 -8.95 3.24 -8.86
N SER A 21 -8.23 2.13 -8.83
CA SER A 21 -7.26 1.81 -9.86
C SER A 21 -7.75 0.67 -10.74
N SER A 22 -6.95 0.32 -11.75
CA SER A 22 -7.30 -0.76 -12.67
C SER A 22 -7.38 -2.08 -11.93
N PRO A 23 -8.30 -2.96 -12.40
CA PRO A 23 -8.49 -4.30 -11.80
C PRO A 23 -7.32 -5.22 -12.06
N LYS A 24 -6.61 -5.00 -13.17
CA LYS A 24 -5.46 -5.82 -13.52
C LYS A 24 -4.23 -5.40 -12.73
N ASN A 25 -3.96 -4.10 -12.71
CA ASN A 25 -2.80 -3.56 -11.99
C ASN A 25 -3.10 -3.46 -10.50
N CYS A 26 -2.59 -4.42 -9.73
CA CYS A 26 -2.79 -4.44 -8.29
C CYS A 26 -1.48 -4.22 -7.55
N THR A 27 -1.29 -3.00 -7.04
CA THR A 27 -0.07 -2.66 -6.31
C THR A 27 -0.39 -1.99 -4.98
N VAL A 28 0.48 -2.18 -4.00
CA VAL A 28 0.29 -1.59 -2.69
C VAL A 28 1.52 -0.80 -2.25
N TYR A 29 1.39 0.52 -2.25
CA TYR A 29 2.49 1.39 -1.86
C TYR A 29 2.44 1.71 -0.37
N CYS A 30 3.50 1.34 0.35
CA CYS A 30 3.58 1.58 1.78
C CYS A 30 4.57 2.70 2.10
N GLY A 31 4.05 3.83 2.57
CA GLY A 31 4.90 4.95 2.91
C GLY A 31 4.75 5.39 4.34
N GLY A 32 5.87 5.60 5.02
CA GLY A 32 5.84 6.03 6.41
C GLY A 32 7.07 5.59 7.18
N ILE A 33 7.33 4.29 7.19
CA ILE A 33 8.48 3.74 7.89
C ILE A 33 9.78 4.40 7.42
N ALA A 34 10.70 4.61 8.36
CA ALA A 34 11.97 5.24 8.04
C ALA A 34 13.12 4.51 8.72
N SER A 35 12.91 4.13 9.99
CA SER A 35 13.92 3.43 10.76
C SER A 35 13.47 2.02 11.10
N GLY A 36 12.57 1.48 10.28
CA GLY A 36 12.07 0.14 10.51
C GLY A 36 11.45 -0.47 9.27
N LEU A 37 12.11 -0.31 8.14
CA LEU A 37 11.62 -0.84 6.87
C LEU A 37 12.40 -2.08 6.45
N THR A 38 11.78 -3.24 6.60
CA THR A 38 12.42 -4.50 6.24
C THR A 38 11.45 -5.43 5.52
N ASP A 39 11.89 -5.99 4.39
CA ASP A 39 11.05 -6.89 3.62
C ASP A 39 10.22 -7.79 4.54
N GLN A 40 10.84 -8.26 5.61
CA GLN A 40 10.16 -9.13 6.57
C GLN A 40 8.94 -8.43 7.15
N LEU A 41 9.09 -7.17 7.50
CA LEU A 41 7.99 -6.39 8.07
C LEU A 41 6.79 -6.36 7.12
N MET A 42 7.03 -5.90 5.90
CA MET A 42 5.97 -5.83 4.90
C MET A 42 5.44 -7.21 4.56
N ARG A 43 6.34 -8.18 4.47
CA ARG A 43 5.96 -9.56 4.16
C ARG A 43 5.04 -10.13 5.23
N GLN A 44 5.39 -9.89 6.48
CA GLN A 44 4.59 -10.38 7.61
C GLN A 44 3.30 -9.59 7.75
N THR A 45 3.38 -8.28 7.52
CA THR A 45 2.22 -7.41 7.62
C THR A 45 1.20 -7.73 6.54
N PHE A 46 1.69 -8.01 5.33
CA PHE A 46 0.82 -8.33 4.21
C PHE A 46 0.65 -9.83 4.07
N SER A 47 1.49 -10.60 4.77
CA SER A 47 1.43 -12.05 4.71
C SER A 47 -0.02 -12.54 4.81
N PRO A 48 -0.68 -12.21 5.92
CA PRO A 48 -2.07 -12.61 6.16
C PRO A 48 -3.05 -11.87 5.25
N PHE A 49 -2.88 -10.55 5.15
CA PHE A 49 -3.74 -9.73 4.31
C PHE A 49 -3.99 -10.40 2.96
N GLY A 50 -3.08 -11.29 2.58
CA GLY A 50 -3.22 -11.99 1.31
C GLY A 50 -1.89 -12.51 0.80
N GLN A 51 -1.86 -12.89 -0.48
CA GLN A 51 -0.65 -13.42 -1.09
C GLN A 51 0.20 -12.29 -1.68
N ILE A 52 1.52 -12.44 -1.59
CA ILE A 52 2.43 -11.44 -2.12
C ILE A 52 3.32 -12.03 -3.20
N MET A 53 3.43 -11.33 -4.32
CA MET A 53 4.26 -11.78 -5.43
C MET A 53 5.68 -11.24 -5.31
N GLU A 54 5.80 -9.99 -4.89
CA GLU A 54 7.10 -9.35 -4.73
C GLU A 54 7.02 -8.19 -3.73
N ILE A 55 8.13 -7.91 -3.08
CA ILE A 55 8.19 -6.82 -2.10
C ILE A 55 9.47 -5.99 -2.28
N ARG A 56 9.30 -4.68 -2.28
CA ARG A 56 10.44 -3.77 -2.43
C ARG A 56 10.44 -2.71 -1.34
N VAL A 57 11.35 -2.86 -0.38
CA VAL A 57 11.45 -1.91 0.72
C VAL A 57 12.53 -0.86 0.44
N PHE A 58 12.19 0.40 0.70
CA PHE A 58 13.12 1.50 0.47
C PHE A 58 13.35 2.29 1.76
N PRO A 59 14.27 1.79 2.60
CA PRO A 59 14.61 2.43 3.87
C PRO A 59 15.36 3.74 3.69
N GLU A 60 15.62 4.09 2.43
CA GLU A 60 16.34 5.33 2.11
C GLU A 60 15.36 6.44 1.77
N LYS A 61 14.18 6.07 1.28
CA LYS A 61 13.15 7.04 0.91
C LYS A 61 12.02 7.03 1.94
N GLY A 62 11.79 5.89 2.57
CA GLY A 62 10.73 5.77 3.56
C GLY A 62 9.46 5.20 2.98
N TYR A 63 9.60 4.35 1.96
CA TYR A 63 8.46 3.73 1.32
C TYR A 63 8.78 2.31 0.88
N SER A 64 7.75 1.58 0.46
CA SER A 64 7.93 0.20 0.01
C SER A 64 6.96 -0.13 -1.12
N PHE A 65 7.11 -1.32 -1.70
CA PHE A 65 6.26 -1.76 -2.79
C PHE A 65 5.81 -3.20 -2.57
N VAL A 66 4.50 -3.43 -2.65
CA VAL A 66 3.94 -4.76 -2.46
C VAL A 66 2.87 -5.05 -3.52
N ARG A 67 3.21 -5.96 -4.44
CA ARG A 67 2.28 -6.33 -5.51
C ARG A 67 1.56 -7.63 -5.17
N PHE A 68 0.23 -7.56 -5.07
CA PHE A 68 -0.57 -8.73 -4.75
C PHE A 68 -1.00 -9.46 -6.02
N SER A 69 -1.46 -10.70 -5.85
CA SER A 69 -1.90 -11.51 -6.99
C SER A 69 -3.41 -11.38 -7.19
N THR A 70 -4.08 -10.76 -6.22
CA THR A 70 -5.52 -10.58 -6.29
C THR A 70 -5.92 -9.16 -5.88
N HIS A 71 -6.38 -8.38 -6.85
CA HIS A 71 -6.79 -7.00 -6.58
C HIS A 71 -7.49 -6.90 -5.23
N GLU A 72 -8.27 -7.92 -4.88
CA GLU A 72 -8.99 -7.93 -3.63
C GLU A 72 -8.05 -7.69 -2.46
N SER A 73 -7.22 -8.68 -2.15
CA SER A 73 -6.27 -8.57 -1.05
C SER A 73 -5.69 -7.16 -0.97
N ALA A 74 -5.04 -6.73 -2.05
CA ALA A 74 -4.44 -5.41 -2.11
C ALA A 74 -5.38 -4.36 -1.54
N ALA A 75 -6.65 -4.42 -1.95
CA ALA A 75 -7.66 -3.47 -1.48
C ALA A 75 -7.86 -3.60 0.03
N HIS A 76 -8.07 -4.82 0.49
CA HIS A 76 -8.29 -5.08 1.90
C HIS A 76 -7.15 -4.50 2.74
N ALA A 77 -5.93 -4.90 2.42
CA ALA A 77 -4.75 -4.41 3.14
C ALA A 77 -4.70 -2.89 3.15
N ILE A 78 -5.07 -2.28 2.03
CA ILE A 78 -5.06 -0.83 1.91
C ILE A 78 -6.11 -0.20 2.82
N VAL A 79 -7.38 -0.46 2.51
CA VAL A 79 -8.47 0.08 3.30
C VAL A 79 -8.15 0.06 4.79
N SER A 80 -7.39 -0.94 5.20
CA SER A 80 -7.00 -1.08 6.61
C SER A 80 -5.68 -0.37 6.88
N VAL A 81 -4.59 -0.94 6.37
CA VAL A 81 -3.27 -0.37 6.55
C VAL A 81 -3.30 1.14 6.39
N ASN A 82 -3.91 1.61 5.31
CA ASN A 82 -4.01 3.04 5.05
C ASN A 82 -4.52 3.79 6.27
N GLY A 83 -3.59 4.21 7.13
CA GLY A 83 -3.97 4.92 8.33
C GLY A 83 -3.59 4.19 9.60
N THR A 84 -2.69 3.21 9.46
CA THR A 84 -2.23 2.43 10.60
C THR A 84 -0.86 2.89 11.08
N THR A 85 -0.49 2.49 12.29
CA THR A 85 0.80 2.87 12.86
C THR A 85 1.65 1.64 13.15
N ILE A 86 2.69 1.45 12.36
CA ILE A 86 3.59 0.30 12.54
C ILE A 86 4.90 0.74 13.17
N GLU A 87 5.27 0.07 14.27
CA GLU A 87 6.50 0.39 14.97
C GLU A 87 6.55 1.86 15.38
N GLY A 88 5.37 2.46 15.51
CA GLY A 88 5.29 3.86 15.90
C GLY A 88 5.39 4.80 14.71
N HIS A 89 5.21 4.25 13.51
CA HIS A 89 5.28 5.04 12.29
C HIS A 89 4.02 4.86 11.45
N VAL A 90 3.35 5.98 11.16
CA VAL A 90 2.13 5.94 10.37
C VAL A 90 2.43 5.54 8.92
N VAL A 91 1.96 4.36 8.54
CA VAL A 91 2.16 3.85 7.20
C VAL A 91 1.08 4.37 6.24
N LYS A 92 1.42 4.47 4.96
CA LYS A 92 0.49 4.95 3.95
C LYS A 92 0.30 3.91 2.85
N CYS A 93 -0.91 3.35 2.77
CA CYS A 93 -1.21 2.35 1.77
C CYS A 93 -1.92 2.97 0.56
N TYR A 94 -1.28 2.90 -0.59
CA TYR A 94 -1.85 3.46 -1.82
C TYR A 94 -1.83 2.45 -2.95
N TRP A 95 -2.36 2.84 -4.10
CA TRP A 95 -2.41 1.96 -5.26
C TRP A 95 -1.17 2.14 -6.13
N GLY A 96 -0.08 1.46 -5.78
CA GLY A 96 1.14 1.57 -6.54
C GLY A 96 0.88 1.75 -8.02
N LYS A 97 1.21 2.93 -8.53
CA LYS A 97 1.02 3.23 -9.95
C LYS A 97 1.99 4.31 -10.42
N GLU A 98 2.02 4.54 -11.72
CA GLU A 98 2.91 5.55 -12.30
C GLU A 98 4.37 5.09 -12.23
N SER A 99 4.57 3.78 -12.31
CA SER A 99 5.91 3.21 -12.25
C SER A 99 6.84 3.89 -13.26
N PRO A 100 8.14 3.89 -12.95
CA PRO A 100 9.15 4.51 -13.82
C PRO A 100 9.36 3.73 -15.11
N ASP A 101 8.78 4.22 -16.20
CA ASP A 101 8.90 3.56 -17.49
C ASP A 101 10.30 3.74 -18.06
N MET A 102 10.77 2.74 -18.79
CA MET A 102 12.10 2.78 -19.40
C MET A 102 12.18 3.86 -20.47
N THR A 103 11.15 3.93 -21.31
CA THR A 103 11.10 4.91 -22.38
C THR A 103 9.71 5.53 -22.50
N SER A 104 9.62 6.82 -22.23
CA SER A 104 8.34 7.53 -22.31
C SER A 104 8.52 8.88 -23.00
N GLY A 105 7.98 9.00 -24.20
CA GLY A 105 8.08 10.25 -24.94
C GLY A 105 6.91 10.47 -25.88
N PRO A 106 7.05 10.02 -27.13
CA PRO A 106 6.01 10.16 -28.15
C PRO A 106 4.81 9.27 -27.87
N SER A 107 3.65 9.89 -27.68
CA SER A 107 2.42 9.15 -27.40
C SER A 107 1.21 9.85 -28.02
N SER A 108 0.63 9.22 -29.03
CA SER A 108 -0.54 9.79 -29.70
C SER A 108 -1.13 8.79 -30.71
N GLY A 109 -0.28 8.30 -31.60
CA GLY A 109 -0.73 7.34 -32.60
C GLY A 109 0.42 6.57 -33.22
N GLY A 1 -19.03 34.60 16.96
CA GLY A 1 -18.59 34.10 15.68
C GLY A 1 -18.15 32.65 15.74
N SER A 2 -18.45 31.89 14.69
CA SER A 2 -18.08 30.48 14.63
C SER A 2 -17.76 30.06 13.20
N SER A 3 -16.81 29.16 13.05
CA SER A 3 -16.41 28.67 11.74
C SER A 3 -15.45 27.49 11.87
N GLY A 4 -15.98 26.37 12.33
CA GLY A 4 -15.16 25.17 12.48
C GLY A 4 -15.93 23.89 12.20
N SER A 5 -15.59 23.24 11.09
CA SER A 5 -16.26 22.00 10.71
C SER A 5 -15.78 21.53 9.34
N SER A 6 -16.37 20.43 8.86
CA SER A 6 -16.00 19.88 7.56
C SER A 6 -14.55 19.43 7.55
N GLY A 7 -14.27 18.33 6.86
CA GLY A 7 -12.92 17.81 6.78
C GLY A 7 -12.83 16.35 7.18
N ASN A 8 -13.38 15.48 6.33
CA ASN A 8 -13.37 14.05 6.61
C ASN A 8 -12.44 13.32 5.64
N THR A 9 -11.29 12.89 6.13
CA THR A 9 -10.32 12.18 5.32
C THR A 9 -9.34 11.39 6.18
N LYS A 10 -9.47 10.06 6.16
CA LYS A 10 -8.60 9.20 6.94
C LYS A 10 -8.61 7.78 6.38
N GLN A 11 -9.80 7.25 6.13
CA GLN A 11 -9.95 5.90 5.59
C GLN A 11 -10.41 5.95 4.14
N LEU A 12 -10.41 4.78 3.49
CA LEU A 12 -10.83 4.69 2.10
C LEU A 12 -11.87 3.59 1.92
N ARG A 13 -12.95 3.90 1.21
CA ARG A 13 -14.01 2.94 0.97
C ARG A 13 -13.51 1.77 0.11
N PHE A 14 -13.73 0.55 0.60
CA PHE A 14 -13.30 -0.65 -0.10
C PHE A 14 -13.83 -0.65 -1.54
N GLU A 15 -15.11 -0.36 -1.69
CA GLU A 15 -15.74 -0.33 -3.01
C GLU A 15 -14.95 0.56 -3.96
N ASP A 16 -14.34 1.60 -3.41
CA ASP A 16 -13.55 2.53 -4.22
C ASP A 16 -12.14 2.00 -4.45
N VAL A 17 -11.48 1.59 -3.37
CA VAL A 17 -10.13 1.05 -3.47
C VAL A 17 -10.07 -0.16 -4.40
N VAL A 18 -11.19 -0.87 -4.50
CA VAL A 18 -11.27 -2.04 -5.35
C VAL A 18 -11.63 -1.66 -6.78
N ASN A 19 -11.28 -0.43 -7.16
CA ASN A 19 -11.57 0.07 -8.50
C ASN A 19 -10.98 1.47 -8.70
N GLN A 20 -9.91 1.76 -7.98
CA GLN A 20 -9.25 3.06 -8.08
C GLN A 20 -8.18 3.04 -9.16
N SER A 21 -7.37 1.99 -9.18
CA SER A 21 -6.30 1.86 -10.16
C SER A 21 -6.53 0.67 -11.07
N SER A 22 -7.80 0.41 -11.38
CA SER A 22 -8.17 -0.71 -12.24
C SER A 22 -7.71 -2.03 -11.63
N PRO A 23 -8.50 -3.10 -11.88
CA PRO A 23 -8.21 -4.43 -11.35
C PRO A 23 -6.98 -5.06 -12.02
N LYS A 24 -6.85 -4.84 -13.32
CA LYS A 24 -5.71 -5.37 -14.07
C LYS A 24 -4.40 -5.14 -13.33
N ASN A 25 -4.29 -3.98 -12.68
CA ASN A 25 -3.09 -3.63 -11.95
C ASN A 25 -3.37 -3.58 -10.44
N CYS A 26 -2.68 -4.42 -9.69
CA CYS A 26 -2.87 -4.48 -8.24
C CYS A 26 -1.54 -4.24 -7.51
N THR A 27 -1.36 -3.03 -6.99
CA THR A 27 -0.14 -2.68 -6.28
C THR A 27 -0.46 -2.04 -4.93
N VAL A 28 0.49 -2.15 -3.99
CA VAL A 28 0.31 -1.59 -2.66
C VAL A 28 1.53 -0.77 -2.24
N TYR A 29 1.37 0.55 -2.22
CA TYR A 29 2.46 1.44 -1.83
C TYR A 29 2.43 1.74 -0.34
N CYS A 30 3.50 1.34 0.35
CA CYS A 30 3.60 1.55 1.79
C CYS A 30 4.59 2.67 2.10
N GLY A 31 4.07 3.79 2.59
CA GLY A 31 4.92 4.92 2.92
C GLY A 31 4.79 5.35 4.37
N GLY A 32 5.92 5.60 5.03
CA GLY A 32 5.89 6.00 6.42
C GLY A 32 7.11 5.54 7.18
N ILE A 33 7.37 4.24 7.15
CA ILE A 33 8.53 3.68 7.84
C ILE A 33 9.83 4.28 7.33
N ALA A 34 10.82 4.36 8.21
CA ALA A 34 12.12 4.92 7.85
C ALA A 34 13.24 4.27 8.64
N SER A 35 12.97 4.01 9.92
CA SER A 35 13.95 3.40 10.81
C SER A 35 13.53 1.97 11.18
N GLY A 36 12.71 1.36 10.34
CA GLY A 36 12.26 0.01 10.60
C GLY A 36 11.65 -0.65 9.37
N LEU A 37 12.21 -0.33 8.21
CA LEU A 37 11.72 -0.89 6.95
C LEU A 37 12.50 -2.15 6.57
N THR A 38 11.85 -3.29 6.66
CA THR A 38 12.48 -4.56 6.33
C THR A 38 11.52 -5.49 5.61
N ASP A 39 11.97 -6.08 4.51
CA ASP A 39 11.15 -7.00 3.73
C ASP A 39 10.29 -7.87 4.65
N GLN A 40 10.84 -8.20 5.81
CA GLN A 40 10.12 -9.04 6.77
C GLN A 40 8.90 -8.31 7.31
N LEU A 41 9.07 -7.05 7.67
CA LEU A 41 7.96 -6.25 8.20
C LEU A 41 6.79 -6.21 7.21
N MET A 42 7.08 -5.80 5.99
CA MET A 42 6.06 -5.70 4.95
C MET A 42 5.48 -7.08 4.66
N ARG A 43 6.35 -8.06 4.46
CA ARG A 43 5.91 -9.43 4.16
C ARG A 43 5.05 -9.97 5.28
N GLN A 44 5.39 -9.61 6.52
CA GLN A 44 4.64 -10.06 7.68
C GLN A 44 3.33 -9.29 7.83
N THR A 45 3.34 -8.03 7.40
CA THR A 45 2.17 -7.18 7.49
C THR A 45 1.15 -7.54 6.40
N PHE A 46 1.64 -7.88 5.22
CA PHE A 46 0.77 -8.26 4.11
C PHE A 46 0.62 -9.77 4.02
N SER A 47 1.46 -10.50 4.75
CA SER A 47 1.41 -11.95 4.75
C SER A 47 -0.02 -12.44 4.90
N PRO A 48 -0.65 -12.08 6.02
CA PRO A 48 -2.04 -12.47 6.30
C PRO A 48 -3.05 -11.79 5.39
N PHE A 49 -2.85 -10.50 5.18
CA PHE A 49 -3.75 -9.72 4.32
C PHE A 49 -3.97 -10.42 2.98
N GLY A 50 -3.04 -11.32 2.63
CA GLY A 50 -3.16 -12.06 1.39
C GLY A 50 -1.82 -12.57 0.89
N GLN A 51 -1.73 -12.83 -0.41
CA GLN A 51 -0.50 -13.33 -1.01
C GLN A 51 0.27 -12.19 -1.67
N ILE A 52 1.60 -12.27 -1.62
CA ILE A 52 2.45 -11.25 -2.21
C ILE A 52 3.32 -11.84 -3.33
N MET A 53 3.42 -11.13 -4.44
CA MET A 53 4.22 -11.58 -5.57
C MET A 53 5.65 -11.05 -5.47
N GLU A 54 5.79 -9.82 -4.98
CA GLU A 54 7.09 -9.19 -4.83
C GLU A 54 7.06 -8.11 -3.78
N ILE A 55 8.22 -7.84 -3.18
CA ILE A 55 8.33 -6.82 -2.14
C ILE A 55 9.60 -6.00 -2.31
N ARG A 56 9.45 -4.68 -2.28
CA ARG A 56 10.59 -3.78 -2.43
C ARG A 56 10.60 -2.72 -1.34
N VAL A 57 11.57 -2.82 -0.42
CA VAL A 57 11.68 -1.88 0.68
C VAL A 57 12.72 -0.80 0.38
N PHE A 58 12.38 0.45 0.66
CA PHE A 58 13.28 1.57 0.42
C PHE A 58 13.47 2.40 1.68
N PRO A 59 14.39 1.95 2.55
CA PRO A 59 14.68 2.64 3.81
C PRO A 59 15.40 3.97 3.59
N GLU A 60 15.68 4.29 2.33
CA GLU A 60 16.36 5.53 1.98
C GLU A 60 15.35 6.62 1.63
N LYS A 61 14.21 6.22 1.09
CA LYS A 61 13.17 7.15 0.71
C LYS A 61 12.06 7.20 1.76
N GLY A 62 11.82 6.07 2.41
CA GLY A 62 10.79 5.99 3.43
C GLY A 62 9.50 5.38 2.92
N TYR A 63 9.62 4.37 2.07
CA TYR A 63 8.46 3.70 1.50
C TYR A 63 8.82 2.29 1.04
N SER A 64 7.81 1.57 0.54
CA SER A 64 8.02 0.21 0.06
C SER A 64 6.99 -0.15 -1.00
N PHE A 65 7.18 -1.31 -1.62
CA PHE A 65 6.25 -1.78 -2.66
C PHE A 65 5.77 -3.19 -2.37
N VAL A 66 4.56 -3.50 -2.81
CA VAL A 66 3.97 -4.82 -2.60
C VAL A 66 2.87 -5.10 -3.61
N ARG A 67 3.11 -6.06 -4.50
CA ARG A 67 2.15 -6.43 -5.52
C ARG A 67 1.39 -7.68 -5.12
N PHE A 68 0.08 -7.68 -5.35
CA PHE A 68 -0.77 -8.82 -5.02
C PHE A 68 -1.25 -9.54 -6.27
N SER A 69 -1.62 -10.80 -6.12
CA SER A 69 -2.10 -11.60 -7.25
C SER A 69 -3.50 -11.17 -7.66
N THR A 70 -4.21 -10.52 -6.75
CA THR A 70 -5.56 -10.06 -7.01
C THR A 70 -5.76 -8.62 -6.56
N HIS A 71 -6.88 -8.02 -6.94
CA HIS A 71 -7.18 -6.64 -6.57
C HIS A 71 -7.88 -6.59 -5.22
N GLU A 72 -8.61 -7.66 -4.90
CA GLU A 72 -9.33 -7.73 -3.62
C GLU A 72 -8.37 -7.77 -2.44
N SER A 73 -7.47 -8.75 -2.47
CA SER A 73 -6.48 -8.90 -1.39
C SER A 73 -5.78 -7.59 -1.11
N ALA A 74 -5.36 -6.90 -2.16
CA ALA A 74 -4.67 -5.62 -2.02
C ALA A 74 -5.62 -4.54 -1.51
N ALA A 75 -6.88 -4.62 -1.93
CA ALA A 75 -7.89 -3.65 -1.51
C ALA A 75 -8.15 -3.75 -0.02
N HIS A 76 -8.11 -4.98 0.51
CA HIS A 76 -8.35 -5.21 1.93
C HIS A 76 -7.16 -4.74 2.76
N ALA A 77 -5.96 -5.04 2.29
CA ALA A 77 -4.74 -4.64 3.00
C ALA A 77 -4.58 -3.12 3.01
N ILE A 78 -4.96 -2.48 1.91
CA ILE A 78 -4.87 -1.03 1.80
C ILE A 78 -5.90 -0.34 2.67
N VAL A 79 -7.17 -0.52 2.34
CA VAL A 79 -8.27 0.07 3.10
C VAL A 79 -7.99 0.00 4.59
N SER A 80 -7.32 -1.06 5.02
CA SER A 80 -7.00 -1.25 6.43
C SER A 80 -5.69 -0.53 6.80
N VAL A 81 -4.59 -1.07 6.30
CA VAL A 81 -3.28 -0.48 6.57
C VAL A 81 -3.30 1.03 6.38
N ASN A 82 -4.28 1.51 5.63
CA ASN A 82 -4.43 2.95 5.38
C ASN A 82 -4.83 3.68 6.64
N GLY A 83 -3.83 4.08 7.43
CA GLY A 83 -4.10 4.80 8.67
C GLY A 83 -3.55 4.08 9.88
N THR A 84 -2.87 2.96 9.65
CA THR A 84 -2.29 2.17 10.74
C THR A 84 -0.92 2.70 11.13
N THR A 85 -0.46 2.32 12.32
CA THR A 85 0.84 2.75 12.81
C THR A 85 1.76 1.56 13.08
N ILE A 86 2.78 1.41 12.25
CA ILE A 86 3.72 0.31 12.40
C ILE A 86 5.02 0.79 13.06
N GLU A 87 5.36 0.18 14.19
CA GLU A 87 6.58 0.54 14.92
C GLU A 87 6.60 2.03 15.24
N GLY A 88 5.43 2.58 15.55
CA GLY A 88 5.33 3.98 15.88
C GLY A 88 5.45 4.87 14.65
N HIS A 89 5.34 4.26 13.47
CA HIS A 89 5.44 4.99 12.22
C HIS A 89 4.15 4.85 11.40
N VAL A 90 3.50 5.98 11.14
CA VAL A 90 2.25 5.97 10.38
C VAL A 90 2.50 5.52 8.94
N VAL A 91 2.03 4.31 8.62
CA VAL A 91 2.19 3.76 7.28
C VAL A 91 1.12 4.27 6.33
N LYS A 92 1.47 4.41 5.06
CA LYS A 92 0.53 4.89 4.05
C LYS A 92 0.34 3.86 2.95
N CYS A 93 -0.85 3.30 2.86
CA CYS A 93 -1.16 2.29 1.85
C CYS A 93 -1.88 2.93 0.65
N TYR A 94 -1.26 2.86 -0.51
CA TYR A 94 -1.84 3.43 -1.72
C TYR A 94 -1.77 2.44 -2.88
N TRP A 95 -2.26 2.87 -4.05
CA TRP A 95 -2.25 2.02 -5.23
C TRP A 95 -1.00 2.28 -6.07
N GLY A 96 0.07 1.55 -5.79
CA GLY A 96 1.30 1.71 -6.53
C GLY A 96 1.06 2.06 -7.99
N LYS A 97 0.99 1.03 -8.83
CA LYS A 97 0.76 1.23 -10.26
C LYS A 97 1.87 2.08 -10.87
N GLU A 98 2.94 1.43 -11.32
CA GLU A 98 4.06 2.14 -11.93
C GLU A 98 4.90 1.19 -12.79
N SER A 99 5.77 1.76 -13.60
CA SER A 99 6.64 0.97 -14.48
C SER A 99 7.83 1.79 -14.95
N PRO A 100 8.97 1.12 -15.17
CA PRO A 100 10.20 1.76 -15.63
C PRO A 100 10.10 2.23 -17.07
N ASP A 101 9.28 1.55 -17.87
CA ASP A 101 9.09 1.89 -19.27
C ASP A 101 7.72 2.53 -19.48
N MET A 102 7.63 3.84 -19.24
CA MET A 102 6.38 4.56 -19.41
C MET A 102 6.42 5.42 -20.67
N THR A 103 5.75 4.96 -21.71
CA THR A 103 5.72 5.69 -22.98
C THR A 103 4.35 6.34 -23.20
N SER A 104 4.35 7.48 -23.89
CA SER A 104 3.12 8.19 -24.17
C SER A 104 3.38 9.40 -25.07
N GLY A 105 2.30 9.99 -25.58
CA GLY A 105 2.43 11.14 -26.45
C GLY A 105 1.85 10.90 -27.82
N PRO A 106 1.28 11.96 -28.43
CA PRO A 106 0.66 11.88 -29.76
C PRO A 106 1.71 11.68 -30.86
N SER A 107 1.28 11.06 -31.95
CA SER A 107 2.17 10.81 -33.08
C SER A 107 1.43 10.98 -34.41
N SER A 108 2.08 11.63 -35.36
CA SER A 108 1.50 11.86 -36.67
C SER A 108 2.56 11.82 -37.76
N GLY A 109 3.68 12.48 -37.51
CA GLY A 109 4.77 12.51 -38.48
C GLY A 109 4.56 13.58 -39.53
N GLY A 1 -0.44 7.95 34.87
CA GLY A 1 -0.35 8.19 33.44
C GLY A 1 -1.45 9.09 32.93
N SER A 2 -1.30 9.55 31.68
CA SER A 2 -2.29 10.43 31.08
C SER A 2 -2.28 10.30 29.56
N SER A 3 -3.27 9.59 29.01
CA SER A 3 -3.36 9.39 27.58
C SER A 3 -4.81 9.40 27.12
N GLY A 4 -5.02 9.58 25.83
CA GLY A 4 -6.37 9.61 25.29
C GLY A 4 -6.61 10.78 24.36
N SER A 5 -7.79 10.84 23.76
CA SER A 5 -8.14 11.92 22.84
C SER A 5 -7.19 11.93 21.64
N SER A 6 -7.60 11.27 20.57
CA SER A 6 -6.78 11.20 19.37
C SER A 6 -7.39 12.04 18.25
N GLY A 7 -6.65 12.22 17.16
CA GLY A 7 -7.13 13.00 16.04
C GLY A 7 -8.10 12.24 15.16
N ASN A 8 -7.57 11.42 14.26
CA ASN A 8 -8.39 10.63 13.36
C ASN A 8 -7.63 9.40 12.85
N THR A 9 -8.37 8.39 12.41
CA THR A 9 -7.76 7.17 11.90
C THR A 9 -7.60 7.22 10.39
N LYS A 10 -8.53 7.89 9.72
CA LYS A 10 -8.49 8.02 8.27
C LYS A 10 -8.51 6.64 7.60
N GLN A 11 -9.68 6.23 7.15
CA GLN A 11 -9.83 4.93 6.49
C GLN A 11 -10.15 5.10 5.01
N LEU A 12 -10.26 3.99 4.30
CA LEU A 12 -10.57 4.01 2.88
C LEU A 12 -11.63 2.97 2.53
N ARG A 13 -12.70 3.43 1.89
CA ARG A 13 -13.78 2.53 1.50
C ARG A 13 -13.30 1.49 0.49
N PHE A 14 -13.48 0.22 0.83
CA PHE A 14 -13.06 -0.88 -0.04
C PHE A 14 -13.62 -0.68 -1.45
N GLU A 15 -14.91 -0.35 -1.53
CA GLU A 15 -15.56 -0.15 -2.83
C GLU A 15 -14.95 1.05 -3.55
N ASP A 16 -14.33 1.94 -2.80
CA ASP A 16 -13.71 3.13 -3.37
C ASP A 16 -12.26 2.85 -3.77
N VAL A 17 -11.61 1.97 -3.01
CA VAL A 17 -10.22 1.60 -3.28
C VAL A 17 -10.12 0.69 -4.49
N VAL A 18 -10.96 -0.33 -4.53
CA VAL A 18 -10.97 -1.28 -5.64
C VAL A 18 -11.28 -0.58 -6.96
N ASN A 19 -11.89 0.60 -6.88
CA ASN A 19 -12.23 1.36 -8.06
C ASN A 19 -11.15 2.38 -8.39
N GLN A 20 -10.44 2.83 -7.35
CA GLN A 20 -9.38 3.82 -7.52
C GLN A 20 -8.47 3.43 -8.69
N SER A 21 -8.18 2.15 -8.81
CA SER A 21 -7.32 1.66 -9.88
C SER A 21 -7.86 0.35 -10.46
N SER A 22 -7.66 0.16 -11.76
CA SER A 22 -8.13 -1.04 -12.43
C SER A 22 -7.71 -2.29 -11.68
N PRO A 23 -8.47 -3.39 -11.86
CA PRO A 23 -8.20 -4.66 -11.20
C PRO A 23 -6.93 -5.33 -11.74
N LYS A 24 -6.67 -5.15 -13.03
CA LYS A 24 -5.50 -5.73 -13.66
C LYS A 24 -4.23 -5.38 -12.88
N ASN A 25 -3.97 -4.09 -12.72
CA ASN A 25 -2.79 -3.62 -11.99
C ASN A 25 -3.08 -3.53 -10.50
N CYS A 26 -2.55 -4.48 -9.75
CA CYS A 26 -2.75 -4.51 -8.30
C CYS A 26 -1.44 -4.26 -7.56
N THR A 27 -1.27 -3.05 -7.06
CA THR A 27 -0.06 -2.68 -6.34
C THR A 27 -0.39 -2.02 -5.00
N VAL A 28 0.52 -2.16 -4.03
CA VAL A 28 0.32 -1.59 -2.71
C VAL A 28 1.52 -0.73 -2.31
N TYR A 29 1.32 0.58 -2.29
CA TYR A 29 2.38 1.51 -1.92
C TYR A 29 2.33 1.82 -0.43
N CYS A 30 3.37 1.41 0.29
CA CYS A 30 3.45 1.65 1.72
C CYS A 30 4.46 2.74 2.04
N GLY A 31 3.97 3.87 2.53
CA GLY A 31 4.85 4.98 2.86
C GLY A 31 4.69 5.44 4.30
N GLY A 32 5.82 5.64 4.98
CA GLY A 32 5.77 6.07 6.36
C GLY A 32 7.00 5.63 7.15
N ILE A 33 7.27 4.33 7.13
CA ILE A 33 8.41 3.78 7.85
C ILE A 33 9.72 4.41 7.36
N ALA A 34 10.64 4.63 8.28
CA ALA A 34 11.94 5.22 7.96
C ALA A 34 13.07 4.49 8.67
N SER A 35 12.88 4.21 9.94
CA SER A 35 13.88 3.51 10.73
C SER A 35 13.44 2.10 11.07
N GLY A 36 12.55 1.55 10.26
CA GLY A 36 12.05 0.21 10.49
C GLY A 36 11.47 -0.42 9.24
N LEU A 37 12.12 -0.18 8.10
CA LEU A 37 11.66 -0.73 6.83
C LEU A 37 12.47 -1.97 6.45
N THR A 38 11.81 -3.13 6.51
CA THR A 38 12.46 -4.39 6.17
C THR A 38 11.51 -5.33 5.45
N ASP A 39 12.03 -6.06 4.47
CA ASP A 39 11.21 -7.00 3.71
C ASP A 39 10.35 -7.86 4.63
N GLN A 40 10.97 -8.39 5.67
CA GLN A 40 10.26 -9.24 6.63
C GLN A 40 9.01 -8.53 7.16
N LEU A 41 9.18 -7.26 7.52
CA LEU A 41 8.06 -6.46 8.04
C LEU A 41 6.88 -6.48 7.08
N MET A 42 7.07 -5.91 5.90
CA MET A 42 6.02 -5.87 4.89
C MET A 42 5.52 -7.28 4.55
N ARG A 43 6.44 -8.24 4.58
CA ARG A 43 6.11 -9.62 4.26
C ARG A 43 5.27 -10.23 5.39
N GLN A 44 5.50 -9.77 6.62
CA GLN A 44 4.77 -10.28 7.77
C GLN A 44 3.51 -9.45 8.01
N THR A 45 3.49 -8.23 7.50
CA THR A 45 2.35 -7.34 7.66
C THR A 45 1.26 -7.67 6.64
N PHE A 46 1.65 -7.78 5.38
CA PHE A 46 0.71 -8.08 4.31
C PHE A 46 0.49 -9.59 4.18
N SER A 47 1.36 -10.37 4.83
CA SER A 47 1.27 -11.82 4.78
C SER A 47 -0.18 -12.27 4.87
N PRO A 48 -0.85 -11.94 5.99
CA PRO A 48 -2.25 -12.31 6.22
C PRO A 48 -3.20 -11.54 5.30
N PHE A 49 -3.05 -10.22 5.27
CA PHE A 49 -3.90 -9.37 4.44
C PHE A 49 -4.16 -10.03 3.08
N GLY A 50 -3.21 -10.85 2.64
CA GLY A 50 -3.36 -11.53 1.37
C GLY A 50 -2.06 -12.15 0.88
N GLN A 51 -1.99 -12.45 -0.41
CA GLN A 51 -0.80 -13.05 -0.99
C GLN A 51 0.12 -11.98 -1.59
N ILE A 52 1.42 -12.20 -1.49
CA ILE A 52 2.39 -11.25 -2.02
C ILE A 52 3.30 -11.92 -3.04
N MET A 53 3.45 -11.28 -4.20
CA MET A 53 4.29 -11.81 -5.26
C MET A 53 5.71 -11.26 -5.16
N GLU A 54 5.81 -9.95 -4.98
CA GLU A 54 7.11 -9.29 -4.86
C GLU A 54 7.06 -8.16 -3.85
N ILE A 55 8.19 -7.91 -3.20
CA ILE A 55 8.28 -6.85 -2.20
C ILE A 55 9.53 -6.00 -2.39
N ARG A 56 9.37 -4.69 -2.33
CA ARG A 56 10.49 -3.77 -2.50
C ARG A 56 10.50 -2.72 -1.39
N VAL A 57 11.44 -2.86 -0.46
CA VAL A 57 11.56 -1.91 0.64
C VAL A 57 12.64 -0.87 0.37
N PHE A 58 12.29 0.39 0.54
CA PHE A 58 13.23 1.49 0.31
C PHE A 58 13.45 2.29 1.59
N PRO A 59 14.37 1.80 2.44
CA PRO A 59 14.70 2.45 3.71
C PRO A 59 15.45 3.76 3.51
N GLU A 60 15.76 4.08 2.25
CA GLU A 60 16.47 5.31 1.93
C GLU A 60 15.49 6.44 1.61
N LYS A 61 14.34 6.08 1.07
CA LYS A 61 13.32 7.06 0.72
C LYS A 61 12.22 7.10 1.77
N GLY A 62 11.95 5.95 2.39
CA GLY A 62 10.92 5.88 3.41
C GLY A 62 9.62 5.31 2.88
N TYR A 63 9.72 4.33 1.98
CA TYR A 63 8.54 3.71 1.40
C TYR A 63 8.84 2.28 0.96
N SER A 64 7.79 1.53 0.64
CA SER A 64 7.96 0.15 0.21
C SER A 64 6.95 -0.18 -0.89
N PHE A 65 7.13 -1.35 -1.52
CA PHE A 65 6.24 -1.79 -2.58
C PHE A 65 5.78 -3.23 -2.35
N VAL A 66 4.50 -3.48 -2.63
CA VAL A 66 3.95 -4.82 -2.45
C VAL A 66 2.87 -5.10 -3.49
N ARG A 67 3.14 -6.04 -4.38
CA ARG A 67 2.19 -6.40 -5.43
C ARG A 67 1.42 -7.67 -5.05
N PHE A 68 0.11 -7.65 -5.29
CA PHE A 68 -0.74 -8.79 -4.96
C PHE A 68 -1.21 -9.50 -6.24
N SER A 69 -1.43 -10.79 -6.14
CA SER A 69 -1.88 -11.59 -7.28
C SER A 69 -3.28 -11.15 -7.73
N THR A 70 -3.98 -10.46 -6.84
CA THR A 70 -5.33 -9.99 -7.14
C THR A 70 -5.53 -8.56 -6.66
N HIS A 71 -6.64 -7.96 -7.07
CA HIS A 71 -6.95 -6.59 -6.67
C HIS A 71 -7.64 -6.55 -5.30
N GLU A 72 -8.46 -7.56 -5.03
CA GLU A 72 -9.17 -7.64 -3.76
C GLU A 72 -8.19 -7.69 -2.60
N SER A 73 -7.39 -8.75 -2.54
CA SER A 73 -6.41 -8.91 -1.48
C SER A 73 -5.75 -7.57 -1.13
N ALA A 74 -5.14 -6.95 -2.12
CA ALA A 74 -4.47 -5.67 -1.92
C ALA A 74 -5.44 -4.64 -1.35
N ALA A 75 -6.64 -4.58 -1.91
CA ALA A 75 -7.65 -3.63 -1.45
C ALA A 75 -7.96 -3.83 0.03
N HIS A 76 -7.84 -5.09 0.49
CA HIS A 76 -8.10 -5.40 1.89
C HIS A 76 -7.01 -4.84 2.80
N ALA A 77 -5.77 -4.91 2.33
CA ALA A 77 -4.64 -4.40 3.09
C ALA A 77 -4.61 -2.88 3.09
N ILE A 78 -4.97 -2.28 1.95
CA ILE A 78 -4.99 -0.84 1.82
C ILE A 78 -6.07 -0.22 2.71
N VAL A 79 -7.31 -0.67 2.53
CA VAL A 79 -8.43 -0.16 3.30
C VAL A 79 -8.12 -0.19 4.79
N SER A 80 -7.43 -1.23 5.24
CA SER A 80 -7.07 -1.38 6.64
C SER A 80 -5.78 -0.64 6.95
N VAL A 81 -4.67 -1.15 6.44
CA VAL A 81 -3.37 -0.54 6.66
C VAL A 81 -3.45 0.98 6.53
N ASN A 82 -4.31 1.45 5.66
CA ASN A 82 -4.49 2.89 5.44
C ASN A 82 -4.85 3.59 6.74
N GLY A 83 -3.86 4.18 7.39
CA GLY A 83 -4.10 4.87 8.64
C GLY A 83 -3.65 4.07 9.85
N THR A 84 -2.77 3.10 9.62
CA THR A 84 -2.27 2.26 10.69
C THR A 84 -0.88 2.69 11.13
N THR A 85 -0.50 2.34 12.36
CA THR A 85 0.80 2.70 12.90
C THR A 85 1.65 1.46 13.13
N ILE A 86 2.69 1.30 12.31
CA ILE A 86 3.58 0.16 12.44
C ILE A 86 4.91 0.56 13.09
N GLU A 87 5.23 -0.08 14.21
CA GLU A 87 6.47 0.22 14.93
C GLU A 87 6.51 1.68 15.38
N GLY A 88 5.33 2.29 15.47
CA GLY A 88 5.24 3.68 15.89
C GLY A 88 5.35 4.64 14.73
N HIS A 89 5.22 4.13 13.51
CA HIS A 89 5.30 4.95 12.31
C HIS A 89 4.04 4.81 11.47
N VAL A 90 3.41 5.94 11.17
CA VAL A 90 2.18 5.95 10.37
C VAL A 90 2.48 5.55 8.93
N VAL A 91 1.93 4.41 8.52
CA VAL A 91 2.13 3.91 7.16
C VAL A 91 1.05 4.44 6.22
N LYS A 92 1.37 4.54 4.94
CA LYS A 92 0.44 5.02 3.94
C LYS A 92 0.25 4.01 2.81
N CYS A 93 -0.95 3.43 2.74
CA CYS A 93 -1.25 2.44 1.71
C CYS A 93 -1.95 3.08 0.52
N TYR A 94 -1.34 2.97 -0.66
CA TYR A 94 -1.90 3.54 -1.88
C TYR A 94 -1.82 2.55 -3.03
N TRP A 95 -2.24 3.00 -4.21
CA TRP A 95 -2.22 2.16 -5.40
C TRP A 95 -0.97 2.44 -6.24
N GLY A 96 0.09 1.68 -5.99
CA GLY A 96 1.33 1.87 -6.73
C GLY A 96 1.08 2.25 -8.17
N LYS A 97 0.73 1.27 -8.99
CA LYS A 97 0.45 1.50 -10.41
C LYS A 97 1.71 1.99 -11.12
N GLU A 98 2.45 1.07 -11.73
CA GLU A 98 3.67 1.42 -12.44
C GLU A 98 3.42 1.50 -13.95
N SER A 99 3.78 2.64 -14.54
CA SER A 99 3.59 2.83 -15.97
C SER A 99 4.10 4.21 -16.40
N PRO A 100 5.39 4.27 -16.76
CA PRO A 100 6.03 5.51 -17.20
C PRO A 100 5.52 5.98 -18.56
N ASP A 101 5.58 7.28 -18.79
CA ASP A 101 5.13 7.87 -20.05
C ASP A 101 6.26 7.88 -21.08
N MET A 102 5.96 7.40 -22.28
CA MET A 102 6.94 7.35 -23.35
C MET A 102 6.32 7.81 -24.68
N THR A 103 6.71 9.00 -25.12
CA THR A 103 6.20 9.55 -26.37
C THR A 103 7.00 9.05 -27.57
N SER A 104 6.38 9.05 -28.74
CA SER A 104 7.04 8.60 -29.96
C SER A 104 6.22 8.96 -31.19
N GLY A 105 6.91 9.13 -32.32
CA GLY A 105 6.23 9.49 -33.55
C GLY A 105 6.60 8.57 -34.70
N PRO A 106 5.97 8.80 -35.87
CA PRO A 106 6.22 7.99 -37.07
C PRO A 106 7.62 8.22 -37.64
N SER A 107 8.02 7.35 -38.57
CA SER A 107 9.33 7.46 -39.20
C SER A 107 9.19 7.70 -40.69
N SER A 108 10.21 8.32 -41.29
CA SER A 108 10.21 8.61 -42.71
C SER A 108 11.47 8.07 -43.38
N GLY A 109 11.47 8.06 -44.71
CA GLY A 109 12.61 7.57 -45.45
C GLY A 109 12.20 6.74 -46.66
N GLY A 1 -13.39 9.05 24.67
CA GLY A 1 -12.42 9.95 24.07
C GLY A 1 -10.99 9.60 24.45
N SER A 2 -10.03 10.28 23.83
CA SER A 2 -8.62 10.03 24.11
C SER A 2 -7.74 10.97 23.31
N SER A 3 -8.02 11.06 22.01
CA SER A 3 -7.25 11.92 21.11
C SER A 3 -5.83 11.41 20.98
N GLY A 4 -5.27 11.52 19.77
CA GLY A 4 -3.91 11.07 19.53
C GLY A 4 -3.70 10.64 18.10
N SER A 5 -3.99 11.53 17.15
CA SER A 5 -3.83 11.23 15.73
C SER A 5 -3.46 12.49 14.96
N SER A 6 -2.56 12.32 13.99
CA SER A 6 -2.12 13.45 13.16
C SER A 6 -1.88 13.00 11.72
N GLY A 7 -1.29 11.82 11.57
CA GLY A 7 -1.03 11.31 10.23
C GLY A 7 -2.26 10.76 9.56
N ASN A 8 -3.07 11.65 8.99
CA ASN A 8 -4.30 11.25 8.31
C ASN A 8 -5.31 10.69 9.30
N THR A 9 -6.59 10.85 9.00
CA THR A 9 -7.66 10.36 9.86
C THR A 9 -8.94 10.14 9.07
N LYS A 10 -9.04 9.00 8.41
CA LYS A 10 -10.23 8.66 7.63
C LYS A 10 -10.07 7.31 6.94
N GLN A 11 -11.10 6.50 7.01
CA GLN A 11 -11.08 5.17 6.39
C GLN A 11 -11.60 5.22 4.97
N LEU A 12 -11.37 4.16 4.21
CA LEU A 12 -11.82 4.08 2.82
C LEU A 12 -12.52 2.76 2.56
N ARG A 13 -13.73 2.83 1.99
CA ARG A 13 -14.49 1.63 1.67
C ARG A 13 -13.79 0.80 0.61
N PHE A 14 -13.65 -0.49 0.88
CA PHE A 14 -12.99 -1.41 -0.06
C PHE A 14 -13.62 -1.31 -1.45
N GLU A 15 -14.94 -1.42 -1.48
CA GLU A 15 -15.67 -1.35 -2.75
C GLU A 15 -15.24 -0.14 -3.56
N ASP A 16 -14.71 0.86 -2.88
CA ASP A 16 -14.25 2.08 -3.54
C ASP A 16 -12.77 1.97 -3.93
N VAL A 17 -11.93 1.61 -2.97
CA VAL A 17 -10.50 1.46 -3.21
C VAL A 17 -10.25 0.55 -4.41
N VAL A 18 -11.12 -0.44 -4.59
CA VAL A 18 -10.98 -1.37 -5.70
C VAL A 18 -11.07 -0.66 -7.04
N ASN A 19 -12.04 0.23 -7.17
CA ASN A 19 -12.23 0.99 -8.40
C ASN A 19 -11.11 2.01 -8.60
N GLN A 20 -10.68 2.62 -7.49
CA GLN A 20 -9.62 3.62 -7.54
C GLN A 20 -8.53 3.21 -8.53
N SER A 21 -8.33 1.90 -8.68
CA SER A 21 -7.33 1.38 -9.59
C SER A 21 -7.85 0.15 -10.34
N SER A 22 -7.45 0.03 -11.60
CA SER A 22 -7.88 -1.11 -12.43
C SER A 22 -7.52 -2.43 -11.76
N PRO A 23 -8.33 -3.46 -12.05
CA PRO A 23 -8.12 -4.80 -11.49
C PRO A 23 -6.87 -5.48 -12.06
N LYS A 24 -6.57 -5.19 -13.32
CA LYS A 24 -5.41 -5.76 -13.98
C LYS A 24 -4.13 -5.41 -13.24
N ASN A 25 -4.09 -4.20 -12.69
CA ASN A 25 -2.92 -3.73 -11.95
C ASN A 25 -3.22 -3.61 -10.46
N CYS A 26 -2.70 -4.56 -9.68
CA CYS A 26 -2.92 -4.56 -8.24
C CYS A 26 -1.62 -4.34 -7.50
N THR A 27 -1.41 -3.13 -7.00
CA THR A 27 -0.20 -2.79 -6.27
C THR A 27 -0.52 -2.10 -4.95
N VAL A 28 0.40 -2.19 -4.00
CA VAL A 28 0.21 -1.57 -2.69
C VAL A 28 1.45 -0.78 -2.27
N TYR A 29 1.32 0.55 -2.29
CA TYR A 29 2.43 1.41 -1.92
C TYR A 29 2.37 1.77 -0.43
N CYS A 30 3.38 1.31 0.31
CA CYS A 30 3.43 1.57 1.75
C CYS A 30 4.44 2.68 2.06
N GLY A 31 3.93 3.80 2.57
CA GLY A 31 4.79 4.93 2.89
C GLY A 31 4.66 5.35 4.34
N GLY A 32 5.80 5.49 5.01
CA GLY A 32 5.79 5.89 6.41
C GLY A 32 7.04 5.43 7.15
N ILE A 33 7.33 4.14 7.04
CA ILE A 33 8.50 3.57 7.72
C ILE A 33 9.79 4.13 7.13
N ALA A 34 10.81 4.26 7.98
CA ALA A 34 12.11 4.78 7.55
C ALA A 34 13.24 4.14 8.33
N SER A 35 13.02 3.94 9.63
CA SER A 35 14.03 3.34 10.50
C SER A 35 13.75 1.86 10.71
N GLY A 36 12.50 1.46 10.46
CA GLY A 36 12.12 0.07 10.64
C GLY A 36 11.58 -0.55 9.37
N LEU A 37 12.20 -0.23 8.24
CA LEU A 37 11.77 -0.77 6.95
C LEU A 37 12.53 -2.04 6.61
N THR A 38 11.87 -3.19 6.72
CA THR A 38 12.48 -4.47 6.42
C THR A 38 11.50 -5.40 5.72
N ASP A 39 12.00 -6.20 4.79
CA ASP A 39 11.16 -7.14 4.05
C ASP A 39 10.34 -8.00 5.00
N GLN A 40 11.00 -8.51 6.04
CA GLN A 40 10.33 -9.35 7.02
C GLN A 40 9.14 -8.63 7.64
N LEU A 41 9.15 -7.31 7.56
CA LEU A 41 8.07 -6.50 8.11
C LEU A 41 6.89 -6.43 7.16
N MET A 42 7.14 -5.99 5.93
CA MET A 42 6.10 -5.88 4.92
C MET A 42 5.51 -7.26 4.61
N ARG A 43 6.39 -8.24 4.45
CA ARG A 43 5.96 -9.61 4.16
C ARG A 43 4.99 -10.13 5.21
N GLN A 44 5.35 -9.91 6.47
CA GLN A 44 4.52 -10.36 7.59
C GLN A 44 3.25 -9.52 7.70
N THR A 45 3.40 -8.21 7.53
CA THR A 45 2.27 -7.29 7.60
C THR A 45 1.24 -7.60 6.52
N PHE A 46 1.72 -7.96 5.34
CA PHE A 46 0.84 -8.28 4.22
C PHE A 46 0.60 -9.78 4.13
N SER A 47 1.47 -10.55 4.79
CA SER A 47 1.35 -12.00 4.79
C SER A 47 -0.11 -12.44 4.89
N PRO A 48 -0.77 -12.04 5.98
CA PRO A 48 -2.17 -12.37 6.23
C PRO A 48 -3.12 -11.64 5.29
N PHE A 49 -2.90 -10.34 5.13
CA PHE A 49 -3.72 -9.52 4.25
C PHE A 49 -3.91 -10.20 2.90
N GLY A 50 -3.03 -11.13 2.58
CA GLY A 50 -3.10 -11.83 1.31
C GLY A 50 -1.74 -12.27 0.81
N GLN A 51 -1.74 -13.02 -0.29
CA GLN A 51 -0.49 -13.50 -0.88
C GLN A 51 0.25 -12.38 -1.59
N ILE A 52 1.57 -12.46 -1.61
CA ILE A 52 2.40 -11.45 -2.26
C ILE A 52 3.24 -12.06 -3.38
N MET A 53 3.63 -11.23 -4.34
CA MET A 53 4.44 -11.69 -5.46
C MET A 53 5.85 -11.11 -5.38
N GLU A 54 5.95 -9.85 -4.98
CA GLU A 54 7.24 -9.19 -4.86
C GLU A 54 7.18 -8.04 -3.86
N ILE A 55 8.27 -7.84 -3.13
CA ILE A 55 8.34 -6.78 -2.13
C ILE A 55 9.58 -5.91 -2.33
N ARG A 56 9.40 -4.60 -2.24
CA ARG A 56 10.50 -3.67 -2.42
C ARG A 56 10.51 -2.63 -1.29
N VAL A 57 11.44 -2.78 -0.36
CA VAL A 57 11.56 -1.86 0.76
C VAL A 57 12.60 -0.78 0.47
N PHE A 58 12.21 0.47 0.67
CA PHE A 58 13.10 1.60 0.44
C PHE A 58 13.31 2.41 1.72
N PRO A 59 14.25 1.94 2.56
CA PRO A 59 14.57 2.60 3.83
C PRO A 59 15.28 3.93 3.62
N GLU A 60 15.55 4.27 2.37
CA GLU A 60 16.23 5.51 2.05
C GLU A 60 15.21 6.63 1.81
N LYS A 61 14.10 6.29 1.18
CA LYS A 61 13.05 7.26 0.88
C LYS A 61 11.94 7.20 1.94
N GLY A 62 11.70 6.00 2.46
CA GLY A 62 10.68 5.83 3.47
C GLY A 62 9.40 5.24 2.90
N TYR A 63 9.53 4.40 1.89
CA TYR A 63 8.38 3.77 1.25
C TYR A 63 8.71 2.34 0.83
N SER A 64 7.67 1.59 0.46
CA SER A 64 7.84 0.21 0.04
C SER A 64 6.86 -0.15 -1.07
N PHE A 65 7.11 -1.27 -1.75
CA PHE A 65 6.25 -1.72 -2.83
C PHE A 65 5.80 -3.17 -2.60
N VAL A 66 4.50 -3.39 -2.71
CA VAL A 66 3.94 -4.73 -2.52
C VAL A 66 2.86 -5.03 -3.55
N ARG A 67 3.18 -5.90 -4.49
CA ARG A 67 2.24 -6.28 -5.55
C ARG A 67 1.52 -7.58 -5.18
N PHE A 68 0.19 -7.54 -5.22
CA PHE A 68 -0.62 -8.71 -4.90
C PHE A 68 -1.06 -9.43 -6.18
N SER A 69 -1.29 -10.74 -6.06
CA SER A 69 -1.71 -11.54 -7.20
C SER A 69 -3.14 -11.20 -7.61
N THR A 70 -3.83 -10.44 -6.76
CA THR A 70 -5.20 -10.04 -7.03
C THR A 70 -5.46 -8.61 -6.56
N HIS A 71 -6.61 -8.08 -6.93
CA HIS A 71 -6.99 -6.72 -6.56
C HIS A 71 -7.66 -6.69 -5.19
N GLU A 72 -8.45 -7.72 -4.91
CA GLU A 72 -9.15 -7.81 -3.64
C GLU A 72 -8.17 -7.72 -2.46
N SER A 73 -7.25 -8.68 -2.41
CA SER A 73 -6.27 -8.72 -1.34
C SER A 73 -5.68 -7.33 -1.08
N ALA A 74 -5.20 -6.69 -2.15
CA ALA A 74 -4.62 -5.37 -2.05
C ALA A 74 -5.57 -4.40 -1.37
N ALA A 75 -6.76 -4.23 -1.94
CA ALA A 75 -7.77 -3.34 -1.38
C ALA A 75 -8.06 -3.67 0.07
N HIS A 76 -7.94 -4.95 0.42
CA HIS A 76 -8.18 -5.40 1.78
C HIS A 76 -7.10 -4.90 2.72
N ALA A 77 -5.86 -4.91 2.25
CA ALA A 77 -4.73 -4.44 3.04
C ALA A 77 -4.68 -2.92 3.11
N ILE A 78 -4.98 -2.27 2.00
CA ILE A 78 -4.97 -0.82 1.93
C ILE A 78 -6.07 -0.23 2.81
N VAL A 79 -7.31 -0.61 2.56
CA VAL A 79 -8.44 -0.12 3.34
C VAL A 79 -8.11 -0.13 4.83
N SER A 80 -7.37 -1.14 5.27
CA SER A 80 -7.00 -1.25 6.68
C SER A 80 -5.68 -0.52 6.95
N VAL A 81 -4.59 -1.10 6.47
CA VAL A 81 -3.26 -0.50 6.66
C VAL A 81 -3.31 1.01 6.47
N ASN A 82 -4.28 1.47 5.68
CA ASN A 82 -4.43 2.90 5.41
C ASN A 82 -4.78 3.66 6.69
N GLY A 83 -3.76 4.13 7.39
CA GLY A 83 -3.98 4.86 8.62
C GLY A 83 -3.53 4.09 9.85
N THR A 84 -2.65 3.11 9.63
CA THR A 84 -2.14 2.30 10.74
C THR A 84 -0.76 2.76 11.17
N THR A 85 -0.37 2.42 12.40
CA THR A 85 0.92 2.80 12.94
C THR A 85 1.79 1.58 13.18
N ILE A 86 2.87 1.45 12.39
CA ILE A 86 3.78 0.33 12.53
C ILE A 86 5.11 0.77 13.12
N GLU A 87 5.45 0.22 14.28
CA GLU A 87 6.71 0.56 14.95
C GLU A 87 6.76 2.05 15.26
N GLY A 88 5.60 2.65 15.48
CA GLY A 88 5.54 4.07 15.78
C GLY A 88 5.61 4.94 14.54
N HIS A 89 5.42 4.31 13.38
CA HIS A 89 5.47 5.04 12.11
C HIS A 89 4.15 4.88 11.34
N VAL A 90 3.56 6.01 10.97
CA VAL A 90 2.30 6.00 10.23
C VAL A 90 2.51 5.52 8.79
N VAL A 91 2.02 4.32 8.50
CA VAL A 91 2.15 3.76 7.17
C VAL A 91 1.05 4.27 6.23
N LYS A 92 1.39 4.42 4.96
CA LYS A 92 0.43 4.91 3.97
C LYS A 92 0.28 3.92 2.83
N CYS A 93 -0.90 3.32 2.72
CA CYS A 93 -1.19 2.35 1.68
C CYS A 93 -1.88 3.00 0.49
N TYR A 94 -1.27 2.89 -0.68
CA TYR A 94 -1.82 3.49 -1.89
C TYR A 94 -1.77 2.50 -3.05
N TRP A 95 -2.30 2.91 -4.19
CA TRP A 95 -2.32 2.07 -5.39
C TRP A 95 -1.05 2.27 -6.21
N GLY A 96 -0.06 1.42 -5.99
CA GLY A 96 1.19 1.52 -6.73
C GLY A 96 0.98 2.01 -8.15
N LYS A 97 0.69 1.08 -9.06
CA LYS A 97 0.48 1.42 -10.46
C LYS A 97 1.74 2.00 -11.09
N GLU A 98 2.64 1.12 -11.52
CA GLU A 98 3.89 1.55 -12.13
C GLU A 98 3.65 2.07 -13.55
N SER A 99 2.97 1.26 -14.36
CA SER A 99 2.69 1.63 -15.74
C SER A 99 3.96 1.76 -16.55
N PRO A 100 4.49 0.63 -17.03
CA PRO A 100 5.71 0.60 -17.84
C PRO A 100 5.52 1.22 -19.21
N ASP A 101 6.16 2.36 -19.43
CA ASP A 101 6.06 3.06 -20.71
C ASP A 101 7.44 3.21 -21.36
N MET A 102 7.44 3.45 -22.66
CA MET A 102 8.70 3.61 -23.39
C MET A 102 8.47 4.35 -24.71
N THR A 103 8.51 5.67 -24.65
CA THR A 103 8.31 6.50 -25.84
C THR A 103 9.54 6.49 -26.73
N SER A 104 9.38 5.93 -27.93
CA SER A 104 10.48 5.85 -28.89
C SER A 104 11.02 7.23 -29.21
N GLY A 105 12.33 7.41 -29.05
CA GLY A 105 12.94 8.69 -29.34
C GLY A 105 14.26 8.55 -30.08
N PRO A 106 14.55 9.51 -30.97
CA PRO A 106 15.79 9.52 -31.75
C PRO A 106 17.03 9.78 -30.90
N SER A 107 18.20 9.51 -31.46
CA SER A 107 19.45 9.71 -30.75
C SER A 107 20.57 10.06 -31.71
N SER A 108 21.61 10.73 -31.21
CA SER A 108 22.74 11.12 -32.03
C SER A 108 24.04 10.49 -31.51
N GLY A 109 25.06 10.48 -32.34
CA GLY A 109 26.33 9.91 -31.96
C GLY A 109 26.91 9.00 -33.03
N GLY A 1 -4.25 9.47 28.00
CA GLY A 1 -5.67 9.66 27.76
C GLY A 1 -5.93 10.65 26.64
N SER A 2 -7.21 10.89 26.34
CA SER A 2 -7.59 11.81 25.28
C SER A 2 -9.10 11.99 25.24
N SER A 3 -9.54 13.03 24.54
CA SER A 3 -10.97 13.32 24.41
C SER A 3 -11.39 13.37 22.95
N GLY A 4 -10.66 14.14 22.15
CA GLY A 4 -10.98 14.26 20.74
C GLY A 4 -12.10 15.24 20.48
N SER A 5 -11.74 16.46 20.07
CA SER A 5 -12.72 17.49 19.79
C SER A 5 -13.45 17.21 18.48
N SER A 6 -12.69 16.90 17.44
CA SER A 6 -13.26 16.61 16.13
C SER A 6 -12.58 15.39 15.50
N GLY A 7 -13.25 14.80 14.52
CA GLY A 7 -12.71 13.62 13.85
C GLY A 7 -13.09 12.34 14.55
N ASN A 8 -13.96 11.55 13.92
CA ASN A 8 -14.39 10.28 14.49
C ASN A 8 -14.61 9.24 13.40
N THR A 9 -13.95 9.43 12.26
CA THR A 9 -14.07 8.51 11.14
C THR A 9 -12.95 8.73 10.11
N LYS A 10 -12.17 7.69 9.87
CA LYS A 10 -11.07 7.78 8.91
C LYS A 10 -10.81 6.42 8.26
N GLN A 11 -11.21 6.29 7.00
CA GLN A 11 -11.03 5.04 6.27
C GLN A 11 -11.52 5.17 4.84
N LEU A 12 -11.24 4.16 4.03
CA LEU A 12 -11.66 4.16 2.63
C LEU A 12 -12.57 2.97 2.33
N ARG A 13 -13.66 3.23 1.60
CA ARG A 13 -14.61 2.19 1.25
C ARG A 13 -13.95 1.15 0.32
N PHE A 14 -13.98 -0.11 0.75
CA PHE A 14 -13.40 -1.19 -0.03
C PHE A 14 -13.87 -1.13 -1.48
N GLU A 15 -15.14 -0.81 -1.67
CA GLU A 15 -15.71 -0.71 -3.01
C GLU A 15 -15.10 0.45 -3.78
N ASP A 16 -14.67 1.48 -3.06
CA ASP A 16 -14.07 2.65 -3.69
C ASP A 16 -12.59 2.41 -3.98
N VAL A 17 -11.94 1.63 -3.12
CA VAL A 17 -10.53 1.32 -3.29
C VAL A 17 -10.32 0.36 -4.46
N VAL A 18 -11.28 -0.52 -4.68
CA VAL A 18 -11.20 -1.49 -5.77
C VAL A 18 -11.62 -0.87 -7.09
N ASN A 19 -11.18 0.36 -7.33
CA ASN A 19 -11.51 1.07 -8.56
C ASN A 19 -10.53 2.21 -8.81
N GLN A 20 -10.09 2.86 -7.74
CA GLN A 20 -9.16 3.97 -7.84
C GLN A 20 -8.18 3.74 -8.99
N SER A 21 -7.60 2.56 -9.05
CA SER A 21 -6.64 2.22 -10.10
C SER A 21 -7.11 1.00 -10.89
N SER A 22 -6.52 0.82 -12.07
CA SER A 22 -6.88 -0.30 -12.93
C SER A 22 -6.87 -1.61 -12.15
N PRO A 23 -7.79 -2.52 -12.51
CA PRO A 23 -7.90 -3.83 -11.86
C PRO A 23 -6.73 -4.75 -12.19
N LYS A 24 -6.41 -4.85 -13.47
CA LYS A 24 -5.31 -5.69 -13.92
C LYS A 24 -4.05 -5.43 -13.09
N ASN A 25 -3.78 -4.16 -12.83
CA ASN A 25 -2.61 -3.76 -12.05
C ASN A 25 -2.96 -3.64 -10.57
N CYS A 26 -2.44 -4.56 -9.77
CA CYS A 26 -2.70 -4.55 -8.32
C CYS A 26 -1.41 -4.32 -7.54
N THR A 27 -1.23 -3.10 -7.06
CA THR A 27 -0.03 -2.75 -6.29
C THR A 27 -0.40 -2.06 -4.98
N VAL A 28 0.48 -2.17 -3.99
CA VAL A 28 0.25 -1.57 -2.69
C VAL A 28 1.47 -0.78 -2.23
N TYR A 29 1.35 0.54 -2.25
CA TYR A 29 2.45 1.42 -1.83
C TYR A 29 2.38 1.69 -0.34
N CYS A 30 3.43 1.31 0.38
CA CYS A 30 3.50 1.52 1.82
C CYS A 30 4.49 2.62 2.17
N GLY A 31 3.99 3.76 2.62
CA GLY A 31 4.85 4.86 2.98
C GLY A 31 4.70 5.29 4.42
N GLY A 32 5.81 5.40 5.14
CA GLY A 32 5.77 5.79 6.54
C GLY A 32 7.01 5.36 7.30
N ILE A 33 7.35 4.09 7.19
CA ILE A 33 8.52 3.55 7.88
C ILE A 33 9.81 4.13 7.31
N ALA A 34 10.82 4.27 8.16
CA ALA A 34 12.10 4.81 7.74
C ALA A 34 13.25 4.13 8.47
N SER A 35 13.06 3.89 9.77
CA SER A 35 14.08 3.23 10.58
C SER A 35 13.74 1.77 10.81
N GLY A 36 12.53 1.38 10.45
CA GLY A 36 12.10 0.01 10.63
C GLY A 36 11.53 -0.60 9.36
N LEU A 37 12.17 -0.31 8.24
CA LEU A 37 11.72 -0.83 6.94
C LEU A 37 12.49 -2.08 6.56
N THR A 38 11.80 -3.23 6.57
CA THR A 38 12.42 -4.49 6.22
C THR A 38 11.43 -5.42 5.51
N ASP A 39 11.92 -6.14 4.52
CA ASP A 39 11.08 -7.07 3.76
C ASP A 39 10.25 -7.93 4.69
N GLN A 40 10.89 -8.44 5.74
CA GLN A 40 10.20 -9.28 6.72
C GLN A 40 8.97 -8.58 7.29
N LEU A 41 9.09 -7.27 7.50
CA LEU A 41 8.00 -6.48 8.04
C LEU A 41 6.81 -6.45 7.06
N MET A 42 7.05 -5.89 5.88
CA MET A 42 6.01 -5.80 4.87
C MET A 42 5.42 -7.18 4.57
N ARG A 43 6.27 -8.19 4.56
CA ARG A 43 5.83 -9.55 4.29
C ARG A 43 4.91 -10.06 5.40
N GLN A 44 5.35 -9.90 6.65
CA GLN A 44 4.56 -10.33 7.79
C GLN A 44 3.32 -9.46 7.98
N THR A 45 3.39 -8.25 7.45
CA THR A 45 2.27 -7.31 7.56
C THR A 45 1.20 -7.61 6.52
N PHE A 46 1.63 -7.99 5.32
CA PHE A 46 0.71 -8.31 4.24
C PHE A 46 0.48 -9.82 4.15
N SER A 47 1.33 -10.58 4.82
CA SER A 47 1.23 -12.04 4.80
C SER A 47 -0.21 -12.48 4.97
N PRO A 48 -0.83 -12.07 6.08
CA PRO A 48 -2.22 -12.41 6.39
C PRO A 48 -3.21 -11.72 5.46
N PHE A 49 -2.89 -10.49 5.07
CA PHE A 49 -3.74 -9.71 4.18
C PHE A 49 -3.92 -10.43 2.84
N GLY A 50 -2.99 -11.33 2.53
CA GLY A 50 -3.07 -12.06 1.27
C GLY A 50 -1.72 -12.56 0.81
N GLN A 51 -1.66 -13.07 -0.41
CA GLN A 51 -0.42 -13.60 -0.97
C GLN A 51 0.37 -12.49 -1.66
N ILE A 52 1.68 -12.49 -1.45
CA ILE A 52 2.55 -11.48 -2.04
C ILE A 52 3.48 -12.10 -3.08
N MET A 53 3.75 -11.36 -4.15
CA MET A 53 4.63 -11.85 -5.21
C MET A 53 6.02 -11.24 -5.08
N GLU A 54 6.08 -9.91 -5.05
CA GLU A 54 7.35 -9.20 -4.93
C GLU A 54 7.26 -8.08 -3.90
N ILE A 55 8.36 -7.83 -3.20
CA ILE A 55 8.40 -6.79 -2.19
C ILE A 55 9.66 -5.94 -2.33
N ARG A 56 9.47 -4.63 -2.44
CA ARG A 56 10.60 -3.70 -2.58
C ARG A 56 10.57 -2.65 -1.47
N VAL A 57 11.50 -2.77 -0.52
CA VAL A 57 11.59 -1.83 0.58
C VAL A 57 12.62 -0.74 0.30
N PHE A 58 12.25 0.50 0.61
CA PHE A 58 13.15 1.63 0.38
C PHE A 58 13.40 2.39 1.69
N PRO A 59 14.36 1.90 2.48
CA PRO A 59 14.72 2.52 3.77
C PRO A 59 15.41 3.87 3.59
N GLU A 60 15.69 4.22 2.34
CA GLU A 60 16.36 5.49 2.04
C GLU A 60 15.33 6.54 1.60
N LYS A 61 14.23 6.08 1.02
CA LYS A 61 13.18 6.98 0.56
C LYS A 61 12.07 7.09 1.59
N GLY A 62 11.86 6.02 2.35
CA GLY A 62 10.83 6.02 3.37
C GLY A 62 9.53 5.40 2.86
N TYR A 63 9.65 4.44 1.95
CA TYR A 63 8.48 3.77 1.39
C TYR A 63 8.84 2.36 0.92
N SER A 64 7.83 1.62 0.47
CA SER A 64 8.03 0.26 -0.01
C SER A 64 7.02 -0.09 -1.10
N PHE A 65 7.19 -1.26 -1.70
CA PHE A 65 6.29 -1.72 -2.75
C PHE A 65 5.85 -3.15 -2.52
N VAL A 66 4.56 -3.41 -2.68
CA VAL A 66 4.01 -4.74 -2.49
C VAL A 66 2.91 -5.04 -3.51
N ARG A 67 3.22 -5.92 -4.45
CA ARG A 67 2.26 -6.29 -5.49
C ARG A 67 1.60 -7.63 -5.17
N PHE A 68 0.27 -7.63 -5.12
CA PHE A 68 -0.49 -8.84 -4.81
C PHE A 68 -0.91 -9.55 -6.09
N SER A 69 -1.26 -10.83 -5.97
CA SER A 69 -1.68 -11.63 -7.11
C SER A 69 -3.09 -11.25 -7.55
N THR A 70 -3.82 -10.59 -6.65
CA THR A 70 -5.19 -10.18 -6.93
C THR A 70 -5.43 -8.73 -6.49
N HIS A 71 -6.53 -8.15 -6.97
CA HIS A 71 -6.88 -6.78 -6.61
C HIS A 71 -7.69 -6.74 -5.33
N GLU A 72 -8.31 -7.86 -4.99
CA GLU A 72 -9.13 -7.95 -3.78
C GLU A 72 -8.28 -7.74 -2.53
N SER A 73 -7.34 -8.66 -2.31
CA SER A 73 -6.46 -8.58 -1.15
C SER A 73 -5.85 -7.18 -1.03
N ALA A 74 -5.11 -6.77 -2.05
CA ALA A 74 -4.47 -5.46 -2.06
C ALA A 74 -5.43 -4.39 -1.53
N ALA A 75 -6.69 -4.47 -1.94
CA ALA A 75 -7.69 -3.50 -1.52
C ALA A 75 -8.03 -3.68 -0.05
N HIS A 76 -7.99 -4.93 0.41
CA HIS A 76 -8.30 -5.24 1.81
C HIS A 76 -7.19 -4.76 2.73
N ALA A 77 -5.95 -4.89 2.27
CA ALA A 77 -4.80 -4.46 3.06
C ALA A 77 -4.68 -2.94 3.09
N ILE A 78 -5.14 -2.30 2.01
CA ILE A 78 -5.09 -0.85 1.91
C ILE A 78 -6.12 -0.20 2.84
N VAL A 79 -7.38 -0.57 2.65
CA VAL A 79 -8.46 -0.01 3.47
C VAL A 79 -8.11 -0.08 4.95
N SER A 80 -7.34 -1.10 5.33
CA SER A 80 -6.94 -1.26 6.73
C SER A 80 -5.64 -0.52 7.01
N VAL A 81 -4.55 -1.02 6.44
CA VAL A 81 -3.23 -0.41 6.64
C VAL A 81 -3.31 1.10 6.44
N ASN A 82 -4.27 1.55 5.64
CA ASN A 82 -4.44 2.96 5.37
C ASN A 82 -4.83 3.72 6.64
N GLY A 83 -3.83 4.24 7.35
CA GLY A 83 -4.10 4.97 8.58
C GLY A 83 -3.65 4.22 9.81
N THR A 84 -2.83 3.19 9.61
CA THR A 84 -2.32 2.38 10.72
C THR A 84 -0.94 2.84 11.15
N THR A 85 -0.52 2.41 12.33
CA THR A 85 0.78 2.78 12.86
C THR A 85 1.64 1.55 13.12
N ILE A 86 2.80 1.48 12.45
CA ILE A 86 3.70 0.35 12.61
C ILE A 86 5.04 0.80 13.18
N GLU A 87 5.42 0.20 14.31
CA GLU A 87 6.67 0.54 14.97
C GLU A 87 6.72 2.02 15.34
N GLY A 88 5.54 2.64 15.42
CA GLY A 88 5.46 4.04 15.77
C GLY A 88 5.56 4.95 14.55
N HIS A 89 5.34 4.37 13.37
CA HIS A 89 5.40 5.12 12.12
C HIS A 89 4.11 4.97 11.32
N VAL A 90 3.48 6.09 11.01
CA VAL A 90 2.23 6.09 10.26
C VAL A 90 2.46 5.58 8.83
N VAL A 91 1.96 4.38 8.55
CA VAL A 91 2.10 3.79 7.23
C VAL A 91 1.03 4.30 6.27
N LYS A 92 1.39 4.44 5.01
CA LYS A 92 0.45 4.92 3.99
C LYS A 92 0.27 3.87 2.89
N CYS A 93 -0.93 3.31 2.81
CA CYS A 93 -1.23 2.31 1.80
C CYS A 93 -1.92 2.94 0.58
N TYR A 94 -1.30 2.79 -0.58
CA TYR A 94 -1.85 3.35 -1.81
C TYR A 94 -1.72 2.36 -2.97
N TRP A 95 -2.13 2.80 -4.15
CA TRP A 95 -2.05 1.95 -5.33
C TRP A 95 -0.78 2.23 -6.12
N GLY A 96 0.23 1.39 -5.93
CA GLY A 96 1.49 1.56 -6.63
C GLY A 96 1.30 1.68 -8.12
N LYS A 97 1.62 2.85 -8.67
CA LYS A 97 1.49 3.10 -10.10
C LYS A 97 2.40 4.23 -10.54
N GLU A 98 2.03 5.46 -10.19
CA GLU A 98 2.82 6.63 -10.55
C GLU A 98 4.31 6.36 -10.36
N SER A 99 5.12 6.83 -11.30
CA SER A 99 6.56 6.65 -11.24
C SER A 99 7.26 7.93 -10.81
N PRO A 100 8.36 7.79 -10.05
CA PRO A 100 9.14 8.92 -9.57
C PRO A 100 9.90 9.64 -10.68
N ASP A 101 10.20 8.89 -11.74
CA ASP A 101 10.91 9.46 -12.88
C ASP A 101 10.29 9.00 -14.20
N MET A 102 9.52 9.89 -14.82
CA MET A 102 8.86 9.59 -16.08
C MET A 102 9.41 10.44 -17.21
N THR A 103 9.25 9.98 -18.44
CA THR A 103 9.74 10.71 -19.61
C THR A 103 8.61 11.51 -20.26
N SER A 104 8.44 12.76 -19.81
CA SER A 104 7.40 13.62 -20.35
C SER A 104 7.72 15.09 -20.07
N GLY A 105 7.48 15.93 -21.06
CA GLY A 105 7.75 17.35 -20.90
C GLY A 105 6.95 17.98 -19.77
N PRO A 106 7.55 18.97 -19.10
CA PRO A 106 6.90 19.66 -17.99
C PRO A 106 5.74 20.54 -18.45
N SER A 107 4.96 21.05 -17.49
CA SER A 107 3.83 21.90 -17.80
C SER A 107 3.44 22.76 -16.59
N SER A 108 2.62 23.77 -16.83
CA SER A 108 2.17 24.67 -15.76
C SER A 108 3.31 25.56 -15.29
N GLY A 109 2.98 26.56 -14.47
CA GLY A 109 4.00 27.46 -13.97
C GLY A 109 3.45 28.38 -12.90
N GLY A 1 5.55 28.07 11.50
CA GLY A 1 4.76 26.89 11.81
C GLY A 1 4.04 26.34 10.60
N SER A 2 4.36 25.09 10.24
CA SER A 2 3.74 24.46 9.08
C SER A 2 2.38 23.86 9.46
N SER A 3 1.55 23.63 8.45
CA SER A 3 0.22 23.06 8.67
C SER A 3 0.04 21.78 7.87
N GLY A 4 -1.02 21.03 8.19
CA GLY A 4 -1.29 19.79 7.48
C GLY A 4 -2.61 19.17 7.88
N SER A 5 -3.26 18.49 6.94
CA SER A 5 -4.54 17.85 7.21
C SER A 5 -4.48 17.04 8.49
N SER A 6 -5.64 16.86 9.12
CA SER A 6 -5.72 16.10 10.36
C SER A 6 -6.78 14.99 10.26
N GLY A 7 -6.36 13.75 10.49
CA GLY A 7 -7.28 12.63 10.42
C GLY A 7 -7.09 11.65 11.55
N ASN A 8 -8.11 11.55 12.41
CA ASN A 8 -8.05 10.64 13.55
C ASN A 8 -7.99 9.19 13.09
N THR A 9 -8.96 8.79 12.27
CA THR A 9 -9.02 7.43 11.76
C THR A 9 -8.84 7.40 10.24
N LYS A 10 -9.60 8.24 9.54
CA LYS A 10 -9.52 8.31 8.09
C LYS A 10 -9.53 6.92 7.47
N GLN A 11 -10.70 6.47 7.04
CA GLN A 11 -10.84 5.16 6.43
C GLN A 11 -11.41 5.27 5.02
N LEU A 12 -11.26 4.21 4.23
CA LEU A 12 -11.76 4.19 2.87
C LEU A 12 -12.61 2.94 2.62
N ARG A 13 -13.71 3.11 1.90
CA ARG A 13 -14.61 2.00 1.59
C ARG A 13 -13.94 1.04 0.61
N PHE A 14 -14.08 -0.25 0.89
CA PHE A 14 -13.49 -1.28 0.03
C PHE A 14 -13.96 -1.12 -1.41
N GLU A 15 -15.13 -0.51 -1.59
CA GLU A 15 -15.68 -0.28 -2.92
C GLU A 15 -14.94 0.84 -3.64
N ASP A 16 -14.46 1.82 -2.88
CA ASP A 16 -13.73 2.94 -3.44
C ASP A 16 -12.28 2.56 -3.73
N VAL A 17 -11.70 1.76 -2.84
CA VAL A 17 -10.32 1.32 -2.99
C VAL A 17 -10.18 0.33 -4.15
N VAL A 18 -11.22 -0.47 -4.35
CA VAL A 18 -11.21 -1.46 -5.42
C VAL A 18 -11.71 -0.86 -6.73
N ASN A 19 -11.33 0.39 -6.99
CA ASN A 19 -11.74 1.08 -8.21
C ASN A 19 -10.75 2.18 -8.57
N GLN A 20 -10.21 2.84 -7.55
CA GLN A 20 -9.25 3.92 -7.76
C GLN A 20 -8.33 3.60 -8.94
N SER A 21 -7.76 2.40 -8.93
CA SER A 21 -6.86 1.97 -9.98
C SER A 21 -7.41 0.74 -10.71
N SER A 22 -7.00 0.57 -11.97
CA SER A 22 -7.46 -0.55 -12.78
C SER A 22 -7.28 -1.87 -12.02
N PRO A 23 -8.12 -2.86 -12.33
CA PRO A 23 -8.08 -4.17 -11.70
C PRO A 23 -6.84 -4.97 -12.10
N LYS A 24 -6.44 -4.85 -13.36
CA LYS A 24 -5.28 -5.55 -13.87
C LYS A 24 -4.06 -5.29 -12.99
N ASN A 25 -3.64 -4.02 -12.92
CA ASN A 25 -2.49 -3.64 -12.11
C ASN A 25 -2.88 -3.51 -10.64
N CYS A 26 -2.39 -4.43 -9.82
CA CYS A 26 -2.68 -4.41 -8.40
C CYS A 26 -1.41 -4.25 -7.58
N THR A 27 -1.18 -3.04 -7.08
CA THR A 27 0.02 -2.75 -6.29
C THR A 27 -0.35 -2.04 -4.99
N VAL A 28 0.49 -2.20 -3.97
CA VAL A 28 0.25 -1.57 -2.68
C VAL A 28 1.48 -0.78 -2.23
N TYR A 29 1.36 0.54 -2.26
CA TYR A 29 2.47 1.42 -1.85
C TYR A 29 2.41 1.69 -0.36
N CYS A 30 3.48 1.32 0.35
CA CYS A 30 3.55 1.52 1.78
C CYS A 30 4.53 2.65 2.12
N GLY A 31 3.99 3.78 2.56
CA GLY A 31 4.83 4.92 2.91
C GLY A 31 4.68 5.32 4.37
N GLY A 32 5.80 5.47 5.06
CA GLY A 32 5.78 5.85 6.46
C GLY A 32 7.03 5.45 7.20
N ILE A 33 7.39 4.17 7.11
CA ILE A 33 8.58 3.67 7.79
C ILE A 33 9.84 4.31 7.21
N ALA A 34 10.81 4.56 8.08
CA ALA A 34 12.08 5.16 7.67
C ALA A 34 13.26 4.51 8.37
N SER A 35 13.10 4.25 9.66
CA SER A 35 14.16 3.62 10.45
C SER A 35 13.77 2.21 10.86
N GLY A 36 12.89 1.59 10.08
CA GLY A 36 12.45 0.24 10.38
C GLY A 36 11.79 -0.43 9.18
N LEU A 37 12.34 -0.18 7.99
CA LEU A 37 11.79 -0.76 6.77
C LEU A 37 12.55 -2.04 6.39
N THR A 38 11.91 -3.19 6.60
CA THR A 38 12.51 -4.47 6.29
C THR A 38 11.54 -5.35 5.50
N ASP A 39 12.08 -6.07 4.52
CA ASP A 39 11.26 -6.96 3.70
C ASP A 39 10.38 -7.85 4.56
N GLN A 40 10.94 -8.37 5.65
CA GLN A 40 10.21 -9.24 6.55
C GLN A 40 9.02 -8.50 7.16
N LEU A 41 9.20 -7.22 7.45
CA LEU A 41 8.14 -6.40 8.03
C LEU A 41 6.93 -6.34 7.10
N MET A 42 7.16 -5.87 5.88
CA MET A 42 6.08 -5.76 4.89
C MET A 42 5.50 -7.13 4.57
N ARG A 43 6.37 -8.13 4.47
CA ARG A 43 5.94 -9.49 4.17
C ARG A 43 5.05 -10.04 5.28
N GLN A 44 5.39 -9.70 6.52
CA GLN A 44 4.62 -10.16 7.68
C GLN A 44 3.31 -9.40 7.80
N THR A 45 3.37 -8.09 7.55
CA THR A 45 2.18 -7.25 7.64
C THR A 45 1.17 -7.61 6.55
N PHE A 46 1.66 -7.84 5.34
CA PHE A 46 0.80 -8.19 4.22
C PHE A 46 0.61 -9.71 4.14
N SER A 47 1.47 -10.45 4.84
CA SER A 47 1.41 -11.90 4.83
C SER A 47 -0.04 -12.38 4.99
N PRO A 48 -0.66 -12.01 6.11
CA PRO A 48 -2.05 -12.39 6.42
C PRO A 48 -3.05 -11.68 5.51
N PHE A 49 -2.87 -10.38 5.33
CA PHE A 49 -3.75 -9.59 4.49
C PHE A 49 -3.99 -10.27 3.14
N GLY A 50 -3.09 -11.18 2.79
CA GLY A 50 -3.22 -11.90 1.53
C GLY A 50 -1.88 -12.41 1.02
N GLN A 51 -1.87 -12.90 -0.21
CA GLN A 51 -0.66 -13.43 -0.82
C GLN A 51 0.16 -12.31 -1.46
N ILE A 52 1.48 -12.42 -1.36
CA ILE A 52 2.38 -11.42 -1.93
C ILE A 52 3.27 -12.02 -3.01
N MET A 53 3.44 -11.30 -4.10
CA MET A 53 4.27 -11.76 -5.21
C MET A 53 5.70 -11.24 -5.08
N GLU A 54 5.83 -9.92 -4.92
CA GLU A 54 7.14 -9.29 -4.79
C GLU A 54 7.07 -8.09 -3.83
N ILE A 55 8.12 -7.92 -3.04
CA ILE A 55 8.19 -6.82 -2.09
C ILE A 55 9.45 -5.99 -2.28
N ARG A 56 9.31 -4.67 -2.23
CA ARG A 56 10.43 -3.77 -2.41
C ARG A 56 10.47 -2.72 -1.30
N VAL A 57 11.44 -2.84 -0.40
CA VAL A 57 11.58 -1.90 0.71
C VAL A 57 12.61 -0.84 0.39
N PHE A 58 12.22 0.42 0.55
CA PHE A 58 13.11 1.55 0.28
C PHE A 58 13.36 2.36 1.55
N PRO A 59 14.33 1.89 2.36
CA PRO A 59 14.70 2.55 3.61
C PRO A 59 15.41 3.88 3.38
N GLU A 60 15.67 4.19 2.12
CA GLU A 60 16.35 5.43 1.76
C GLU A 60 15.33 6.54 1.47
N LYS A 61 14.13 6.13 1.08
CA LYS A 61 13.07 7.08 0.77
C LYS A 61 12.00 7.09 1.85
N GLY A 62 11.76 5.92 2.45
CA GLY A 62 10.77 5.81 3.49
C GLY A 62 9.48 5.18 3.01
N TYR A 63 9.58 4.38 1.95
CA TYR A 63 8.40 3.72 1.38
C TYR A 63 8.75 2.32 0.90
N SER A 64 7.71 1.54 0.58
CA SER A 64 7.90 0.18 0.11
C SER A 64 6.93 -0.16 -1.01
N PHE A 65 7.08 -1.33 -1.59
CA PHE A 65 6.20 -1.77 -2.68
C PHE A 65 5.76 -3.22 -2.47
N VAL A 66 4.44 -3.44 -2.52
CA VAL A 66 3.89 -4.77 -2.33
C VAL A 66 2.82 -5.07 -3.38
N ARG A 67 3.14 -5.96 -4.30
CA ARG A 67 2.21 -6.34 -5.36
C ARG A 67 1.46 -7.62 -5.00
N PHE A 68 0.14 -7.54 -4.97
CA PHE A 68 -0.69 -8.70 -4.64
C PHE A 68 -1.10 -9.45 -5.90
N SER A 69 -1.33 -10.75 -5.76
CA SER A 69 -1.73 -11.59 -6.88
C SER A 69 -3.16 -11.26 -7.32
N THR A 70 -3.87 -10.50 -6.50
CA THR A 70 -5.24 -10.12 -6.80
C THR A 70 -5.54 -8.71 -6.31
N HIS A 71 -6.44 -8.03 -6.99
CA HIS A 71 -6.83 -6.67 -6.62
C HIS A 71 -7.61 -6.66 -5.31
N GLU A 72 -8.49 -7.64 -5.15
CA GLU A 72 -9.31 -7.74 -3.95
C GLU A 72 -8.42 -7.78 -2.70
N SER A 73 -7.41 -8.63 -2.72
CA SER A 73 -6.49 -8.77 -1.60
C SER A 73 -5.84 -7.43 -1.25
N ALA A 74 -5.18 -6.83 -2.24
CA ALA A 74 -4.53 -5.54 -2.04
C ALA A 74 -5.48 -4.53 -1.40
N ALA A 75 -6.63 -4.34 -2.01
CA ALA A 75 -7.62 -3.40 -1.51
C ALA A 75 -7.85 -3.60 -0.02
N HIS A 76 -8.12 -4.84 0.38
CA HIS A 76 -8.36 -5.17 1.78
C HIS A 76 -7.23 -4.64 2.66
N ALA A 77 -5.99 -5.01 2.32
CA ALA A 77 -4.83 -4.58 3.07
C ALA A 77 -4.70 -3.06 3.06
N ILE A 78 -5.10 -2.44 1.95
CA ILE A 78 -5.04 -1.00 1.81
C ILE A 78 -6.03 -0.31 2.74
N VAL A 79 -7.32 -0.58 2.51
CA VAL A 79 -8.38 0.01 3.33
C VAL A 79 -8.03 -0.05 4.81
N SER A 80 -7.34 -1.13 5.20
CA SER A 80 -6.96 -1.32 6.59
C SER A 80 -5.62 -0.63 6.88
N VAL A 81 -4.54 -1.19 6.34
CA VAL A 81 -3.21 -0.63 6.53
C VAL A 81 -3.19 0.87 6.27
N ASN A 82 -4.21 1.35 5.55
CA ASN A 82 -4.31 2.76 5.23
C ASN A 82 -4.71 3.58 6.46
N GLY A 83 -3.74 3.86 7.32
CA GLY A 83 -4.01 4.63 8.52
C GLY A 83 -3.54 3.92 9.78
N THR A 84 -2.72 2.89 9.60
CA THR A 84 -2.20 2.13 10.73
C THR A 84 -0.88 2.70 11.22
N THR A 85 -0.38 2.15 12.33
CA THR A 85 0.88 2.62 12.90
C THR A 85 1.81 1.46 13.21
N ILE A 86 2.90 1.35 12.44
CA ILE A 86 3.86 0.28 12.63
C ILE A 86 5.18 0.82 13.18
N GLU A 87 5.56 0.34 14.36
CA GLU A 87 6.80 0.77 15.00
C GLU A 87 6.77 2.28 15.26
N GLY A 88 5.62 2.79 15.70
CA GLY A 88 5.50 4.19 15.98
C GLY A 88 5.59 5.05 14.74
N HIS A 89 5.39 4.42 13.58
CA HIS A 89 5.45 5.13 12.30
C HIS A 89 4.17 4.93 11.50
N VAL A 90 3.53 6.05 11.14
CA VAL A 90 2.29 5.99 10.37
C VAL A 90 2.55 5.55 8.94
N VAL A 91 2.00 4.38 8.58
CA VAL A 91 2.17 3.85 7.24
C VAL A 91 1.09 4.35 6.30
N LYS A 92 1.39 4.40 5.00
CA LYS A 92 0.44 4.86 4.00
C LYS A 92 0.27 3.82 2.90
N CYS A 93 -0.94 3.26 2.80
CA CYS A 93 -1.23 2.26 1.78
C CYS A 93 -1.93 2.88 0.58
N TYR A 94 -1.30 2.78 -0.58
CA TYR A 94 -1.86 3.34 -1.80
C TYR A 94 -1.75 2.36 -2.96
N TRP A 95 -2.19 2.77 -4.14
CA TRP A 95 -2.14 1.92 -5.32
C TRP A 95 -0.88 2.20 -6.13
N GLY A 96 0.13 1.36 -5.95
CA GLY A 96 1.37 1.54 -6.68
C GLY A 96 1.17 2.07 -8.08
N LYS A 97 0.81 1.18 -9.00
CA LYS A 97 0.59 1.56 -10.39
C LYS A 97 1.64 2.55 -10.86
N GLU A 98 2.90 2.24 -10.58
CA GLU A 98 4.01 3.09 -10.98
C GLU A 98 4.30 2.95 -12.48
N SER A 99 4.11 1.74 -13.00
CA SER A 99 4.35 1.47 -14.41
C SER A 99 3.42 2.29 -15.29
N PRO A 100 3.98 2.91 -16.34
CA PRO A 100 3.22 3.73 -17.28
C PRO A 100 2.27 2.91 -18.14
N ASP A 101 2.46 1.59 -18.13
CA ASP A 101 1.63 0.68 -18.91
C ASP A 101 0.17 1.13 -18.87
N MET A 102 -0.28 1.80 -19.92
CA MET A 102 -1.66 2.27 -20.00
C MET A 102 -2.41 1.55 -21.12
N THR A 103 -3.66 1.21 -20.84
CA THR A 103 -4.50 0.53 -21.83
C THR A 103 -5.96 0.54 -21.42
N SER A 104 -6.85 0.50 -22.40
CA SER A 104 -8.29 0.50 -22.13
C SER A 104 -8.97 -0.69 -22.78
N GLY A 105 -9.56 -1.55 -21.96
CA GLY A 105 -10.24 -2.73 -22.47
C GLY A 105 -11.03 -3.45 -21.40
N PRO A 106 -12.26 -3.00 -21.17
CA PRO A 106 -13.15 -3.60 -20.16
C PRO A 106 -13.64 -4.98 -20.57
N SER A 107 -14.38 -5.63 -19.67
CA SER A 107 -14.90 -6.97 -19.93
C SER A 107 -16.14 -7.24 -19.08
N SER A 108 -15.98 -7.16 -17.77
CA SER A 108 -17.08 -7.39 -16.85
C SER A 108 -17.11 -6.35 -15.74
N GLY A 109 -18.12 -6.43 -14.88
CA GLY A 109 -18.24 -5.48 -13.80
C GLY A 109 -17.85 -4.07 -14.20
N GLY A 1 -10.45 15.03 35.56
CA GLY A 1 -9.33 14.45 34.85
C GLY A 1 -8.09 15.33 34.89
N SER A 2 -7.24 15.19 33.89
CA SER A 2 -6.01 15.98 33.82
C SER A 2 -5.94 16.76 32.51
N SER A 3 -5.80 16.05 31.40
CA SER A 3 -5.72 16.67 30.09
C SER A 3 -5.71 15.62 28.98
N GLY A 4 -6.31 15.97 27.84
CA GLY A 4 -6.37 15.03 26.73
C GLY A 4 -7.50 15.35 25.77
N SER A 5 -7.21 15.28 24.47
CA SER A 5 -8.21 15.57 23.45
C SER A 5 -7.61 15.41 22.06
N SER A 6 -8.42 14.88 21.13
CA SER A 6 -7.97 14.68 19.76
C SER A 6 -9.15 14.34 18.85
N GLY A 7 -8.90 14.31 17.55
CA GLY A 7 -9.94 14.01 16.59
C GLY A 7 -9.42 13.84 15.19
N ASN A 8 -9.63 12.65 14.61
CA ASN A 8 -9.17 12.37 13.26
C ASN A 8 -9.81 11.10 12.73
N THR A 9 -10.48 11.21 11.58
CA THR A 9 -11.14 10.07 10.96
C THR A 9 -11.05 10.13 9.44
N LYS A 10 -10.62 9.03 8.83
CA LYS A 10 -10.49 8.96 7.38
C LYS A 10 -10.40 7.51 6.91
N GLN A 11 -11.52 6.98 6.42
CA GLN A 11 -11.57 5.61 5.94
C GLN A 11 -11.93 5.56 4.46
N LEU A 12 -11.50 4.50 3.78
CA LEU A 12 -11.78 4.33 2.36
C LEU A 12 -12.63 3.10 2.11
N ARG A 13 -13.79 3.29 1.49
CA ARG A 13 -14.70 2.19 1.18
C ARG A 13 -14.06 1.21 0.21
N PHE A 14 -14.02 -0.07 0.60
CA PHE A 14 -13.43 -1.11 -0.24
C PHE A 14 -13.96 -1.03 -1.66
N GLU A 15 -15.27 -0.81 -1.79
CA GLU A 15 -15.91 -0.71 -3.09
C GLU A 15 -15.26 0.39 -3.93
N ASP A 16 -14.84 1.45 -3.27
CA ASP A 16 -14.20 2.57 -3.95
C ASP A 16 -12.72 2.30 -4.19
N VAL A 17 -12.11 1.55 -3.27
CA VAL A 17 -10.69 1.21 -3.38
C VAL A 17 -10.45 0.23 -4.52
N VAL A 18 -11.44 -0.62 -4.79
CA VAL A 18 -11.34 -1.60 -5.86
C VAL A 18 -11.71 -0.99 -7.21
N ASN A 19 -11.43 0.29 -7.37
CA ASN A 19 -11.73 0.99 -8.62
C ASN A 19 -10.67 2.05 -8.93
N GLN A 20 -10.18 2.70 -7.88
CA GLN A 20 -9.17 3.74 -8.03
C GLN A 20 -8.21 3.39 -9.17
N SER A 21 -7.81 2.12 -9.25
CA SER A 21 -6.89 1.66 -10.27
C SER A 21 -7.45 0.43 -10.98
N SER A 22 -7.10 0.28 -12.25
CA SER A 22 -7.55 -0.86 -13.04
C SER A 22 -7.49 -2.15 -12.23
N PRO A 23 -8.40 -3.09 -12.54
CA PRO A 23 -8.46 -4.38 -11.85
C PRO A 23 -7.29 -5.28 -12.18
N LYS A 24 -6.62 -4.98 -13.30
CA LYS A 24 -5.46 -5.77 -13.73
C LYS A 24 -4.23 -5.41 -12.91
N ASN A 25 -3.94 -4.10 -12.83
CA ASN A 25 -2.78 -3.63 -12.08
C ASN A 25 -3.11 -3.52 -10.59
N CYS A 26 -2.51 -4.41 -9.79
CA CYS A 26 -2.74 -4.43 -8.35
C CYS A 26 -1.44 -4.17 -7.59
N THR A 27 -1.28 -2.94 -7.10
CA THR A 27 -0.07 -2.57 -6.36
C THR A 27 -0.43 -1.90 -5.04
N VAL A 28 0.45 -2.02 -4.06
CA VAL A 28 0.24 -1.43 -2.74
C VAL A 28 1.45 -0.62 -2.30
N TYR A 29 1.30 0.70 -2.32
CA TYR A 29 2.39 1.59 -1.91
C TYR A 29 2.33 1.87 -0.42
N CYS A 30 3.25 1.27 0.33
CA CYS A 30 3.31 1.45 1.78
C CYS A 30 4.43 2.42 2.16
N GLY A 31 4.05 3.59 2.65
CA GLY A 31 5.03 4.58 3.04
C GLY A 31 4.82 5.10 4.45
N GLY A 32 5.86 5.03 5.27
CA GLY A 32 5.76 5.48 6.65
C GLY A 32 6.98 5.12 7.47
N ILE A 33 7.37 3.85 7.40
CA ILE A 33 8.52 3.36 8.15
C ILE A 33 9.81 4.03 7.66
N ALA A 34 10.77 4.17 8.58
CA ALA A 34 12.06 4.78 8.24
C ALA A 34 13.20 4.08 8.96
N SER A 35 12.98 3.72 10.21
CA SER A 35 14.00 3.05 11.01
C SER A 35 13.58 1.62 11.33
N GLY A 36 12.71 1.06 10.48
CA GLY A 36 12.24 -0.30 10.69
C GLY A 36 11.67 -0.91 9.42
N LEU A 37 12.25 -0.57 8.28
CA LEU A 37 11.79 -1.08 7.00
C LEU A 37 12.59 -2.32 6.59
N THR A 38 11.93 -3.47 6.56
CA THR A 38 12.57 -4.72 6.19
C THR A 38 11.61 -5.63 5.43
N ASP A 39 12.10 -6.25 4.37
CA ASP A 39 11.28 -7.15 3.56
C ASP A 39 10.45 -8.07 4.46
N GLN A 40 10.96 -8.35 5.65
CA GLN A 40 10.26 -9.21 6.59
C GLN A 40 9.05 -8.50 7.19
N LEU A 41 9.22 -7.23 7.52
CA LEU A 41 8.14 -6.44 8.10
C LEU A 41 6.94 -6.38 7.16
N MET A 42 7.15 -5.82 5.97
CA MET A 42 6.09 -5.71 4.98
C MET A 42 5.50 -7.07 4.66
N ARG A 43 6.36 -8.09 4.58
CA ARG A 43 5.92 -9.45 4.29
C ARG A 43 4.99 -9.97 5.38
N GLN A 44 5.38 -9.76 6.64
CA GLN A 44 4.59 -10.21 7.77
C GLN A 44 3.30 -9.41 7.88
N THR A 45 3.40 -8.09 7.68
CA THR A 45 2.24 -7.21 7.76
C THR A 45 1.23 -7.54 6.68
N PHE A 46 1.71 -7.74 5.45
CA PHE A 46 0.84 -8.05 4.32
C PHE A 46 0.64 -9.56 4.21
N SER A 47 1.50 -10.32 4.86
CA SER A 47 1.42 -11.78 4.83
C SER A 47 -0.04 -12.24 4.91
N PRO A 48 -0.70 -11.89 6.03
CA PRO A 48 -2.10 -12.25 6.25
C PRO A 48 -3.05 -11.52 5.32
N PHE A 49 -2.90 -10.20 5.25
CA PHE A 49 -3.74 -9.37 4.39
C PHE A 49 -3.98 -10.04 3.04
N GLY A 50 -3.07 -10.94 2.67
CA GLY A 50 -3.20 -11.64 1.40
C GLY A 50 -1.87 -12.13 0.87
N GLN A 51 -1.91 -12.88 -0.24
CA GLN A 51 -0.70 -13.42 -0.84
C GLN A 51 0.08 -12.32 -1.56
N ILE A 52 1.41 -12.40 -1.48
CA ILE A 52 2.27 -11.42 -2.13
C ILE A 52 3.09 -12.06 -3.25
N MET A 53 3.47 -11.26 -4.23
CA MET A 53 4.25 -11.74 -5.36
C MET A 53 5.66 -11.16 -5.33
N GLU A 54 5.75 -9.87 -5.01
CA GLU A 54 7.05 -9.19 -4.95
C GLU A 54 7.02 -8.08 -3.90
N ILE A 55 8.14 -7.92 -3.21
CA ILE A 55 8.26 -6.89 -2.17
C ILE A 55 9.51 -6.04 -2.38
N ARG A 56 9.33 -4.72 -2.35
CA ARG A 56 10.43 -3.79 -2.54
C ARG A 56 10.50 -2.79 -1.39
N VAL A 57 11.46 -2.98 -0.49
CA VAL A 57 11.63 -2.10 0.66
C VAL A 57 12.69 -1.04 0.38
N PHE A 58 12.33 0.22 0.63
CA PHE A 58 13.25 1.33 0.40
C PHE A 58 13.53 2.08 1.70
N PRO A 59 14.48 1.56 2.49
CA PRO A 59 14.87 2.16 3.76
C PRO A 59 15.61 3.49 3.59
N GLU A 60 15.84 3.85 2.33
CA GLU A 60 16.53 5.11 2.02
C GLU A 60 15.54 6.21 1.68
N LYS A 61 14.32 5.81 1.33
CA LYS A 61 13.28 6.76 0.97
C LYS A 61 12.16 6.77 2.01
N GLY A 62 11.96 5.62 2.66
CA GLY A 62 10.93 5.52 3.68
C GLY A 62 9.62 4.98 3.11
N TYR A 63 9.72 4.13 2.10
CA TYR A 63 8.54 3.55 1.47
C TYR A 63 8.84 2.14 0.96
N SER A 64 7.78 1.42 0.58
CA SER A 64 7.92 0.06 0.08
C SER A 64 6.88 -0.23 -0.99
N PHE A 65 7.12 -1.28 -1.76
CA PHE A 65 6.20 -1.67 -2.83
C PHE A 65 5.76 -3.12 -2.67
N VAL A 66 4.44 -3.33 -2.66
CA VAL A 66 3.88 -4.68 -2.51
C VAL A 66 2.86 -4.97 -3.60
N ARG A 67 3.22 -5.88 -4.51
CA ARG A 67 2.33 -6.25 -5.60
C ARG A 67 1.58 -7.54 -5.28
N PHE A 68 0.26 -7.46 -5.24
CA PHE A 68 -0.57 -8.62 -4.94
C PHE A 68 -1.04 -9.30 -6.23
N SER A 69 -1.37 -10.58 -6.13
CA SER A 69 -1.83 -11.34 -7.29
C SER A 69 -3.35 -11.23 -7.44
N THR A 70 -3.99 -10.68 -6.42
CA THR A 70 -5.44 -10.53 -6.42
C THR A 70 -5.85 -9.14 -5.95
N HIS A 71 -6.36 -8.32 -6.87
CA HIS A 71 -6.78 -6.97 -6.54
C HIS A 71 -7.49 -6.93 -5.19
N GLU A 72 -8.31 -7.94 -4.92
CA GLU A 72 -9.04 -8.02 -3.66
C GLU A 72 -8.10 -7.86 -2.47
N SER A 73 -7.30 -8.89 -2.21
CA SER A 73 -6.35 -8.86 -1.11
C SER A 73 -5.75 -7.46 -0.94
N ALA A 74 -5.28 -6.89 -2.04
CA ALA A 74 -4.68 -5.56 -2.01
C ALA A 74 -5.65 -4.54 -1.41
N ALA A 75 -6.82 -4.41 -2.03
CA ALA A 75 -7.83 -3.47 -1.57
C ALA A 75 -8.14 -3.68 -0.09
N HIS A 76 -7.92 -4.91 0.39
CA HIS A 76 -8.17 -5.25 1.79
C HIS A 76 -7.05 -4.73 2.68
N ALA A 77 -5.82 -4.85 2.20
CA ALA A 77 -4.65 -4.39 2.96
C ALA A 77 -4.59 -2.87 2.99
N ILE A 78 -5.05 -2.24 1.92
CA ILE A 78 -5.04 -0.79 1.82
C ILE A 78 -6.09 -0.17 2.74
N VAL A 79 -7.35 -0.57 2.54
CA VAL A 79 -8.44 -0.06 3.35
C VAL A 79 -8.13 -0.16 4.83
N SER A 80 -7.30 -1.13 5.19
CA SER A 80 -6.91 -1.35 6.58
C SER A 80 -5.63 -0.60 6.91
N VAL A 81 -4.52 -1.09 6.34
CA VAL A 81 -3.22 -0.47 6.58
C VAL A 81 -3.29 1.05 6.47
N ASN A 82 -4.10 1.53 5.52
CA ASN A 82 -4.27 2.96 5.31
C ASN A 82 -4.74 3.64 6.58
N GLY A 83 -3.79 4.08 7.41
CA GLY A 83 -4.14 4.74 8.64
C GLY A 83 -3.73 3.94 9.86
N THR A 84 -2.78 3.02 9.69
CA THR A 84 -2.31 2.19 10.78
C THR A 84 -0.96 2.66 11.29
N THR A 85 -0.57 2.16 12.46
CA THR A 85 0.70 2.55 13.07
C THR A 85 1.64 1.35 13.15
N ILE A 86 2.56 1.25 12.18
CA ILE A 86 3.52 0.17 12.15
C ILE A 86 4.82 0.55 12.84
N GLU A 87 5.21 -0.23 13.84
CA GLU A 87 6.44 0.03 14.58
C GLU A 87 6.45 1.46 15.12
N GLY A 88 5.27 2.00 15.37
CA GLY A 88 5.15 3.35 15.88
C GLY A 88 5.25 4.40 14.79
N HIS A 89 5.09 3.96 13.55
CA HIS A 89 5.15 4.87 12.41
C HIS A 89 3.91 4.73 11.53
N VAL A 90 3.25 5.86 11.27
CA VAL A 90 2.04 5.86 10.45
C VAL A 90 2.38 5.53 9.00
N VAL A 91 1.89 4.37 8.54
CA VAL A 91 2.13 3.94 7.17
C VAL A 91 0.96 4.30 6.26
N LYS A 92 1.26 4.61 5.01
CA LYS A 92 0.23 4.98 4.04
C LYS A 92 0.17 3.97 2.90
N CYS A 93 -1.01 3.39 2.69
CA CYS A 93 -1.19 2.40 1.63
C CYS A 93 -1.92 3.01 0.44
N TYR A 94 -1.26 3.01 -0.72
CA TYR A 94 -1.84 3.57 -1.93
C TYR A 94 -1.76 2.58 -3.08
N TRP A 95 -2.23 3.00 -4.25
CA TRP A 95 -2.22 2.14 -5.43
C TRP A 95 -0.97 2.40 -6.27
N GLY A 96 0.05 1.58 -6.07
CA GLY A 96 1.29 1.73 -6.81
C GLY A 96 1.05 2.22 -8.23
N LYS A 97 0.18 1.54 -8.95
CA LYS A 97 -0.14 1.90 -10.33
C LYS A 97 1.10 2.45 -11.04
N GLU A 98 2.25 1.87 -10.76
CA GLU A 98 3.50 2.30 -11.37
C GLU A 98 3.68 1.67 -12.75
N SER A 99 3.68 0.33 -12.79
CA SER A 99 3.85 -0.40 -14.04
C SER A 99 5.11 0.06 -14.77
N PRO A 100 6.26 -0.48 -14.34
CA PRO A 100 7.56 -0.15 -14.94
C PRO A 100 7.70 -0.70 -16.36
N ASP A 101 7.93 0.18 -17.31
CA ASP A 101 8.09 -0.21 -18.70
C ASP A 101 9.57 -0.34 -19.06
N MET A 102 9.85 -1.13 -20.09
CA MET A 102 11.22 -1.34 -20.54
C MET A 102 11.32 -1.26 -22.06
N THR A 103 12.55 -1.27 -22.58
CA THR A 103 12.77 -1.21 -24.02
C THR A 103 13.83 -2.20 -24.45
N SER A 104 14.96 -2.21 -23.75
CA SER A 104 16.06 -3.12 -24.07
C SER A 104 16.51 -2.94 -25.51
N GLY A 105 17.73 -2.43 -25.68
CA GLY A 105 18.27 -2.21 -27.01
C GLY A 105 19.48 -3.09 -27.29
N PRO A 106 19.51 -3.69 -28.50
CA PRO A 106 20.61 -4.56 -28.92
C PRO A 106 21.90 -3.79 -29.16
N SER A 107 23.01 -4.52 -29.25
CA SER A 107 24.31 -3.90 -29.49
C SER A 107 25.07 -4.63 -30.59
N SER A 108 25.06 -5.96 -30.52
CA SER A 108 25.75 -6.78 -31.51
C SER A 108 24.86 -7.91 -32.01
N GLY A 109 24.71 -8.01 -33.32
CA GLY A 109 23.89 -9.05 -33.90
C GLY A 109 22.42 -8.88 -33.55
N GLY A 1 -7.27 -8.57 16.13
CA GLY A 1 -7.18 -7.38 16.94
C GLY A 1 -5.76 -6.82 16.98
N SER A 2 -4.86 -7.54 17.63
CA SER A 2 -3.47 -7.10 17.73
C SER A 2 -3.39 -5.71 18.38
N SER A 3 -2.17 -5.25 18.61
CA SER A 3 -1.94 -3.95 19.22
C SER A 3 -1.53 -2.93 18.17
N GLY A 4 -2.29 -1.84 18.06
CA GLY A 4 -1.99 -0.80 17.10
C GLY A 4 -3.21 -0.33 16.35
N SER A 5 -3.98 0.55 16.97
CA SER A 5 -5.20 1.09 16.36
C SER A 5 -5.28 2.59 16.54
N SER A 6 -4.88 3.33 15.52
CA SER A 6 -4.90 4.79 15.57
C SER A 6 -4.76 5.38 14.17
N GLY A 7 -5.73 6.19 13.77
CA GLY A 7 -5.70 6.81 12.46
C GLY A 7 -7.08 6.88 11.82
N ASN A 8 -8.07 7.29 12.60
CA ASN A 8 -9.43 7.40 12.10
C ASN A 8 -9.77 8.85 11.75
N THR A 9 -10.14 9.07 10.49
CA THR A 9 -10.48 10.41 10.02
C THR A 9 -11.46 10.34 8.86
N LYS A 10 -11.10 9.57 7.83
CA LYS A 10 -11.94 9.42 6.65
C LYS A 10 -12.00 7.96 6.20
N GLN A 11 -10.84 7.35 6.05
CA GLN A 11 -10.76 5.95 5.63
C GLN A 11 -11.13 5.81 4.16
N LEU A 12 -11.03 4.58 3.65
CA LEU A 12 -11.36 4.31 2.24
C LEU A 12 -12.28 3.10 2.14
N ARG A 13 -13.42 3.29 1.50
CA ARG A 13 -14.40 2.22 1.32
C ARG A 13 -13.84 1.15 0.38
N PHE A 14 -13.81 -0.09 0.87
CA PHE A 14 -13.31 -1.21 0.07
C PHE A 14 -13.83 -1.14 -1.35
N GLU A 15 -15.10 -0.79 -1.50
CA GLU A 15 -15.72 -0.68 -2.82
C GLU A 15 -15.02 0.38 -3.67
N ASP A 16 -14.64 1.49 -3.02
CA ASP A 16 -13.97 2.58 -3.72
C ASP A 16 -12.51 2.24 -3.97
N VAL A 17 -11.91 1.49 -3.05
CA VAL A 17 -10.51 1.09 -3.18
C VAL A 17 -10.32 0.12 -4.34
N VAL A 18 -11.34 -0.70 -4.59
CA VAL A 18 -11.28 -1.67 -5.68
C VAL A 18 -11.70 -1.05 -6.99
N ASN A 19 -11.32 0.20 -7.20
CA ASN A 19 -11.65 0.91 -8.44
C ASN A 19 -10.69 2.06 -8.69
N GLN A 20 -10.26 2.71 -7.61
CA GLN A 20 -9.34 3.84 -7.71
C GLN A 20 -8.34 3.62 -8.85
N SER A 21 -7.78 2.42 -8.92
CA SER A 21 -6.82 2.09 -9.97
C SER A 21 -7.25 0.84 -10.73
N SER A 22 -6.78 0.72 -11.97
CA SER A 22 -7.12 -0.43 -12.81
C SER A 22 -7.08 -1.73 -12.00
N PRO A 23 -8.02 -2.63 -12.29
CA PRO A 23 -8.11 -3.92 -11.61
C PRO A 23 -6.96 -4.85 -11.97
N LYS A 24 -6.45 -4.71 -13.20
CA LYS A 24 -5.35 -5.54 -13.67
C LYS A 24 -4.08 -5.26 -12.86
N ASN A 25 -3.72 -3.99 -12.77
CA ASN A 25 -2.52 -3.60 -12.03
C ASN A 25 -2.82 -3.47 -10.53
N CYS A 26 -2.41 -4.47 -9.76
CA CYS A 26 -2.64 -4.46 -8.32
C CYS A 26 -1.34 -4.23 -7.57
N THR A 27 -1.15 -3.00 -7.07
CA THR A 27 0.05 -2.65 -6.33
C THR A 27 -0.30 -1.96 -5.02
N VAL A 28 0.53 -2.19 -4.00
CA VAL A 28 0.32 -1.60 -2.69
C VAL A 28 1.54 -0.80 -2.23
N TYR A 29 1.41 0.52 -2.24
CA TYR A 29 2.50 1.40 -1.84
C TYR A 29 2.44 1.68 -0.35
N CYS A 30 3.51 1.31 0.36
CA CYS A 30 3.59 1.52 1.80
C CYS A 30 4.59 2.64 2.14
N GLY A 31 4.06 3.78 2.57
CA GLY A 31 4.91 4.90 2.92
C GLY A 31 4.76 5.32 4.36
N GLY A 32 5.89 5.51 5.04
CA GLY A 32 5.87 5.91 6.44
C GLY A 32 7.10 5.45 7.20
N ILE A 33 7.35 4.14 7.17
CA ILE A 33 8.50 3.58 7.86
C ILE A 33 9.80 4.13 7.30
N ALA A 34 10.82 4.22 8.14
CA ALA A 34 12.13 4.72 7.73
C ALA A 34 13.25 4.10 8.56
N SER A 35 12.99 3.92 9.85
CA SER A 35 13.98 3.34 10.75
C SER A 35 13.69 1.86 10.99
N GLY A 36 12.54 1.40 10.52
CA GLY A 36 12.16 0.01 10.70
C GLY A 36 11.58 -0.59 9.43
N LEU A 37 12.17 -0.24 8.29
CA LEU A 37 11.70 -0.75 7.00
C LEU A 37 12.48 -2.00 6.60
N THR A 38 11.81 -3.15 6.63
CA THR A 38 12.43 -4.41 6.26
C THR A 38 11.47 -5.30 5.49
N ASP A 39 12.00 -6.02 4.50
CA ASP A 39 11.19 -6.91 3.68
C ASP A 39 10.39 -7.87 4.56
N GLN A 40 10.94 -8.20 5.73
CA GLN A 40 10.27 -9.11 6.65
C GLN A 40 9.06 -8.45 7.28
N LEU A 41 9.12 -7.12 7.42
CA LEU A 41 8.02 -6.37 8.02
C LEU A 41 6.81 -6.34 7.09
N MET A 42 7.04 -5.91 5.85
CA MET A 42 5.98 -5.84 4.85
C MET A 42 5.42 -7.22 4.54
N ARG A 43 6.31 -8.20 4.45
CA ARG A 43 5.90 -9.58 4.17
C ARG A 43 4.96 -10.11 5.23
N GLN A 44 5.32 -9.88 6.50
CA GLN A 44 4.51 -10.33 7.62
C GLN A 44 3.24 -9.49 7.75
N THR A 45 3.39 -8.18 7.61
CA THR A 45 2.27 -7.27 7.72
C THR A 45 1.20 -7.59 6.67
N PHE A 46 1.64 -7.93 5.46
CA PHE A 46 0.73 -8.27 4.38
C PHE A 46 0.52 -9.77 4.28
N SER A 47 1.47 -10.53 4.83
CA SER A 47 1.40 -11.99 4.79
C SER A 47 -0.04 -12.46 4.92
N PRO A 48 -0.70 -12.07 6.02
CA PRO A 48 -2.09 -12.45 6.29
C PRO A 48 -3.07 -11.76 5.36
N PHE A 49 -2.87 -10.46 5.14
CA PHE A 49 -3.73 -9.69 4.25
C PHE A 49 -3.92 -10.40 2.91
N GLY A 50 -3.00 -11.32 2.61
CA GLY A 50 -3.09 -12.05 1.36
C GLY A 50 -1.72 -12.49 0.85
N GLN A 51 -1.71 -13.15 -0.29
CA GLN A 51 -0.46 -13.63 -0.88
C GLN A 51 0.24 -12.52 -1.66
N ILE A 52 1.54 -12.37 -1.44
CA ILE A 52 2.32 -11.34 -2.11
C ILE A 52 3.16 -11.95 -3.24
N MET A 53 3.42 -11.14 -4.27
CA MET A 53 4.21 -11.59 -5.41
C MET A 53 5.61 -11.02 -5.35
N GLU A 54 5.72 -9.76 -4.94
CA GLU A 54 7.02 -9.09 -4.84
C GLU A 54 7.00 -8.04 -3.74
N ILE A 55 8.15 -7.83 -3.12
CA ILE A 55 8.27 -6.84 -2.06
C ILE A 55 9.55 -6.01 -2.20
N ARG A 56 9.40 -4.69 -2.25
CA ARG A 56 10.53 -3.79 -2.39
C ARG A 56 10.53 -2.74 -1.29
N VAL A 57 11.47 -2.85 -0.36
CA VAL A 57 11.57 -1.90 0.75
C VAL A 57 12.64 -0.84 0.46
N PHE A 58 12.27 0.42 0.65
CA PHE A 58 13.19 1.53 0.42
C PHE A 58 13.44 2.31 1.70
N PRO A 59 14.37 1.82 2.52
CA PRO A 59 14.73 2.45 3.79
C PRO A 59 15.46 3.78 3.60
N GLU A 60 15.70 4.12 2.34
CA GLU A 60 16.40 5.37 2.01
C GLU A 60 15.41 6.47 1.65
N LYS A 61 14.27 6.07 1.10
CA LYS A 61 13.24 7.03 0.72
C LYS A 61 12.11 7.06 1.74
N GLY A 62 11.86 5.92 2.37
CA GLY A 62 10.80 5.83 3.38
C GLY A 62 9.52 5.27 2.80
N TYR A 63 9.64 4.31 1.89
CA TYR A 63 8.47 3.70 1.27
C TYR A 63 8.77 2.27 0.82
N SER A 64 7.73 1.54 0.44
CA SER A 64 7.89 0.16 0.00
C SER A 64 6.84 -0.19 -1.06
N PHE A 65 7.10 -1.27 -1.80
CA PHE A 65 6.18 -1.71 -2.84
C PHE A 65 5.75 -3.16 -2.61
N VAL A 66 4.44 -3.38 -2.54
CA VAL A 66 3.90 -4.71 -2.32
C VAL A 66 2.82 -5.04 -3.35
N ARG A 67 3.17 -5.90 -4.31
CA ARG A 67 2.24 -6.30 -5.35
C ARG A 67 1.55 -7.61 -4.99
N PHE A 68 0.23 -7.61 -5.05
CA PHE A 68 -0.56 -8.79 -4.73
C PHE A 68 -0.96 -9.54 -5.99
N SER A 69 -1.37 -10.80 -5.82
CA SER A 69 -1.79 -11.63 -6.96
C SER A 69 -3.19 -11.25 -7.43
N THR A 70 -3.95 -10.60 -6.54
CA THR A 70 -5.31 -10.19 -6.86
C THR A 70 -5.53 -8.73 -6.52
N HIS A 71 -6.65 -8.17 -6.98
CA HIS A 71 -6.99 -6.77 -6.71
C HIS A 71 -7.69 -6.63 -5.37
N GLU A 72 -8.53 -7.61 -5.05
CA GLU A 72 -9.28 -7.59 -3.79
C GLU A 72 -8.33 -7.63 -2.60
N SER A 73 -7.48 -8.66 -2.56
CA SER A 73 -6.52 -8.83 -1.47
C SER A 73 -5.87 -7.50 -1.13
N ALA A 74 -5.26 -6.86 -2.13
CA ALA A 74 -4.59 -5.59 -1.93
C ALA A 74 -5.54 -4.56 -1.33
N ALA A 75 -6.72 -4.43 -1.92
CA ALA A 75 -7.71 -3.48 -1.44
C ALA A 75 -8.01 -3.70 0.04
N HIS A 76 -7.99 -4.96 0.46
CA HIS A 76 -8.25 -5.31 1.85
C HIS A 76 -7.13 -4.82 2.75
N ALA A 77 -5.89 -4.96 2.29
CA ALA A 77 -4.73 -4.54 3.06
C ALA A 77 -4.57 -3.03 3.03
N ILE A 78 -5.01 -2.42 1.92
CA ILE A 78 -4.90 -0.97 1.77
C ILE A 78 -5.90 -0.25 2.65
N VAL A 79 -7.19 -0.60 2.51
CA VAL A 79 -8.24 0.02 3.31
C VAL A 79 -7.91 -0.06 4.80
N SER A 80 -7.34 -1.18 5.22
CA SER A 80 -6.99 -1.37 6.62
C SER A 80 -5.70 -0.63 6.96
N VAL A 81 -4.58 -1.09 6.40
CA VAL A 81 -3.29 -0.47 6.65
C VAL A 81 -3.36 1.04 6.44
N ASN A 82 -4.29 1.48 5.60
CA ASN A 82 -4.45 2.90 5.32
C ASN A 82 -4.81 3.67 6.59
N GLY A 83 -3.81 4.24 7.24
CA GLY A 83 -4.03 5.00 8.46
C GLY A 83 -3.62 4.23 9.69
N THR A 84 -2.74 3.25 9.52
CA THR A 84 -2.26 2.44 10.63
C THR A 84 -0.88 2.90 11.08
N THR A 85 -0.51 2.54 12.31
CA THR A 85 0.78 2.91 12.87
C THR A 85 1.64 1.67 13.14
N ILE A 86 2.77 1.58 12.46
CA ILE A 86 3.68 0.45 12.62
C ILE A 86 5.00 0.90 13.24
N GLU A 87 5.25 0.46 14.46
CA GLU A 87 6.48 0.81 15.16
C GLU A 87 6.54 2.31 15.43
N GLY A 88 5.38 2.91 15.67
CA GLY A 88 5.33 4.33 15.94
C GLY A 88 5.44 5.17 14.68
N HIS A 89 5.25 4.52 13.53
CA HIS A 89 5.34 5.21 12.25
C HIS A 89 4.05 5.04 11.45
N VAL A 90 3.45 6.16 11.06
CA VAL A 90 2.22 6.13 10.29
C VAL A 90 2.46 5.64 8.87
N VAL A 91 1.97 4.43 8.58
CA VAL A 91 2.14 3.85 7.25
C VAL A 91 1.07 4.35 6.29
N LYS A 92 1.43 4.43 5.00
CA LYS A 92 0.51 4.90 3.98
C LYS A 92 0.32 3.85 2.89
N CYS A 93 -0.89 3.30 2.81
CA CYS A 93 -1.19 2.28 1.82
C CYS A 93 -1.90 2.89 0.61
N TYR A 94 -1.28 2.79 -0.55
CA TYR A 94 -1.84 3.34 -1.78
C TYR A 94 -1.76 2.33 -2.92
N TRP A 95 -2.21 2.74 -4.10
CA TRP A 95 -2.18 1.88 -5.27
C TRP A 95 -0.92 2.12 -6.09
N GLY A 96 0.16 1.42 -5.73
CA GLY A 96 1.41 1.58 -6.45
C GLY A 96 1.71 3.02 -6.78
N LYS A 97 1.96 3.29 -8.06
CA LYS A 97 2.26 4.64 -8.53
C LYS A 97 2.30 4.70 -10.04
N GLU A 98 2.01 5.89 -10.59
CA GLU A 98 2.02 6.08 -12.04
C GLU A 98 0.94 5.24 -12.70
N SER A 99 -0.19 5.06 -12.01
CA SER A 99 -1.30 4.27 -12.52
C SER A 99 -1.41 4.44 -14.04
N PRO A 100 -1.79 3.34 -14.71
CA PRO A 100 -1.95 3.34 -16.17
C PRO A 100 -3.16 4.14 -16.63
N ASP A 101 -3.32 4.27 -17.94
CA ASP A 101 -4.43 5.02 -18.51
C ASP A 101 -5.65 4.12 -18.72
N MET A 102 -6.81 4.74 -18.88
CA MET A 102 -8.04 3.98 -19.09
C MET A 102 -7.96 3.14 -20.37
N THR A 103 -8.77 2.09 -20.43
CA THR A 103 -8.78 1.21 -21.59
C THR A 103 -10.07 0.40 -21.65
N SER A 104 -10.67 0.32 -22.83
CA SER A 104 -11.90 -0.42 -23.02
C SER A 104 -11.65 -1.93 -22.95
N GLY A 105 -12.61 -2.67 -22.42
CA GLY A 105 -12.47 -4.11 -22.31
C GLY A 105 -13.62 -4.75 -21.56
N PRO A 106 -14.70 -5.07 -22.30
CA PRO A 106 -15.89 -5.69 -21.72
C PRO A 106 -15.64 -7.13 -21.29
N SER A 107 -16.58 -7.68 -20.52
CA SER A 107 -16.46 -9.06 -20.04
C SER A 107 -15.99 -9.99 -21.15
N SER A 108 -15.22 -11.00 -20.78
CA SER A 108 -14.69 -11.96 -21.75
C SER A 108 -13.62 -11.32 -22.62
N GLY A 109 -12.78 -12.16 -23.22
CA GLY A 109 -11.72 -11.66 -24.09
C GLY A 109 -10.34 -11.98 -23.54
N GLY A 1 -1.96 10.62 32.53
CA GLY A 1 -1.86 11.16 31.18
C GLY A 1 -1.36 12.59 31.15
N SER A 2 -1.39 13.20 29.98
CA SER A 2 -0.93 14.58 29.81
C SER A 2 -1.29 15.11 28.44
N SER A 3 -2.17 16.12 28.40
CA SER A 3 -2.59 16.72 27.15
C SER A 3 -3.25 15.67 26.24
N GLY A 4 -4.12 16.14 25.36
CA GLY A 4 -4.80 15.23 24.45
C GLY A 4 -3.89 14.72 23.35
N SER A 5 -4.40 13.80 22.54
CA SER A 5 -3.63 13.22 21.45
C SER A 5 -4.53 12.42 20.51
N SER A 6 -4.55 12.84 19.24
CA SER A 6 -5.37 12.17 18.23
C SER A 6 -6.85 12.42 18.50
N GLY A 7 -7.67 12.25 17.46
CA GLY A 7 -9.10 12.45 17.60
C GLY A 7 -9.79 12.66 16.26
N ASN A 8 -9.37 11.90 15.26
CA ASN A 8 -9.95 12.01 13.92
C ASN A 8 -9.83 10.69 13.17
N THR A 9 -10.80 10.41 12.32
CA THR A 9 -10.82 9.18 11.54
C THR A 9 -10.49 9.45 10.07
N LYS A 10 -10.16 8.39 9.34
CA LYS A 10 -9.83 8.52 7.92
C LYS A 10 -9.71 7.14 7.27
N GLN A 11 -10.83 6.60 6.82
CA GLN A 11 -10.84 5.29 6.18
C GLN A 11 -11.40 5.38 4.76
N LEU A 12 -11.04 4.42 3.92
CA LEU A 12 -11.50 4.39 2.54
C LEU A 12 -12.49 3.26 2.31
N ARG A 13 -13.51 3.52 1.50
CA ARG A 13 -14.52 2.52 1.20
C ARG A 13 -13.97 1.44 0.28
N PHE A 14 -14.06 0.19 0.70
CA PHE A 14 -13.57 -0.94 -0.09
C PHE A 14 -14.09 -0.85 -1.52
N GLU A 15 -15.37 -0.50 -1.66
CA GLU A 15 -15.99 -0.39 -2.97
C GLU A 15 -15.31 0.70 -3.81
N ASP A 16 -14.77 1.70 -3.13
CA ASP A 16 -14.09 2.80 -3.81
C ASP A 16 -12.63 2.44 -4.09
N VAL A 17 -12.01 1.71 -3.17
CA VAL A 17 -10.63 1.30 -3.32
C VAL A 17 -10.46 0.27 -4.43
N VAL A 18 -11.40 -0.66 -4.50
CA VAL A 18 -11.36 -1.71 -5.52
C VAL A 18 -11.86 -1.17 -6.86
N ASN A 19 -11.29 -0.07 -7.31
CA ASN A 19 -11.68 0.54 -8.57
C ASN A 19 -10.77 1.72 -8.92
N GLN A 20 -10.31 2.43 -7.89
CA GLN A 20 -9.42 3.57 -8.08
C GLN A 20 -8.39 3.29 -9.17
N SER A 21 -7.80 2.10 -9.12
CA SER A 21 -6.78 1.71 -10.09
C SER A 21 -7.31 0.59 -11.00
N SER A 22 -6.50 0.21 -11.98
CA SER A 22 -6.88 -0.84 -12.92
C SER A 22 -6.99 -2.19 -12.20
N PRO A 23 -7.88 -3.04 -12.70
CA PRO A 23 -8.11 -4.38 -12.13
C PRO A 23 -6.93 -5.32 -12.36
N LYS A 24 -6.31 -5.20 -13.53
CA LYS A 24 -5.16 -6.03 -13.87
C LYS A 24 -3.89 -5.53 -13.19
N ASN A 25 -3.99 -4.35 -12.58
CA ASN A 25 -2.85 -3.75 -11.89
C ASN A 25 -3.13 -3.62 -10.40
N CYS A 26 -2.68 -4.60 -9.62
CA CYS A 26 -2.87 -4.59 -8.18
C CYS A 26 -1.56 -4.32 -7.46
N THR A 27 -1.40 -3.10 -6.97
CA THR A 27 -0.18 -2.72 -6.26
C THR A 27 -0.51 -2.02 -4.94
N VAL A 28 0.40 -2.12 -3.98
CA VAL A 28 0.20 -1.51 -2.68
C VAL A 28 1.43 -0.71 -2.26
N TYR A 29 1.31 0.61 -2.28
CA TYR A 29 2.41 1.49 -1.90
C TYR A 29 2.35 1.83 -0.41
N CYS A 30 3.39 1.40 0.32
CA CYS A 30 3.45 1.66 1.75
C CYS A 30 4.46 2.77 2.06
N GLY A 31 3.95 3.89 2.54
CA GLY A 31 4.82 5.01 2.87
C GLY A 31 4.69 5.45 4.32
N GLY A 32 5.81 5.57 5.00
CA GLY A 32 5.79 5.99 6.40
C GLY A 32 7.03 5.55 7.14
N ILE A 33 7.33 4.25 7.10
CA ILE A 33 8.49 3.70 7.79
C ILE A 33 9.77 4.34 7.28
N ALA A 34 10.76 4.48 8.16
CA ALA A 34 12.04 5.07 7.79
C ALA A 34 13.19 4.35 8.47
N SER A 35 13.07 4.15 9.78
CA SER A 35 14.11 3.46 10.55
C SER A 35 13.66 2.05 10.94
N GLY A 36 12.67 1.53 10.23
CA GLY A 36 12.17 0.20 10.51
C GLY A 36 11.56 -0.45 9.29
N LEU A 37 12.15 -0.22 8.12
CA LEU A 37 11.66 -0.80 6.88
C LEU A 37 12.44 -2.05 6.52
N THR A 38 11.79 -3.21 6.64
CA THR A 38 12.41 -4.48 6.34
C THR A 38 11.45 -5.41 5.61
N ASP A 39 11.96 -6.14 4.63
CA ASP A 39 11.14 -7.07 3.85
C ASP A 39 10.30 -7.95 4.77
N GLN A 40 10.94 -8.52 5.78
CA GLN A 40 10.25 -9.39 6.72
C GLN A 40 9.04 -8.68 7.34
N LEU A 41 9.16 -7.37 7.52
CA LEU A 41 8.09 -6.57 8.08
C LEU A 41 6.88 -6.53 7.14
N MET A 42 7.10 -5.98 5.95
CA MET A 42 6.03 -5.89 4.96
C MET A 42 5.48 -7.27 4.62
N ARG A 43 6.36 -8.25 4.56
CA ARG A 43 5.96 -9.62 4.25
C ARG A 43 5.04 -10.19 5.33
N GLN A 44 5.45 -10.02 6.59
CA GLN A 44 4.67 -10.51 7.72
C GLN A 44 3.37 -9.73 7.86
N THR A 45 3.45 -8.42 7.62
CA THR A 45 2.28 -7.56 7.74
C THR A 45 1.25 -7.87 6.66
N PHE A 46 1.71 -7.94 5.41
CA PHE A 46 0.84 -8.24 4.28
C PHE A 46 0.65 -9.75 4.12
N SER A 47 1.52 -10.51 4.77
CA SER A 47 1.47 -11.97 4.69
C SER A 47 0.02 -12.46 4.76
N PRO A 48 -0.66 -12.16 5.86
CA PRO A 48 -2.05 -12.55 6.07
C PRO A 48 -3.02 -11.80 5.16
N PHE A 49 -2.88 -10.48 5.14
CA PHE A 49 -3.73 -9.63 4.31
C PHE A 49 -3.99 -10.30 2.95
N GLY A 50 -3.02 -11.08 2.48
CA GLY A 50 -3.16 -11.75 1.21
C GLY A 50 -1.83 -12.21 0.65
N GLN A 51 -1.88 -12.93 -0.47
CA GLN A 51 -0.67 -13.43 -1.10
C GLN A 51 0.15 -12.29 -1.70
N ILE A 52 1.47 -12.38 -1.56
CA ILE A 52 2.37 -11.36 -2.09
C ILE A 52 3.28 -11.92 -3.17
N MET A 53 3.36 -11.21 -4.30
CA MET A 53 4.21 -11.65 -5.41
C MET A 53 5.63 -11.16 -5.24
N GLU A 54 5.78 -9.85 -5.02
CA GLU A 54 7.10 -9.25 -4.83
C GLU A 54 7.05 -8.14 -3.79
N ILE A 55 8.19 -7.89 -3.15
CA ILE A 55 8.28 -6.86 -2.13
C ILE A 55 9.55 -6.03 -2.29
N ARG A 56 9.39 -4.71 -2.33
CA ARG A 56 10.53 -3.81 -2.48
C ARG A 56 10.51 -2.72 -1.41
N VAL A 57 11.40 -2.86 -0.43
CA VAL A 57 11.48 -1.89 0.66
C VAL A 57 12.56 -0.84 0.38
N PHE A 58 12.23 0.43 0.62
CA PHE A 58 13.17 1.51 0.41
C PHE A 58 13.35 2.35 1.67
N PRO A 59 14.24 1.87 2.56
CA PRO A 59 14.52 2.56 3.82
C PRO A 59 15.27 3.87 3.62
N GLU A 60 15.67 4.14 2.38
CA GLU A 60 16.40 5.35 2.05
C GLU A 60 15.44 6.46 1.64
N LYS A 61 14.22 6.08 1.27
CA LYS A 61 13.21 7.04 0.84
C LYS A 61 12.06 7.09 1.85
N GLY A 62 11.75 5.96 2.45
CA GLY A 62 10.67 5.90 3.42
C GLY A 62 9.40 5.34 2.84
N TYR A 63 9.53 4.39 1.93
CA TYR A 63 8.38 3.77 1.29
C TYR A 63 8.69 2.33 0.87
N SER A 64 7.65 1.58 0.52
CA SER A 64 7.82 0.19 0.11
C SER A 64 6.84 -0.16 -1.01
N PHE A 65 7.07 -1.29 -1.66
CA PHE A 65 6.21 -1.74 -2.74
C PHE A 65 5.76 -3.18 -2.53
N VAL A 66 4.45 -3.40 -2.60
CA VAL A 66 3.88 -4.73 -2.41
C VAL A 66 2.84 -5.05 -3.48
N ARG A 67 3.15 -6.01 -4.33
CA ARG A 67 2.23 -6.41 -5.40
C ARG A 67 1.53 -7.72 -5.05
N PHE A 68 0.20 -7.68 -5.07
CA PHE A 68 -0.60 -8.87 -4.76
C PHE A 68 -1.05 -9.57 -6.04
N SER A 69 -1.63 -10.76 -5.87
CA SER A 69 -2.10 -11.54 -7.01
C SER A 69 -3.62 -11.42 -7.15
N THR A 70 -4.24 -10.65 -6.28
CA THR A 70 -5.68 -10.45 -6.30
C THR A 70 -6.04 -9.02 -5.93
N HIS A 71 -6.60 -8.29 -6.89
CA HIS A 71 -7.00 -6.90 -6.66
C HIS A 71 -7.68 -6.75 -5.31
N GLU A 72 -8.33 -7.81 -4.85
CA GLU A 72 -9.02 -7.80 -3.58
C GLU A 72 -8.03 -7.68 -2.42
N SER A 73 -7.11 -8.63 -2.34
CA SER A 73 -6.11 -8.64 -1.28
C SER A 73 -5.55 -7.24 -1.04
N ALA A 74 -4.96 -6.66 -2.09
CA ALA A 74 -4.39 -5.32 -2.00
C ALA A 74 -5.39 -4.34 -1.41
N ALA A 75 -6.61 -4.35 -1.93
CA ALA A 75 -7.66 -3.47 -1.45
C ALA A 75 -7.89 -3.64 0.06
N HIS A 76 -7.99 -4.89 0.48
CA HIS A 76 -8.20 -5.19 1.89
C HIS A 76 -7.07 -4.64 2.75
N ALA A 77 -5.83 -4.88 2.32
CA ALA A 77 -4.67 -4.40 3.05
C ALA A 77 -4.61 -2.87 3.06
N ILE A 78 -5.06 -2.26 1.97
CA ILE A 78 -5.07 -0.81 1.85
C ILE A 78 -6.13 -0.18 2.75
N VAL A 79 -7.39 -0.47 2.45
CA VAL A 79 -8.50 0.05 3.24
C VAL A 79 -8.22 -0.06 4.73
N SER A 80 -7.45 -1.09 5.11
CA SER A 80 -7.11 -1.31 6.50
C SER A 80 -5.84 -0.55 6.88
N VAL A 81 -4.71 -1.01 6.38
CA VAL A 81 -3.42 -0.38 6.65
C VAL A 81 -3.52 1.13 6.54
N ASN A 82 -4.10 1.61 5.44
CA ASN A 82 -4.26 3.04 5.21
C ASN A 82 -4.77 3.74 6.47
N GLY A 83 -3.84 4.20 7.29
CA GLY A 83 -4.21 4.88 8.52
C GLY A 83 -3.76 4.13 9.76
N THR A 84 -2.84 3.19 9.59
CA THR A 84 -2.34 2.39 10.69
C THR A 84 -0.95 2.86 11.11
N THR A 85 -0.52 2.43 12.30
CA THR A 85 0.79 2.80 12.82
C THR A 85 1.67 1.57 13.01
N ILE A 86 2.78 1.53 12.27
CA ILE A 86 3.71 0.41 12.37
C ILE A 86 5.03 0.83 13.00
N GLU A 87 5.39 0.18 14.10
CA GLU A 87 6.63 0.49 14.80
C GLU A 87 6.67 1.96 15.21
N GLY A 88 5.49 2.56 15.39
CA GLY A 88 5.41 3.95 15.77
C GLY A 88 5.49 4.89 14.59
N HIS A 89 5.34 4.33 13.39
CA HIS A 89 5.40 5.12 12.17
C HIS A 89 4.13 4.96 11.35
N VAL A 90 3.43 6.06 11.09
CA VAL A 90 2.20 6.03 10.32
C VAL A 90 2.46 5.62 8.88
N VAL A 91 2.00 4.43 8.50
CA VAL A 91 2.18 3.93 7.15
C VAL A 91 1.08 4.44 6.23
N LYS A 92 1.40 4.57 4.94
CA LYS A 92 0.45 5.03 3.96
C LYS A 92 0.28 4.01 2.83
N CYS A 93 -0.91 3.42 2.75
CA CYS A 93 -1.20 2.42 1.73
C CYS A 93 -1.91 3.06 0.54
N TYR A 94 -1.31 2.94 -0.63
CA TYR A 94 -1.88 3.50 -1.86
C TYR A 94 -1.81 2.51 -3.00
N TRP A 95 -2.27 2.93 -4.18
CA TRP A 95 -2.26 2.07 -5.35
C TRP A 95 -1.00 2.29 -6.18
N GLY A 96 0.04 1.53 -5.88
CA GLY A 96 1.29 1.65 -6.61
C GLY A 96 1.07 1.99 -8.07
N LYS A 97 1.11 3.28 -8.40
CA LYS A 97 0.92 3.72 -9.77
C LYS A 97 1.21 5.22 -9.90
N GLU A 98 1.80 5.61 -11.02
CA GLU A 98 2.14 7.01 -11.26
C GLU A 98 1.48 7.50 -12.54
N SER A 99 1.72 6.79 -13.64
CA SER A 99 1.15 7.15 -14.93
C SER A 99 1.24 5.99 -15.92
N PRO A 100 0.12 5.73 -16.63
CA PRO A 100 0.06 4.65 -17.61
C PRO A 100 0.90 4.94 -18.86
N ASP A 101 1.84 4.05 -19.13
CA ASP A 101 2.71 4.21 -20.30
C ASP A 101 1.90 4.54 -21.54
N MET A 102 1.01 3.63 -21.92
CA MET A 102 0.16 3.83 -23.10
C MET A 102 -1.20 3.16 -22.91
N THR A 103 -2.17 3.94 -22.47
CA THR A 103 -3.52 3.43 -22.24
C THR A 103 -4.01 2.63 -23.44
N SER A 104 -4.56 1.45 -23.17
CA SER A 104 -5.07 0.58 -24.24
C SER A 104 -6.08 -0.41 -23.69
N GLY A 105 -7.03 -0.81 -24.54
CA GLY A 105 -8.05 -1.76 -24.14
C GLY A 105 -7.79 -3.15 -24.64
N PRO A 106 -8.16 -4.17 -23.84
CA PRO A 106 -7.98 -5.57 -24.19
C PRO A 106 -8.88 -6.01 -25.34
N SER A 107 -8.71 -7.24 -25.79
CA SER A 107 -9.51 -7.79 -26.88
C SER A 107 -9.26 -9.28 -27.05
N SER A 108 -10.31 -10.07 -26.82
CA SER A 108 -10.21 -11.52 -26.94
C SER A 108 -10.66 -11.99 -28.32
N GLY A 109 -10.15 -13.13 -28.75
CA GLY A 109 -10.52 -13.66 -30.05
C GLY A 109 -11.98 -14.06 -30.13
N GLY A 1 8.10 4.47 19.32
CA GLY A 1 6.66 4.47 19.54
C GLY A 1 6.12 5.84 19.86
N SER A 2 4.93 5.89 20.46
CA SER A 2 4.30 7.15 20.82
C SER A 2 4.13 8.04 19.59
N SER A 3 3.40 9.14 19.76
CA SER A 3 3.15 10.06 18.66
C SER A 3 2.53 11.36 19.18
N GLY A 4 2.51 12.38 18.32
CA GLY A 4 1.94 13.66 18.70
C GLY A 4 1.07 14.25 17.62
N SER A 5 -0.23 13.96 17.67
CA SER A 5 -1.17 14.47 16.67
C SER A 5 -2.61 14.11 17.05
N SER A 6 -3.35 15.10 17.54
CA SER A 6 -4.74 14.89 17.94
C SER A 6 -5.65 14.86 16.72
N GLY A 7 -6.51 13.85 16.65
CA GLY A 7 -7.43 13.74 15.53
C GLY A 7 -6.88 12.90 14.41
N ASN A 8 -7.52 11.76 14.15
CA ASN A 8 -7.08 10.86 13.09
C ASN A 8 -8.23 9.99 12.61
N THR A 9 -9.07 10.55 11.75
CA THR A 9 -10.21 9.82 11.20
C THR A 9 -10.29 9.95 9.69
N LYS A 10 -10.00 8.86 8.99
CA LYS A 10 -10.03 8.85 7.54
C LYS A 10 -9.87 7.43 6.99
N GLN A 11 -10.96 6.85 6.54
CA GLN A 11 -10.93 5.49 5.99
C GLN A 11 -11.37 5.48 4.54
N LEU A 12 -10.83 4.54 3.78
CA LEU A 12 -11.16 4.42 2.35
C LEU A 12 -12.10 3.25 2.11
N ARG A 13 -13.19 3.52 1.40
CA ARG A 13 -14.18 2.48 1.10
C ARG A 13 -13.57 1.40 0.21
N PHE A 14 -13.57 0.17 0.70
CA PHE A 14 -13.02 -0.95 -0.05
C PHE A 14 -13.58 -0.99 -1.46
N GLU A 15 -14.88 -0.73 -1.59
CA GLU A 15 -15.54 -0.74 -2.89
C GLU A 15 -14.90 0.29 -3.83
N ASP A 16 -14.61 1.46 -3.28
CA ASP A 16 -14.00 2.53 -4.07
C ASP A 16 -12.53 2.25 -4.32
N VAL A 17 -11.88 1.58 -3.37
CA VAL A 17 -10.47 1.24 -3.49
C VAL A 17 -10.25 0.14 -4.53
N VAL A 18 -11.18 -0.81 -4.58
CA VAL A 18 -11.10 -1.91 -5.53
C VAL A 18 -11.57 -1.48 -6.92
N ASN A 19 -11.14 -0.29 -7.34
CA ASN A 19 -11.52 0.24 -8.64
C ASN A 19 -10.85 1.58 -8.90
N GLN A 20 -10.60 2.34 -7.83
CA GLN A 20 -9.96 3.64 -7.95
C GLN A 20 -8.93 3.64 -9.07
N SER A 21 -7.96 2.72 -8.98
CA SER A 21 -6.92 2.62 -9.98
C SER A 21 -7.34 1.71 -11.13
N SER A 22 -7.22 0.41 -10.92
CA SER A 22 -7.59 -0.57 -11.94
C SER A 22 -7.56 -1.98 -11.37
N PRO A 23 -8.50 -2.82 -11.82
CA PRO A 23 -8.61 -4.22 -11.38
C PRO A 23 -7.45 -5.07 -11.87
N LYS A 24 -6.98 -4.78 -13.08
CA LYS A 24 -5.88 -5.52 -13.67
C LYS A 24 -4.59 -5.33 -12.87
N ASN A 25 -4.21 -4.07 -12.67
CA ASN A 25 -3.01 -3.75 -11.92
C ASN A 25 -3.30 -3.66 -10.42
N CYS A 26 -2.69 -4.55 -9.65
CA CYS A 26 -2.89 -4.57 -8.20
C CYS A 26 -1.57 -4.34 -7.47
N THR A 27 -1.38 -3.13 -6.96
CA THR A 27 -0.17 -2.78 -6.25
C THR A 27 -0.49 -2.11 -4.91
N VAL A 28 0.45 -2.18 -3.97
CA VAL A 28 0.27 -1.58 -2.66
C VAL A 28 1.50 -0.80 -2.23
N TYR A 29 1.39 0.52 -2.25
CA TYR A 29 2.49 1.39 -1.86
C TYR A 29 2.44 1.72 -0.37
N CYS A 30 3.46 1.30 0.37
CA CYS A 30 3.53 1.55 1.80
C CYS A 30 4.54 2.65 2.11
N GLY A 31 4.03 3.79 2.59
CA GLY A 31 4.90 4.90 2.90
C GLY A 31 4.75 5.35 4.35
N GLY A 32 5.88 5.61 5.00
CA GLY A 32 5.85 6.04 6.39
C GLY A 32 7.07 5.60 7.16
N ILE A 33 7.34 4.30 7.16
CA ILE A 33 8.48 3.75 7.87
C ILE A 33 9.78 4.34 7.34
N ALA A 34 10.72 4.61 8.25
CA ALA A 34 12.00 5.17 7.87
C ALA A 34 13.15 4.49 8.63
N SER A 35 12.92 4.21 9.91
CA SER A 35 13.92 3.56 10.74
C SER A 35 13.48 2.15 11.12
N GLY A 36 12.61 1.57 10.31
CA GLY A 36 12.12 0.22 10.57
C GLY A 36 11.52 -0.43 9.34
N LEU A 37 12.13 -0.19 8.19
CA LEU A 37 11.65 -0.77 6.94
C LEU A 37 12.44 -2.00 6.56
N THR A 38 11.84 -3.17 6.73
CA THR A 38 12.49 -4.43 6.41
C THR A 38 11.55 -5.36 5.64
N ASP A 39 12.06 -5.97 4.57
CA ASP A 39 11.26 -6.88 3.76
C ASP A 39 10.43 -7.81 4.64
N GLN A 40 11.01 -8.20 5.77
CA GLN A 40 10.34 -9.10 6.70
C GLN A 40 9.07 -8.46 7.26
N LEU A 41 9.18 -7.19 7.63
CA LEU A 41 8.04 -6.46 8.18
C LEU A 41 6.88 -6.44 7.20
N MET A 42 7.11 -5.85 6.03
CA MET A 42 6.08 -5.77 5.00
C MET A 42 5.55 -7.15 4.64
N ARG A 43 6.46 -8.09 4.45
CA ARG A 43 6.09 -9.46 4.10
C ARG A 43 5.19 -10.06 5.18
N GLN A 44 5.58 -9.87 6.44
CA GLN A 44 4.80 -10.40 7.56
C GLN A 44 3.55 -9.55 7.81
N THR A 45 3.60 -8.30 7.35
CA THR A 45 2.47 -7.39 7.52
C THR A 45 1.36 -7.70 6.53
N PHE A 46 1.73 -7.90 5.27
CA PHE A 46 0.76 -8.20 4.22
C PHE A 46 0.52 -9.71 4.12
N SER A 47 1.41 -10.48 4.73
CA SER A 47 1.30 -11.94 4.70
C SER A 47 -0.15 -12.38 4.90
N PRO A 48 -0.75 -11.97 6.03
CA PRO A 48 -2.13 -12.31 6.36
C PRO A 48 -3.14 -11.59 5.46
N PHE A 49 -2.83 -10.34 5.14
CA PHE A 49 -3.72 -9.54 4.28
C PHE A 49 -3.91 -10.21 2.92
N GLY A 50 -3.00 -11.11 2.58
CA GLY A 50 -3.09 -11.81 1.31
C GLY A 50 -1.74 -12.32 0.83
N GLN A 51 -1.71 -12.82 -0.39
CA GLN A 51 -0.47 -13.34 -0.98
C GLN A 51 0.36 -12.22 -1.60
N ILE A 52 1.66 -12.27 -1.41
CA ILE A 52 2.56 -11.26 -1.94
C ILE A 52 3.50 -11.86 -2.99
N MET A 53 3.52 -11.25 -4.17
CA MET A 53 4.38 -11.71 -5.26
C MET A 53 5.80 -11.19 -5.09
N GLU A 54 5.93 -9.87 -4.99
CA GLU A 54 7.25 -9.25 -4.83
C GLU A 54 7.19 -8.13 -3.79
N ILE A 55 8.32 -7.89 -3.14
CA ILE A 55 8.41 -6.85 -2.11
C ILE A 55 9.66 -6.00 -2.30
N ARG A 56 9.49 -4.68 -2.23
CA ARG A 56 10.61 -3.76 -2.38
C ARG A 56 10.59 -2.69 -1.29
N VAL A 57 11.49 -2.83 -0.32
CA VAL A 57 11.57 -1.88 0.78
C VAL A 57 12.63 -0.82 0.51
N PHE A 58 12.25 0.45 0.68
CA PHE A 58 13.17 1.56 0.45
C PHE A 58 13.36 2.37 1.74
N PRO A 59 14.28 1.90 2.59
CA PRO A 59 14.58 2.57 3.87
C PRO A 59 15.31 3.89 3.66
N GLU A 60 15.59 4.23 2.41
CA GLU A 60 16.28 5.47 2.08
C GLU A 60 15.29 6.58 1.80
N LYS A 61 14.18 6.24 1.16
CA LYS A 61 13.14 7.21 0.83
C LYS A 61 12.01 7.17 1.84
N GLY A 62 11.76 5.99 2.40
CA GLY A 62 10.70 5.84 3.38
C GLY A 62 9.43 5.28 2.78
N TYR A 63 9.57 4.27 1.92
CA TYR A 63 8.42 3.65 1.26
C TYR A 63 8.74 2.22 0.85
N SER A 64 7.70 1.47 0.50
CA SER A 64 7.87 0.08 0.09
C SER A 64 6.87 -0.28 -1.00
N PHE A 65 7.16 -1.36 -1.73
CA PHE A 65 6.30 -1.82 -2.81
C PHE A 65 5.85 -3.26 -2.57
N VAL A 66 4.54 -3.49 -2.68
CA VAL A 66 3.99 -4.82 -2.48
C VAL A 66 2.87 -5.11 -3.47
N ARG A 67 3.09 -6.09 -4.33
CA ARG A 67 2.10 -6.47 -5.34
C ARG A 67 1.39 -7.77 -4.95
N PHE A 68 0.07 -7.77 -5.05
CA PHE A 68 -0.73 -8.94 -4.71
C PHE A 68 -1.19 -9.67 -5.97
N SER A 69 -1.42 -10.97 -5.84
CA SER A 69 -1.86 -11.79 -6.97
C SER A 69 -3.26 -11.38 -7.42
N THR A 70 -3.97 -10.68 -6.54
CA THR A 70 -5.32 -10.22 -6.85
C THR A 70 -5.53 -8.78 -6.39
N HIS A 71 -6.57 -8.14 -6.93
CA HIS A 71 -6.88 -6.76 -6.58
C HIS A 71 -7.68 -6.71 -5.28
N GLU A 72 -8.53 -7.70 -5.07
CA GLU A 72 -9.36 -7.77 -3.87
C GLU A 72 -8.49 -7.82 -2.61
N SER A 73 -7.47 -8.68 -2.65
CA SER A 73 -6.56 -8.84 -1.52
C SER A 73 -5.89 -7.52 -1.17
N ALA A 74 -5.43 -6.82 -2.20
CA ALA A 74 -4.76 -5.53 -2.00
C ALA A 74 -5.70 -4.52 -1.35
N ALA A 75 -6.85 -4.30 -1.98
CA ALA A 75 -7.84 -3.35 -1.45
C ALA A 75 -8.13 -3.63 0.01
N HIS A 76 -8.03 -4.91 0.40
CA HIS A 76 -8.30 -5.31 1.78
C HIS A 76 -7.22 -4.78 2.71
N ALA A 77 -5.96 -4.87 2.27
CA ALA A 77 -4.83 -4.40 3.07
C ALA A 77 -4.77 -2.88 3.10
N ILE A 78 -5.13 -2.25 1.98
CA ILE A 78 -5.12 -0.80 1.87
C ILE A 78 -6.18 -0.17 2.77
N VAL A 79 -7.44 -0.56 2.55
CA VAL A 79 -8.55 -0.05 3.34
C VAL A 79 -8.22 -0.08 4.83
N SER A 80 -7.44 -1.07 5.24
CA SER A 80 -7.06 -1.20 6.64
C SER A 80 -5.74 -0.50 6.93
N VAL A 81 -4.65 -1.07 6.43
CA VAL A 81 -3.32 -0.49 6.62
C VAL A 81 -3.36 1.02 6.46
N ASN A 82 -4.19 1.49 5.53
CA ASN A 82 -4.32 2.92 5.27
C ASN A 82 -4.79 3.66 6.51
N GLY A 83 -3.83 4.15 7.29
CA GLY A 83 -4.16 4.88 8.51
C GLY A 83 -3.67 4.17 9.76
N THR A 84 -2.94 3.08 9.58
CA THR A 84 -2.41 2.31 10.70
C THR A 84 -1.05 2.85 11.13
N THR A 85 -0.54 2.33 12.24
CA THR A 85 0.75 2.75 12.76
C THR A 85 1.62 1.56 13.11
N ILE A 86 2.76 1.44 12.43
CA ILE A 86 3.68 0.33 12.67
C ILE A 86 4.99 0.83 13.27
N GLU A 87 5.36 0.26 14.42
CA GLU A 87 6.60 0.66 15.09
C GLU A 87 6.59 2.14 15.42
N GLY A 88 5.40 2.69 15.61
CA GLY A 88 5.28 4.11 15.93
C GLY A 88 5.38 4.99 14.70
N HIS A 89 5.32 4.36 13.52
CA HIS A 89 5.41 5.10 12.26
C HIS A 89 4.14 4.90 11.44
N VAL A 90 3.44 5.99 11.18
CA VAL A 90 2.21 5.94 10.40
C VAL A 90 2.49 5.52 8.96
N VAL A 91 1.95 4.37 8.57
CA VAL A 91 2.15 3.85 7.22
C VAL A 91 1.08 4.38 6.28
N LYS A 92 1.42 4.43 4.99
CA LYS A 92 0.50 4.93 3.97
C LYS A 92 0.32 3.91 2.85
N CYS A 93 -0.87 3.34 2.74
CA CYS A 93 -1.16 2.35 1.72
C CYS A 93 -1.85 3.01 0.52
N TYR A 94 -1.22 2.90 -0.65
CA TYR A 94 -1.77 3.49 -1.86
C TYR A 94 -1.73 2.48 -3.01
N TRP A 95 -2.19 2.91 -4.18
CA TRP A 95 -2.21 2.05 -5.36
C TRP A 95 -0.91 2.19 -6.15
N GLY A 96 0.13 1.49 -5.72
CA GLY A 96 1.41 1.55 -6.40
C GLY A 96 1.69 2.92 -6.99
N LYS A 97 1.61 3.03 -8.31
CA LYS A 97 1.86 4.30 -8.99
C LYS A 97 0.66 5.24 -8.84
N GLU A 98 0.91 6.53 -8.97
CA GLU A 98 -0.14 7.53 -8.86
C GLU A 98 -0.28 8.33 -10.14
N SER A 99 -0.34 7.62 -11.27
CA SER A 99 -0.46 8.27 -12.58
C SER A 99 -1.24 7.39 -13.55
N PRO A 100 -2.56 7.35 -13.39
CA PRO A 100 -3.45 6.55 -14.24
C PRO A 100 -3.54 7.10 -15.66
N ASP A 101 -3.74 8.40 -15.77
CA ASP A 101 -3.85 9.06 -17.08
C ASP A 101 -4.33 10.49 -16.92
N MET A 102 -3.63 11.42 -17.58
CA MET A 102 -3.98 12.84 -17.51
C MET A 102 -3.05 13.66 -18.40
N THR A 103 -2.77 13.16 -19.59
CA THR A 103 -1.90 13.86 -20.52
C THR A 103 -2.56 15.13 -21.06
N SER A 104 -1.82 16.23 -21.05
CA SER A 104 -2.34 17.51 -21.52
C SER A 104 -1.26 18.58 -21.48
N GLY A 105 -1.19 19.39 -22.53
CA GLY A 105 -0.21 20.45 -22.58
C GLY A 105 -0.38 21.34 -23.80
N PRO A 106 0.37 22.45 -23.84
CA PRO A 106 0.32 23.41 -24.96
C PRO A 106 0.94 22.84 -26.23
N SER A 107 0.09 22.40 -27.16
CA SER A 107 0.55 21.83 -28.41
C SER A 107 -0.01 22.60 -29.60
N SER A 108 -1.32 22.82 -29.58
CA SER A 108 -2.00 23.54 -30.65
C SER A 108 -1.66 25.02 -30.61
N GLY A 109 -2.12 25.76 -31.62
CA GLY A 109 -1.86 27.18 -31.67
C GLY A 109 -0.68 27.52 -32.56
#